data_5IOB
#
_entry.id   5IOB
#
_cell.length_a   308.075
_cell.length_b   91.355
_cell.length_c   120.018
_cell.angle_alpha   90.000
_cell.angle_beta   90.000
_cell.angle_gamma   90.000
#
_symmetry.space_group_name_H-M   'P 21 21 2'
#
loop_
_entity.id
_entity.type
_entity.pdbx_description
1 polymer 'Beta-glucosidase-related glycosidases'
2 non-polymer GLYCEROL
3 non-polymer '2-(N-MORPHOLINO)-ETHANESULFONIC ACID'
4 non-polymer 'SULFATE ION'
5 non-polymer 'CHLORIDE ION'
6 water water
#
_entity_poly.entity_id   1
_entity_poly.type   'polypeptide(L)'
_entity_poly.pdbx_seq_one_letter_code
;ISRLSTSPSTPPAPTAEDLARAQIPEQQRDQVASL(MSE)(MSE)VGVANYDQALDALNQGVGGIFIGSWTDENLLTEPG
RNIEALREAVGRDFSVSIDFEGGRVQRATNILGDFPSPRV(MSE)AQT(MSE)TPEQVEDLAEILGTGLAAHGVTVNFAP
VVDVDAWGLPVVGDRSFSNDPAVAATYATAFAKGLSKVGITPVFKHFPGHGRASGDSHTQDVVTPALDELKTYDLIPYGQ
ALSETDGAV(MSE)VGH(MSE)IVPGLGTDGVPSSIDPATYQLLRSGDYPGGVPFDGVIYTDDLSG(MSE)SAISATHSP
AEAVLASLKAGADQALWIDYGSLGSAIDRVDAAVSSGEYPQEQ(MSE)LASALRVQLLYI
;
_entity_poly.pdbx_strand_id   A,B,C,D,E,F,G,H
#
# COMPACT_ATOMS: atom_id res chain seq x y z
N PRO A 14 26.02 -49.61 59.01
CA PRO A 14 26.61 -49.54 57.68
C PRO A 14 26.18 -48.26 56.96
N THR A 15 27.07 -47.28 56.91
CA THR A 15 26.80 -46.00 56.27
C THR A 15 27.26 -46.00 54.82
N ALA A 16 26.86 -44.96 54.08
CA ALA A 16 27.35 -44.80 52.72
C ALA A 16 28.85 -44.61 52.69
N GLU A 17 29.36 -43.78 53.61
CA GLU A 17 30.80 -43.54 53.69
C GLU A 17 31.56 -44.79 54.12
N ASP A 18 30.95 -45.64 54.94
CA ASP A 18 31.60 -46.90 55.29
C ASP A 18 31.76 -47.80 54.07
N LEU A 19 30.72 -47.87 53.22
CA LEU A 19 30.80 -48.73 52.04
C LEU A 19 31.89 -48.24 51.09
N ALA A 20 32.01 -46.92 50.92
CA ALA A 20 33.05 -46.40 50.04
C ALA A 20 34.43 -46.59 50.64
N ARG A 21 34.58 -46.33 51.95
CA ARG A 21 35.87 -46.51 52.60
C ARG A 21 36.40 -47.93 52.41
N ALA A 22 35.50 -48.91 52.35
CA ALA A 22 35.90 -50.30 52.19
C ALA A 22 36.39 -50.60 50.78
N GLN A 23 35.96 -49.81 49.79
CA GLN A 23 36.36 -50.01 48.40
C GLN A 23 37.59 -49.21 48.01
N ILE A 24 38.21 -48.51 48.96
CA ILE A 24 39.47 -47.83 48.64
C ILE A 24 40.52 -48.88 48.31
N PRO A 25 41.33 -48.70 47.26
CA PRO A 25 42.25 -49.77 46.84
C PRO A 25 43.24 -50.13 47.93
N GLU A 26 43.80 -51.34 47.81
CA GLU A 26 44.66 -51.91 48.84
C GLU A 26 46.07 -51.34 48.78
N GLN A 27 46.72 -51.42 47.62
CA GLN A 27 48.08 -50.93 47.49
C GLN A 27 48.10 -49.41 47.36
N GLN A 28 49.17 -48.80 47.87
CA GLN A 28 49.29 -47.35 47.82
C GLN A 28 49.36 -46.85 46.38
N ARG A 29 49.97 -47.63 45.49
CA ARG A 29 50.08 -47.21 44.09
C ARG A 29 48.70 -47.11 43.44
N ASP A 30 47.82 -48.06 43.75
CA ASP A 30 46.46 -48.00 43.23
C ASP A 30 45.66 -46.88 43.89
N GLN A 31 45.98 -46.56 45.14
CA GLN A 31 45.28 -45.47 45.82
C GLN A 31 45.53 -44.14 45.11
N VAL A 32 46.80 -43.77 44.92
CA VAL A 32 47.06 -42.48 44.28
C VAL A 32 46.60 -42.50 42.83
N ALA A 33 46.73 -43.64 42.15
CA ALA A 33 46.28 -43.73 40.76
C ALA A 33 44.77 -43.54 40.65
N SER A 34 44.01 -43.96 41.67
CA SER A 34 42.58 -43.71 41.71
C SER A 34 42.24 -42.22 41.74
N LEU A 35 43.21 -41.37 42.10
CA LEU A 35 43.03 -39.93 42.12
C LEU A 35 43.36 -39.30 40.78
N VAL A 38 42.67 -39.73 32.96
CA VAL A 38 43.45 -39.43 31.75
C VAL A 38 42.55 -39.49 30.53
N GLY A 39 42.86 -38.65 29.55
CA GLY A 39 42.27 -38.80 28.23
C GLY A 39 42.78 -40.07 27.55
N VAL A 40 41.88 -40.71 26.80
CA VAL A 40 42.17 -41.98 26.15
C VAL A 40 41.90 -41.85 24.66
N ALA A 41 42.74 -42.51 23.86
CA ALA A 41 42.66 -42.38 22.42
C ALA A 41 41.83 -43.48 21.77
N ASN A 42 41.72 -44.63 22.41
CA ASN A 42 40.96 -45.76 21.86
C ASN A 42 40.81 -46.81 22.96
N TYR A 43 40.11 -47.90 22.62
CA TYR A 43 39.85 -48.96 23.59
C TYR A 43 41.15 -49.57 24.13
N ASP A 44 42.10 -49.86 23.25
CA ASP A 44 43.33 -50.50 23.71
C ASP A 44 44.10 -49.60 24.65
N GLN A 45 44.12 -48.29 24.36
CA GLN A 45 44.79 -47.38 25.28
C GLN A 45 44.02 -47.25 26.59
N ALA A 46 42.68 -47.23 26.52
CA ALA A 46 41.87 -47.09 27.73
C ALA A 46 42.03 -48.31 28.63
N LEU A 47 41.97 -49.51 28.05
CA LEU A 47 42.14 -50.73 28.84
C LEU A 47 43.53 -50.81 29.44
N ASP A 48 44.54 -50.30 28.72
CA ASP A 48 45.90 -50.28 29.25
C ASP A 48 46.03 -49.25 30.38
N ALA A 49 45.38 -48.10 30.22
CA ALA A 49 45.36 -47.12 31.30
C ALA A 49 44.68 -47.69 32.54
N LEU A 50 43.57 -48.40 32.34
CA LEU A 50 42.78 -48.87 33.47
C LEU A 50 43.47 -50.01 34.21
N ASN A 51 44.25 -50.82 33.52
CA ASN A 51 44.98 -51.88 34.20
C ASN A 51 46.23 -51.37 34.92
N GLN A 52 46.60 -50.10 34.71
CA GLN A 52 47.60 -49.44 35.54
C GLN A 52 47.00 -48.83 36.80
N GLY A 53 45.68 -48.94 36.98
CA GLY A 53 45.02 -48.46 38.19
C GLY A 53 44.43 -47.08 38.12
N VAL A 54 44.35 -46.47 36.93
CA VAL A 54 43.87 -45.10 36.86
C VAL A 54 42.41 -45.04 37.27
N GLY A 55 42.02 -43.91 37.90
CA GLY A 55 40.68 -43.82 38.45
C GLY A 55 39.59 -43.66 37.42
N GLY A 56 39.88 -43.01 36.30
CA GLY A 56 38.87 -42.83 35.27
C GLY A 56 39.50 -42.39 33.98
N ILE A 57 38.67 -42.36 32.93
CA ILE A 57 39.11 -42.00 31.60
C ILE A 57 38.24 -40.87 31.09
N PHE A 58 38.78 -40.13 30.12
CA PHE A 58 38.19 -38.88 29.63
C PHE A 58 38.01 -39.01 28.12
N ILE A 59 36.76 -38.99 27.66
CA ILE A 59 36.44 -39.14 26.24
C ILE A 59 36.37 -37.76 25.62
N GLY A 60 36.99 -37.60 24.45
CA GLY A 60 36.99 -36.30 23.81
C GLY A 60 37.24 -36.41 22.33
N SER A 61 37.49 -35.25 21.71
CA SER A 61 37.80 -35.22 20.28
C SER A 61 39.06 -36.00 19.95
N TRP A 62 39.93 -36.22 20.92
CA TRP A 62 41.12 -37.06 20.79
C TRP A 62 40.80 -38.55 20.83
N THR A 63 39.54 -38.95 20.96
CA THR A 63 39.17 -40.35 21.20
C THR A 63 38.55 -40.96 19.94
N ASP A 64 38.97 -42.18 19.63
CA ASP A 64 38.29 -43.01 18.64
C ASP A 64 36.80 -43.12 18.96
N GLU A 65 35.96 -42.68 18.02
CA GLU A 65 34.52 -42.72 18.23
C GLU A 65 34.03 -44.14 18.47
N ASN A 66 34.74 -45.15 17.96
CA ASN A 66 34.29 -46.53 18.13
C ASN A 66 34.26 -46.94 19.58
N LEU A 67 35.05 -46.29 20.44
CA LEU A 67 35.05 -46.59 21.86
C LEU A 67 33.67 -46.42 22.47
N LEU A 68 32.83 -45.58 21.87
CA LEU A 68 31.48 -45.37 22.38
C LEU A 68 30.46 -46.32 21.78
N THR A 69 30.77 -46.96 20.65
CA THR A 69 29.76 -47.63 19.85
C THR A 69 30.07 -49.09 19.50
N GLU A 70 31.34 -49.45 19.44
CA GLU A 70 31.71 -50.74 18.83
C GLU A 70 31.47 -51.88 19.82
N PRO A 71 30.58 -52.82 19.51
CA PRO A 71 30.32 -53.93 20.45
C PRO A 71 31.59 -54.72 20.71
N GLY A 72 31.81 -55.07 21.98
CA GLY A 72 33.02 -55.72 22.40
C GLY A 72 34.22 -54.81 22.56
N ARG A 73 34.11 -53.55 22.10
CA ARG A 73 35.20 -52.59 22.23
C ARG A 73 34.67 -51.23 22.67
N ASN A 74 33.61 -51.21 23.46
CA ASN A 74 33.01 -49.98 23.94
C ASN A 74 33.13 -49.93 25.47
N ILE A 75 32.45 -48.95 26.07
CA ILE A 75 32.62 -48.73 27.49
C ILE A 75 32.10 -49.92 28.28
N GLU A 76 30.93 -50.44 27.91
CA GLU A 76 30.40 -51.62 28.56
C GLU A 76 31.40 -52.77 28.56
N ALA A 77 32.14 -52.93 27.45
CA ALA A 77 33.18 -53.95 27.38
C ALA A 77 34.36 -53.61 28.27
N LEU A 78 34.68 -52.32 28.44
CA LEU A 78 35.68 -51.93 29.43
C LEU A 78 35.27 -52.35 30.83
N ARG A 79 34.01 -52.09 31.20
CA ARG A 79 33.57 -52.44 32.55
C ARG A 79 33.61 -53.94 32.79
N GLU A 80 33.49 -54.74 31.73
CA GLU A 80 33.60 -56.20 31.87
C GLU A 80 35.05 -56.65 32.00
N ALA A 81 35.98 -55.95 31.35
CA ALA A 81 37.38 -56.34 31.40
C ALA A 81 38.07 -55.87 32.67
N VAL A 82 37.56 -54.83 33.30
CA VAL A 82 38.13 -54.25 34.50
C VAL A 82 37.18 -54.56 35.66
N GLY A 83 37.73 -55.13 36.73
CA GLY A 83 36.87 -55.53 37.84
C GLY A 83 36.20 -54.37 38.55
N ARG A 84 36.96 -53.30 38.82
CA ARG A 84 36.53 -52.24 39.71
C ARG A 84 35.67 -51.22 38.98
N ASP A 85 35.01 -50.38 39.77
CA ASP A 85 34.28 -49.25 39.23
C ASP A 85 35.26 -48.15 38.84
N PHE A 86 34.91 -47.42 37.77
CA PHE A 86 35.72 -46.30 37.33
C PHE A 86 34.83 -45.28 36.65
N SER A 87 35.32 -44.07 36.57
CA SER A 87 34.53 -42.99 36.01
C SER A 87 34.83 -42.84 34.53
N VAL A 88 33.81 -42.40 33.78
CA VAL A 88 33.95 -42.08 32.37
C VAL A 88 33.45 -40.66 32.20
N SER A 89 34.36 -39.74 31.87
CA SER A 89 34.05 -38.33 31.72
C SER A 89 33.97 -37.93 30.26
N ILE A 90 33.24 -36.85 30.01
CA ILE A 90 33.09 -36.25 28.70
C ILE A 90 32.84 -34.76 28.93
N ASP A 91 33.08 -33.97 27.90
CA ASP A 91 32.80 -32.54 27.95
C ASP A 91 31.72 -32.28 26.89
N PHE A 92 30.48 -32.11 27.36
CA PHE A 92 29.28 -32.09 26.53
C PHE A 92 28.43 -30.95 27.07
N GLU A 93 28.62 -29.74 26.53
CA GLU A 93 28.11 -28.53 27.18
C GLU A 93 27.41 -27.55 26.27
N GLY A 94 27.55 -27.68 24.95
CA GLY A 94 26.99 -26.68 24.05
C GLY A 94 27.97 -25.55 23.77
N GLY A 95 28.00 -25.08 22.52
CA GLY A 95 28.77 -23.91 22.18
C GLY A 95 30.26 -24.11 22.04
N ARG A 96 30.76 -25.34 22.09
CA ARG A 96 32.20 -25.63 21.97
C ARG A 96 32.45 -26.52 20.75
N VAL A 97 33.52 -26.24 20.03
CA VAL A 97 33.81 -27.05 18.84
C VAL A 97 34.50 -28.35 19.19
N GLN A 98 35.08 -28.48 20.39
CA GLN A 98 35.87 -29.65 20.75
C GLN A 98 34.93 -30.76 21.23
N ARG A 99 34.26 -31.41 20.27
CA ARG A 99 33.26 -32.42 20.55
C ARG A 99 33.83 -33.83 20.38
N ALA A 100 33.49 -34.73 21.31
CA ALA A 100 33.97 -36.10 21.21
C ALA A 100 33.38 -36.80 19.99
N THR A 101 32.08 -36.62 19.77
CA THR A 101 31.37 -37.30 18.69
C THR A 101 30.19 -36.44 18.28
N ASN A 102 29.53 -36.84 17.20
CA ASN A 102 28.32 -36.15 16.76
C ASN A 102 27.07 -36.99 16.92
N ILE A 103 27.20 -38.29 17.24
CA ILE A 103 26.02 -39.13 17.31
C ILE A 103 25.15 -38.83 18.52
N LEU A 104 25.67 -38.13 19.52
CA LEU A 104 24.93 -37.88 20.76
C LEU A 104 24.16 -36.56 20.74
N GLY A 105 24.27 -35.78 19.67
CA GLY A 105 23.68 -34.47 19.65
C GLY A 105 24.56 -33.45 20.33
N ASP A 106 23.97 -32.31 20.67
CA ASP A 106 24.64 -31.32 21.49
C ASP A 106 23.61 -30.34 22.04
N PHE A 107 23.92 -29.78 23.20
CA PHE A 107 23.16 -28.65 23.72
C PHE A 107 23.33 -27.45 22.80
N PRO A 108 22.37 -26.52 22.79
CA PRO A 108 22.65 -25.19 22.26
C PRO A 108 23.68 -24.50 23.12
N SER A 109 24.19 -23.37 22.64
CA SER A 109 25.07 -22.59 23.48
C SER A 109 24.31 -22.15 24.73
N PRO A 110 25.00 -22.03 25.87
CA PRO A 110 24.32 -21.53 27.08
C PRO A 110 23.66 -20.19 26.89
N ARG A 111 24.20 -19.32 26.02
CA ARG A 111 23.53 -18.06 25.74
C ARG A 111 22.19 -18.30 25.07
N VAL A 112 22.18 -19.18 24.07
CA VAL A 112 20.93 -19.51 23.37
C VAL A 112 19.94 -20.16 24.32
N ALA A 114 19.63 -19.70 27.61
CA ALA A 114 19.05 -18.65 28.45
C ALA A 114 18.17 -17.71 27.65
N GLN A 115 18.55 -17.39 26.41
CA GLN A 115 17.78 -16.44 25.60
C GLN A 115 16.42 -16.98 25.22
N THR A 116 16.34 -18.27 24.85
CA THR A 116 15.19 -18.78 24.13
C THR A 116 14.38 -19.83 24.88
N THR A 118 12.99 -21.74 28.80
CA THR A 118 12.81 -21.57 30.24
C THR A 118 13.74 -22.52 30.98
N PRO A 119 14.04 -22.24 32.25
CA PRO A 119 14.87 -23.19 33.02
C PRO A 119 14.24 -24.58 33.09
N GLU A 120 12.92 -24.67 33.03
CA GLU A 120 12.28 -26.00 32.99
C GLU A 120 12.63 -26.73 31.70
N GLN A 121 12.71 -26.01 30.59
CA GLN A 121 13.11 -26.66 29.34
C GLN A 121 14.56 -27.09 29.37
N VAL A 122 15.44 -26.27 29.97
CA VAL A 122 16.85 -26.64 30.03
C VAL A 122 17.03 -27.89 30.88
N GLU A 123 16.34 -27.96 32.02
CA GLU A 123 16.42 -29.17 32.85
C GLU A 123 15.94 -30.40 32.07
N ASP A 124 14.77 -30.30 31.44
CA ASP A 124 14.28 -31.44 30.68
C ASP A 124 15.19 -31.77 29.51
N LEU A 125 15.79 -30.76 28.87
CA LEU A 125 16.74 -31.00 27.79
C LEU A 125 17.94 -31.80 28.27
N ALA A 126 18.50 -31.40 29.42
CA ALA A 126 19.66 -32.11 29.97
C ALA A 126 19.32 -33.53 30.37
N GLU A 127 18.11 -33.75 30.89
CA GLU A 127 17.66 -35.11 31.19
C GLU A 127 17.59 -35.96 29.93
N ILE A 128 17.11 -35.38 28.82
CA ILE A 128 16.94 -36.15 27.60
C ILE A 128 18.30 -36.42 26.95
N LEU A 129 19.10 -35.38 26.71
CA LEU A 129 20.41 -35.61 26.12
C LEU A 129 21.28 -36.46 27.03
N GLY A 130 21.17 -36.26 28.34
CA GLY A 130 21.91 -37.08 29.28
C GLY A 130 21.55 -38.56 29.20
N THR A 131 20.31 -38.88 28.81
CA THR A 131 19.94 -40.28 28.67
C THR A 131 20.80 -40.97 27.61
N GLY A 132 21.08 -40.27 26.51
CA GLY A 132 21.98 -40.83 25.51
C GLY A 132 23.39 -40.96 26.02
N LEU A 133 23.86 -39.97 26.77
CA LEU A 133 25.19 -40.05 27.37
C LEU A 133 25.28 -41.24 28.32
N ALA A 134 24.23 -41.45 29.12
CA ALA A 134 24.26 -42.55 30.07
C ALA A 134 24.25 -43.91 29.37
N ALA A 135 23.44 -44.06 28.32
CA ALA A 135 23.42 -45.33 27.62
C ALA A 135 24.71 -45.64 26.91
N HIS A 136 25.62 -44.68 26.75
CA HIS A 136 26.92 -44.96 26.16
C HIS A 136 28.04 -45.08 27.18
N GLY A 137 27.70 -45.11 28.47
CA GLY A 137 28.67 -45.37 29.50
C GLY A 137 29.26 -44.16 30.19
N VAL A 138 28.83 -42.95 29.84
CA VAL A 138 29.30 -41.75 30.51
C VAL A 138 28.78 -41.74 31.94
N THR A 139 29.63 -41.32 32.90
CA THR A 139 29.22 -41.08 34.27
C THR A 139 29.50 -39.67 34.77
N VAL A 140 30.38 -38.93 34.11
CA VAL A 140 30.72 -37.57 34.51
C VAL A 140 30.69 -36.68 33.28
N ASN A 141 30.10 -35.49 33.41
CA ASN A 141 30.05 -34.53 32.33
C ASN A 141 30.66 -33.23 32.83
N PHE A 142 31.74 -32.80 32.19
CA PHE A 142 32.37 -31.54 32.59
C PHE A 142 31.53 -30.38 32.05
N ALA A 143 30.39 -30.17 32.71
CA ALA A 143 29.43 -29.11 32.42
C ALA A 143 28.43 -29.01 33.56
N PRO A 144 27.84 -27.83 33.82
CA PRO A 144 27.90 -26.57 33.04
C PRO A 144 28.95 -25.55 33.47
N VAL A 145 29.38 -24.72 32.51
CA VAL A 145 30.04 -23.47 32.83
C VAL A 145 29.07 -22.61 33.63
N VAL A 146 29.55 -21.98 34.70
CA VAL A 146 28.72 -21.08 35.47
C VAL A 146 29.15 -19.63 35.33
N ASP A 147 30.05 -19.33 34.40
CA ASP A 147 30.43 -17.95 34.18
C ASP A 147 29.20 -17.12 33.79
N VAL A 148 29.10 -15.92 34.36
CA VAL A 148 27.89 -15.11 34.21
C VAL A 148 27.69 -14.72 32.76
N ASP A 149 28.77 -14.44 32.04
CA ASP A 149 28.62 -13.95 30.67
C ASP A 149 28.32 -15.06 29.68
N ALA A 150 28.69 -16.32 29.97
CA ALA A 150 28.32 -17.41 29.08
C ALA A 150 26.81 -17.56 28.98
N TRP A 151 26.07 -17.16 30.00
CA TRP A 151 24.62 -17.30 30.01
C TRP A 151 23.88 -16.01 29.63
N GLY A 152 24.60 -14.92 29.35
CA GLY A 152 23.99 -13.66 29.02
C GLY A 152 24.39 -13.17 27.64
N LEU A 153 23.88 -12.00 27.29
CA LEU A 153 24.20 -11.37 26.01
C LEU A 153 25.67 -10.94 26.01
N PRO A 154 26.23 -10.69 24.83
CA PRO A 154 27.63 -10.23 24.77
C PRO A 154 27.83 -8.91 25.50
N VAL A 155 29.07 -8.69 25.93
CA VAL A 155 29.40 -7.59 26.85
C VAL A 155 29.47 -6.28 26.08
N VAL A 156 28.83 -5.24 26.62
CA VAL A 156 28.84 -3.91 26.02
C VAL A 156 29.97 -3.06 26.61
N PHE A 161 29.08 -4.79 35.55
CA PHE A 161 28.02 -5.68 36.01
C PHE A 161 26.96 -5.87 34.93
N SER A 162 27.40 -6.21 33.71
CA SER A 162 26.54 -6.26 32.53
C SER A 162 25.39 -7.26 32.69
N ASN A 163 25.71 -8.54 32.74
CA ASN A 163 24.71 -9.59 32.85
C ASN A 163 24.41 -9.92 34.31
N ASP A 164 23.34 -10.68 34.51
CA ASP A 164 22.82 -10.97 35.84
C ASP A 164 23.32 -12.33 36.31
N PRO A 165 24.12 -12.39 37.38
CA PRO A 165 24.59 -13.70 37.88
C PRO A 165 23.48 -14.61 38.33
N ALA A 166 22.31 -14.07 38.68
CA ALA A 166 21.20 -14.92 39.07
C ALA A 166 20.69 -15.74 37.90
N VAL A 167 20.81 -15.23 36.67
CA VAL A 167 20.40 -16.01 35.50
C VAL A 167 21.35 -17.18 35.30
N ALA A 168 22.66 -16.92 35.26
CA ALA A 168 23.65 -17.98 35.19
C ALA A 168 23.39 -19.03 36.26
N ALA A 169 23.12 -18.59 37.49
CA ALA A 169 22.91 -19.52 38.59
C ALA A 169 21.66 -20.36 38.37
N THR A 170 20.57 -19.72 37.95
CA THR A 170 19.31 -20.42 37.76
C THR A 170 19.43 -21.47 36.65
N TYR A 171 20.03 -21.10 35.53
CA TYR A 171 20.09 -22.02 34.40
C TYR A 171 21.14 -23.10 34.62
N ALA A 172 22.29 -22.75 35.18
CA ALA A 172 23.29 -23.78 35.44
C ALA A 172 22.78 -24.79 36.46
N THR A 173 21.98 -24.34 37.41
CA THR A 173 21.40 -25.26 38.38
C THR A 173 20.38 -26.18 37.73
N ALA A 174 19.54 -25.61 36.86
CA ALA A 174 18.56 -26.44 36.14
C ALA A 174 19.25 -27.45 35.23
N PHE A 175 20.30 -27.00 34.53
CA PHE A 175 21.08 -27.90 33.69
C PHE A 175 21.63 -29.07 34.51
N ALA A 176 22.18 -28.77 35.68
CA ALA A 176 22.79 -29.80 36.51
C ALA A 176 21.76 -30.79 37.03
N LYS A 177 20.61 -30.30 37.51
CA LYS A 177 19.59 -31.22 38.01
C LYS A 177 19.11 -32.18 36.93
N GLY A 178 19.13 -31.76 35.67
CA GLY A 178 18.68 -32.63 34.60
C GLY A 178 19.64 -33.79 34.38
N LEU A 179 20.95 -33.52 34.41
CA LEU A 179 21.92 -34.58 34.22
C LEU A 179 21.86 -35.59 35.36
N SER A 180 21.69 -35.10 36.59
CA SER A 180 21.65 -35.98 37.75
C SER A 180 20.50 -36.97 37.67
N LYS A 181 19.34 -36.52 37.16
CA LYS A 181 18.19 -37.40 37.05
C LYS A 181 18.50 -38.69 36.30
N VAL A 182 19.50 -38.68 35.44
CA VAL A 182 19.84 -39.85 34.63
C VAL A 182 21.20 -40.41 35.01
N GLY A 183 21.71 -40.07 36.20
CA GLY A 183 22.91 -40.71 36.70
C GLY A 183 24.22 -40.14 36.20
N ILE A 184 24.21 -38.95 35.64
CA ILE A 184 25.44 -38.30 35.20
C ILE A 184 25.78 -37.18 36.17
N THR A 185 27.02 -37.17 36.64
CA THR A 185 27.47 -36.15 37.58
C THR A 185 27.82 -34.87 36.83
N PRO A 186 27.12 -33.77 37.07
CA PRO A 186 27.53 -32.49 36.47
C PRO A 186 28.70 -31.89 37.23
N VAL A 187 29.53 -31.15 36.53
CA VAL A 187 30.70 -30.52 37.13
C VAL A 187 30.65 -29.03 36.82
N PHE A 188 30.46 -28.21 37.84
CA PHE A 188 30.50 -26.75 37.67
C PHE A 188 31.93 -26.27 37.50
N LYS A 189 32.12 -25.36 36.54
CA LYS A 189 33.45 -24.90 36.15
C LYS A 189 33.33 -23.47 35.62
N HIS A 190 34.45 -22.74 35.60
CA HIS A 190 35.73 -23.11 36.20
C HIS A 190 36.02 -22.26 37.43
N PHE A 191 36.07 -22.90 38.59
CA PHE A 191 36.31 -22.18 39.83
C PHE A 191 37.71 -21.57 39.81
N PRO A 192 37.88 -20.34 40.30
CA PRO A 192 36.84 -19.48 40.88
C PRO A 192 36.20 -18.49 39.92
N GLY A 193 36.46 -18.61 38.62
CA GLY A 193 35.84 -17.77 37.62
C GLY A 193 36.78 -17.33 36.52
N HIS A 194 36.32 -17.35 35.26
CA HIS A 194 37.20 -17.04 34.14
C HIS A 194 37.54 -15.57 34.07
N GLY A 195 36.58 -14.70 34.33
CA GLY A 195 36.79 -13.27 34.28
C GLY A 195 35.66 -12.46 34.88
N THR A 208 42.64 -11.37 34.25
CA THR A 208 41.98 -11.99 35.40
C THR A 208 41.67 -10.99 36.51
N PRO A 209 40.39 -10.83 36.82
CA PRO A 209 40.00 -9.92 37.90
C PRO A 209 40.45 -10.43 39.26
N ALA A 210 40.52 -9.51 40.21
CA ALA A 210 40.95 -9.85 41.56
C ALA A 210 39.83 -10.60 42.30
N LEU A 211 40.26 -11.38 43.31
CA LEU A 211 39.32 -12.18 44.09
C LEU A 211 38.13 -11.35 44.58
N ASP A 212 38.39 -10.14 45.09
CA ASP A 212 37.29 -9.27 45.53
C ASP A 212 36.30 -9.00 44.41
N GLU A 213 36.79 -8.90 43.17
CA GLU A 213 35.86 -8.67 42.05
C GLU A 213 35.08 -9.93 41.71
N LEU A 214 35.74 -11.09 41.75
CA LEU A 214 35.03 -12.35 41.50
C LEU A 214 33.95 -12.57 42.54
N LYS A 215 34.19 -12.15 43.79
CA LYS A 215 33.23 -12.35 44.87
C LYS A 215 31.91 -11.62 44.62
N THR A 216 31.90 -10.59 43.80
CA THR A 216 30.68 -9.85 43.51
C THR A 216 30.03 -10.26 42.20
N TYR A 217 30.62 -11.21 41.48
CA TYR A 217 30.14 -11.54 40.14
C TYR A 217 30.28 -13.02 39.82
N ASP A 218 31.45 -13.45 39.31
N ASP A 218 31.49 -13.44 39.40
CA ASP A 218 31.58 -14.82 38.80
CA ASP A 218 31.68 -14.77 38.85
C ASP A 218 31.49 -15.89 39.89
C ASP A 218 31.48 -15.87 39.89
N LEU A 219 31.65 -15.55 41.17
CA LEU A 219 31.50 -16.55 42.22
C LEU A 219 30.06 -16.72 42.70
N ILE A 220 29.15 -15.81 42.32
CA ILE A 220 27.78 -15.89 42.84
C ILE A 220 27.06 -17.17 42.45
N PRO A 221 27.14 -17.66 41.20
CA PRO A 221 26.37 -18.87 40.86
C PRO A 221 26.79 -20.12 41.63
N TYR A 222 28.05 -20.22 42.07
CA TYR A 222 28.43 -21.40 42.85
C TYR A 222 27.61 -21.54 44.12
N GLY A 223 27.04 -20.44 44.62
CA GLY A 223 26.24 -20.53 45.83
C GLY A 223 25.00 -21.38 45.65
N GLN A 224 24.23 -21.10 44.60
CA GLN A 224 23.02 -21.90 44.35
C GLN A 224 23.39 -23.28 43.81
N ALA A 225 24.44 -23.36 42.99
CA ALA A 225 24.83 -24.63 42.40
C ALA A 225 25.19 -25.66 43.46
N LEU A 226 26.09 -25.31 44.37
CA LEU A 226 26.58 -26.29 45.34
C LEU A 226 25.63 -26.54 46.50
N SER A 227 24.62 -25.69 46.70
CA SER A 227 23.66 -25.94 47.77
C SER A 227 22.39 -26.63 47.29
N GLU A 228 22.11 -26.61 45.99
CA GLU A 228 20.89 -27.22 45.48
C GLU A 228 21.14 -28.47 44.64
N THR A 229 22.40 -28.82 44.35
CA THR A 229 22.68 -29.99 43.54
C THR A 229 23.84 -30.77 44.15
N ASP A 230 24.05 -31.96 43.60
CA ASP A 230 25.18 -32.81 43.93
C ASP A 230 26.31 -32.71 42.91
N GLY A 231 26.37 -31.61 42.18
CA GLY A 231 27.44 -31.45 41.21
C GLY A 231 28.80 -31.32 41.88
N ALA A 232 29.82 -31.76 41.16
CA ALA A 232 31.20 -31.55 41.55
C ALA A 232 31.68 -30.20 41.02
N VAL A 233 32.96 -29.89 41.23
CA VAL A 233 33.53 -28.60 40.82
C VAL A 233 34.87 -28.84 40.16
N VAL A 235 38.38 -26.85 39.10
CA VAL A 235 39.18 -25.65 39.30
C VAL A 235 39.97 -25.37 38.04
N GLY A 236 40.00 -24.11 37.61
CA GLY A 236 40.73 -23.72 36.42
C GLY A 236 42.17 -23.31 36.70
N HIS A 237 42.84 -22.87 35.65
CA HIS A 237 44.26 -22.56 35.69
C HIS A 237 44.55 -21.07 35.84
N ILE A 239 45.22 -17.24 37.03
CA ILE A 239 45.98 -16.66 38.13
C ILE A 239 45.15 -15.50 38.69
N VAL A 240 44.63 -15.67 39.89
CA VAL A 240 43.69 -14.73 40.49
C VAL A 240 44.47 -13.87 41.50
N PRO A 241 44.65 -12.58 41.24
CA PRO A 241 45.24 -11.71 42.27
C PRO A 241 44.34 -11.64 43.49
N GLY A 242 44.98 -11.63 44.67
CA GLY A 242 44.25 -11.66 45.92
C GLY A 242 43.87 -13.05 46.42
N LEU A 243 44.28 -14.11 45.72
CA LEU A 243 43.97 -15.49 46.14
C LEU A 243 45.27 -16.28 46.13
N GLY A 244 45.82 -16.52 47.31
CA GLY A 244 47.00 -17.35 47.40
C GLY A 244 48.26 -16.66 46.89
N THR A 245 49.21 -17.50 46.50
CA THR A 245 50.53 -16.99 46.13
C THR A 245 50.47 -16.24 44.81
N ASP A 246 51.17 -15.11 44.75
CA ASP A 246 51.26 -14.33 43.53
C ASP A 246 51.75 -15.19 42.38
N GLY A 247 51.08 -15.08 41.23
CA GLY A 247 51.53 -15.68 40.00
C GLY A 247 51.32 -17.17 39.86
N VAL A 248 50.61 -17.81 40.77
CA VAL A 248 50.43 -19.27 40.77
C VAL A 248 49.04 -19.59 40.24
N PRO A 249 48.92 -20.45 39.23
CA PRO A 249 47.59 -20.86 38.74
C PRO A 249 46.74 -21.45 39.87
N SER A 250 45.42 -21.24 39.75
CA SER A 250 44.52 -21.67 40.82
C SER A 250 44.53 -23.19 40.98
N SER A 251 44.73 -23.92 39.88
CA SER A 251 44.66 -25.37 39.94
C SER A 251 45.75 -26.00 40.79
N ILE A 252 46.87 -25.31 41.02
CA ILE A 252 47.93 -25.83 41.86
C ILE A 252 48.17 -24.96 43.09
N ASP A 253 47.29 -23.98 43.35
CA ASP A 253 47.42 -23.14 44.54
C ASP A 253 46.54 -23.71 45.64
N PRO A 254 47.07 -24.01 46.82
CA PRO A 254 46.23 -24.60 47.87
C PRO A 254 45.11 -23.67 48.31
N ALA A 255 45.29 -22.35 48.16
CA ALA A 255 44.28 -21.41 48.62
C ALA A 255 42.98 -21.51 47.81
N THR A 256 43.07 -21.91 46.53
CA THR A 256 41.85 -22.13 45.75
C THR A 256 40.99 -23.20 46.39
N TYR A 257 41.61 -24.34 46.71
CA TYR A 257 40.83 -25.46 47.25
C TYR A 257 40.34 -25.16 48.66
N GLN A 258 41.14 -24.46 49.47
CA GLN A 258 40.67 -24.06 50.78
C GLN A 258 39.46 -23.14 50.68
N LEU A 259 39.47 -22.24 49.70
CA LEU A 259 38.32 -21.36 49.50
C LEU A 259 37.08 -22.17 49.11
N LEU A 260 37.26 -23.18 48.25
CA LEU A 260 36.15 -24.03 47.85
C LEU A 260 35.63 -24.85 49.02
N ARG A 261 36.55 -25.43 49.81
CA ARG A 261 36.13 -26.24 50.96
C ARG A 261 35.39 -25.39 51.98
N SER A 262 35.85 -24.16 52.23
CA SER A 262 35.25 -23.34 53.28
C SER A 262 33.98 -22.64 52.82
N GLY A 263 33.85 -22.36 51.53
CA GLY A 263 32.75 -21.53 51.08
C GLY A 263 32.85 -20.09 51.57
N ASP A 264 34.07 -19.61 51.81
CA ASP A 264 34.34 -18.29 52.36
C ASP A 264 34.18 -17.20 51.29
N TYR A 265 32.97 -17.10 50.75
CA TYR A 265 32.65 -16.06 49.77
C TYR A 265 31.15 -15.82 49.81
N PRO A 266 30.68 -14.63 49.37
CA PRO A 266 29.26 -14.29 49.53
C PRO A 266 28.33 -15.33 48.93
N GLY A 267 27.48 -15.90 49.79
CA GLY A 267 26.54 -16.95 49.39
C GLY A 267 27.15 -18.33 49.29
N GLY A 268 28.43 -18.47 49.57
CA GLY A 268 29.08 -19.76 49.39
C GLY A 268 28.82 -20.69 50.55
N VAL A 269 28.64 -21.96 50.22
CA VAL A 269 28.48 -23.03 51.21
C VAL A 269 29.74 -23.88 51.19
N PRO A 270 30.13 -24.50 52.31
CA PRO A 270 31.27 -25.42 52.27
C PRO A 270 31.00 -26.57 51.32
N PHE A 271 32.01 -26.93 50.54
CA PHE A 271 31.88 -28.00 49.55
C PHE A 271 32.85 -29.12 49.90
N ASP A 272 32.32 -30.31 50.22
CA ASP A 272 33.16 -31.45 50.55
C ASP A 272 33.11 -32.54 49.49
N GLY A 273 32.66 -32.22 48.28
CA GLY A 273 32.63 -33.18 47.19
C GLY A 273 33.94 -33.21 46.43
N VAL A 274 33.95 -33.99 45.34
CA VAL A 274 35.16 -34.21 44.56
C VAL A 274 35.49 -32.94 43.78
N ILE A 275 36.77 -32.55 43.80
CA ILE A 275 37.24 -31.37 43.06
C ILE A 275 38.13 -31.84 41.94
N TYR A 276 37.79 -31.47 40.71
CA TYR A 276 38.58 -31.79 39.53
C TYR A 276 39.51 -30.64 39.20
N THR A 277 40.62 -30.95 38.57
CA THR A 277 41.40 -29.92 37.91
C THR A 277 40.98 -29.82 36.46
N ASP A 278 41.17 -28.65 35.87
CA ASP A 278 41.16 -28.54 34.43
C ASP A 278 42.32 -29.36 33.86
N ASP A 279 42.27 -29.59 32.55
CA ASP A 279 43.30 -30.36 31.84
C ASP A 279 44.70 -29.90 32.18
N LEU A 280 45.43 -30.69 32.98
CA LEU A 280 46.79 -30.32 33.35
C LEU A 280 47.73 -30.29 32.15
N SER A 281 47.48 -31.13 31.14
CA SER A 281 48.34 -31.23 29.94
C SER A 281 48.12 -30.08 28.97
N GLY A 282 47.92 -28.88 29.50
CA GLY A 282 47.67 -27.69 28.71
C GLY A 282 47.47 -26.50 29.62
N SER A 284 49.39 -23.84 29.93
CA SER A 284 49.94 -22.62 29.36
C SER A 284 51.25 -22.21 30.03
N ALA A 285 52.00 -21.31 29.40
CA ALA A 285 53.28 -20.84 29.90
C ALA A 285 53.15 -19.60 30.79
N ILE A 286 51.95 -19.33 31.32
CA ILE A 286 51.77 -18.24 32.27
C ILE A 286 52.37 -18.56 33.63
N SER A 287 52.69 -19.82 33.88
CA SER A 287 53.37 -20.24 35.10
C SER A 287 54.73 -20.87 34.79
N SER A 291 56.77 -30.62 34.44
CA SER A 291 56.41 -31.85 33.73
C SER A 291 55.02 -32.31 34.16
N PRO A 292 54.36 -33.13 33.32
CA PRO A 292 53.04 -33.64 33.69
C PRO A 292 52.96 -34.28 35.07
N ALA A 293 53.94 -35.12 35.43
CA ALA A 293 53.90 -35.78 36.74
C ALA A 293 53.98 -34.75 37.87
N GLU A 294 54.75 -33.67 37.68
CA GLU A 294 54.83 -32.63 38.70
C GLU A 294 53.52 -31.85 38.81
N ALA A 295 52.85 -31.63 37.68
CA ALA A 295 51.55 -30.96 37.71
C ALA A 295 50.52 -31.78 38.47
N VAL A 296 50.50 -33.09 38.23
CA VAL A 296 49.60 -33.98 38.97
C VAL A 296 49.88 -33.89 40.46
N LEU A 297 51.14 -34.05 40.85
CA LEU A 297 51.49 -33.98 42.26
C LEU A 297 51.13 -32.63 42.86
N ALA A 298 51.41 -31.54 42.14
CA ALA A 298 51.14 -30.21 42.67
C ALA A 298 49.66 -29.98 42.89
N SER A 299 48.82 -30.41 41.94
CA SER A 299 47.39 -30.20 42.08
C SER A 299 46.80 -31.06 43.19
N LEU A 300 47.30 -32.29 43.35
CA LEU A 300 46.81 -33.15 44.42
C LEU A 300 47.26 -32.63 45.78
N LYS A 301 48.55 -32.31 45.91
CA LYS A 301 49.03 -31.67 47.13
C LYS A 301 48.20 -30.44 47.48
N ALA A 302 47.84 -29.64 46.48
CA ALA A 302 47.13 -28.40 46.73
C ALA A 302 45.69 -28.63 47.18
N GLY A 303 45.12 -29.81 46.95
CA GLY A 303 43.79 -30.07 47.45
C GLY A 303 42.82 -30.71 46.48
N ALA A 304 43.26 -30.97 45.25
CA ALA A 304 42.38 -31.61 44.30
C ALA A 304 42.18 -33.07 44.66
N ASP A 305 41.05 -33.63 44.21
CA ASP A 305 40.76 -35.05 44.35
C ASP A 305 40.90 -35.82 43.06
N GLN A 306 40.81 -35.15 41.92
CA GLN A 306 40.94 -35.79 40.63
C GLN A 306 41.85 -34.94 39.76
N ALA A 307 43.08 -35.42 39.55
CA ALA A 307 44.01 -34.76 38.66
C ALA A 307 43.72 -35.21 37.24
N LEU A 308 43.33 -34.27 36.38
CA LEU A 308 42.88 -34.54 35.03
C LEU A 308 43.93 -34.09 34.02
N TRP A 309 44.23 -34.94 33.04
CA TRP A 309 45.04 -34.51 31.91
C TRP A 309 44.81 -35.44 30.73
N ILE A 310 45.19 -34.95 29.55
CA ILE A 310 44.80 -35.57 28.29
C ILE A 310 45.87 -36.51 27.74
N ASP A 311 47.14 -36.11 27.76
CA ASP A 311 48.21 -36.88 27.12
C ASP A 311 48.65 -38.00 28.07
N TYR A 312 48.23 -39.23 27.77
CA TYR A 312 48.33 -40.37 28.69
C TYR A 312 49.74 -40.95 28.78
N GLY A 313 50.69 -40.46 28.00
CA GLY A 313 52.04 -41.04 28.01
C GLY A 313 52.74 -40.99 29.36
N SER A 314 52.36 -40.06 30.23
CA SER A 314 53.04 -39.87 31.50
C SER A 314 52.33 -40.50 32.69
N LEU A 315 51.35 -41.37 32.45
CA LEU A 315 50.58 -41.96 33.56
C LEU A 315 51.48 -42.69 34.53
N GLY A 316 52.28 -43.63 34.02
CA GLY A 316 53.18 -44.38 34.89
C GLY A 316 54.14 -43.48 35.65
N SER A 317 54.67 -42.46 34.98
CA SER A 317 55.53 -41.50 35.66
C SER A 317 54.80 -40.81 36.81
N ALA A 318 53.54 -40.42 36.57
CA ALA A 318 52.80 -39.70 37.61
C ALA A 318 52.51 -40.59 38.80
N ILE A 319 52.11 -41.84 38.54
CA ILE A 319 51.91 -42.79 39.63
C ILE A 319 53.18 -42.95 40.45
N ASP A 320 54.34 -43.03 39.78
CA ASP A 320 55.60 -43.11 40.52
C ASP A 320 55.85 -41.85 41.35
N ARG A 321 55.65 -40.68 40.75
CA ARG A 321 55.99 -39.43 41.42
C ARG A 321 55.12 -39.22 42.66
N VAL A 322 53.80 -39.42 42.51
CA VAL A 322 52.88 -39.21 43.63
C VAL A 322 53.00 -40.30 44.68
N ASP A 323 53.30 -41.54 44.27
CA ASP A 323 53.47 -42.62 45.24
C ASP A 323 54.65 -42.33 46.16
N ALA A 324 55.78 -41.95 45.57
CA ALA A 324 56.95 -41.63 46.39
C ALA A 324 56.69 -40.45 47.30
N ALA A 325 55.87 -39.49 46.86
CA ALA A 325 55.59 -38.32 47.68
C ALA A 325 54.73 -38.66 48.88
N VAL A 326 53.93 -39.72 48.80
CA VAL A 326 53.18 -40.12 49.98
C VAL A 326 54.07 -40.87 50.96
N SER A 327 55.03 -41.65 50.44
CA SER A 327 55.97 -42.36 51.31
C SER A 327 56.92 -41.40 52.02
N SER A 328 57.36 -40.35 51.33
CA SER A 328 58.28 -39.38 51.92
C SER A 328 57.57 -38.33 52.77
N GLY A 329 56.24 -38.31 52.77
CA GLY A 329 55.48 -37.34 53.53
C GLY A 329 55.23 -36.02 52.84
N GLU A 330 55.83 -35.80 51.65
CA GLU A 330 55.59 -34.55 50.92
C GLU A 330 54.10 -34.37 50.62
N TYR A 331 53.42 -35.45 50.27
CA TYR A 331 51.98 -35.49 50.08
C TYR A 331 51.38 -36.25 51.25
N PRO A 332 50.79 -35.56 52.24
CA PRO A 332 50.38 -36.23 53.48
C PRO A 332 49.37 -37.34 53.21
N GLN A 333 49.57 -38.46 53.91
CA GLN A 333 48.78 -39.66 53.64
C GLN A 333 47.31 -39.47 53.97
N GLU A 334 47.00 -38.80 55.09
CA GLU A 334 45.61 -38.60 55.45
C GLU A 334 44.89 -37.67 54.50
N GLN A 335 45.62 -36.79 53.80
CA GLN A 335 45.00 -35.96 52.77
C GLN A 335 44.67 -36.79 51.54
N LEU A 337 44.23 -40.03 51.33
CA LEU A 337 43.18 -41.01 51.60
C LEU A 337 41.80 -40.37 51.70
N ALA A 338 41.72 -39.20 52.33
CA ALA A 338 40.45 -38.46 52.34
C ALA A 338 39.96 -38.22 50.91
N SER A 339 40.86 -37.80 50.03
CA SER A 339 40.49 -37.67 48.62
C SER A 339 40.06 -39.01 48.04
N ALA A 340 40.79 -40.08 48.36
CA ALA A 340 40.40 -41.40 47.86
C ALA A 340 39.00 -41.79 48.32
N LEU A 341 38.61 -41.34 49.51
CA LEU A 341 37.26 -41.59 50.02
C LEU A 341 36.22 -40.83 49.22
N ARG A 342 36.47 -39.54 48.97
CA ARG A 342 35.58 -38.76 48.12
C ARG A 342 35.39 -39.44 46.76
N VAL A 343 36.45 -40.01 46.21
CA VAL A 343 36.36 -40.63 44.90
C VAL A 343 35.52 -41.90 44.97
N GLN A 344 35.77 -42.74 45.98
CA GLN A 344 34.99 -43.97 46.12
C GLN A 344 33.52 -43.69 46.32
N LEU A 345 33.17 -42.55 46.93
CA LEU A 345 31.77 -42.21 47.13
C LEU A 345 31.00 -42.02 45.83
N LEU A 346 31.69 -41.70 44.73
CA LEU A 346 31.01 -41.54 43.45
C LEU A 346 30.39 -42.85 42.97
N TYR A 347 30.90 -43.99 43.44
CA TYR A 347 30.47 -45.29 42.97
C TYR A 347 29.42 -45.94 43.85
N ILE A 348 29.26 -45.48 45.09
CA ILE A 348 28.29 -46.06 46.00
C ILE A 348 26.89 -45.54 45.68
N PRO B 14 -13.17 -15.56 5.38
CA PRO B 14 -12.92 -16.08 4.03
C PRO B 14 -12.19 -17.43 4.04
N THR B 15 -12.11 -18.08 2.89
CA THR B 15 -11.41 -19.35 2.77
C THR B 15 -9.90 -19.13 2.75
N ALA B 16 -9.17 -19.99 3.46
CA ALA B 16 -7.71 -19.89 3.49
C ALA B 16 -7.12 -20.02 2.09
N GLU B 17 -7.66 -20.93 1.28
CA GLU B 17 -7.20 -21.05 -0.10
C GLU B 17 -7.47 -19.78 -0.89
N ASP B 18 -8.65 -19.20 -0.73
CA ASP B 18 -8.95 -17.95 -1.43
C ASP B 18 -8.04 -16.82 -0.96
N LEU B 19 -7.67 -16.81 0.32
CA LEU B 19 -6.71 -15.83 0.80
C LEU B 19 -5.33 -16.04 0.19
N ALA B 20 -4.87 -17.31 0.15
CA ALA B 20 -3.58 -17.59 -0.46
C ALA B 20 -3.58 -17.25 -1.94
N ARG B 21 -4.65 -17.61 -2.66
CA ARG B 21 -4.77 -17.26 -4.06
C ARG B 21 -4.58 -15.76 -4.27
N ALA B 22 -5.06 -14.95 -3.32
CA ALA B 22 -4.88 -13.50 -3.41
C ALA B 22 -3.44 -13.08 -3.14
N GLN B 23 -2.63 -13.94 -2.54
CA GLN B 23 -1.24 -13.61 -2.29
C GLN B 23 -0.29 -14.13 -3.37
N ILE B 24 -0.81 -14.84 -4.35
CA ILE B 24 0.05 -15.26 -5.48
C ILE B 24 0.58 -14.01 -6.17
N PRO B 25 1.88 -13.95 -6.49
CA PRO B 25 2.46 -12.72 -7.04
C PRO B 25 1.84 -12.35 -8.37
N GLU B 26 1.84 -11.04 -8.66
CA GLU B 26 1.15 -10.54 -9.84
C GLU B 26 1.93 -10.84 -11.12
N GLN B 27 3.26 -10.68 -11.08
CA GLN B 27 4.11 -10.89 -12.25
C GLN B 27 4.49 -12.35 -12.38
N GLN B 28 4.55 -12.83 -13.63
CA GLN B 28 4.82 -14.24 -13.86
C GLN B 28 6.23 -14.64 -13.43
N ARG B 29 7.21 -13.75 -13.64
CA ARG B 29 8.56 -14.02 -13.15
C ARG B 29 8.57 -14.24 -11.64
N ASP B 30 7.79 -13.46 -10.90
CA ASP B 30 7.74 -13.64 -9.45
C ASP B 30 6.95 -14.88 -9.07
N GLN B 31 6.01 -15.29 -9.92
CA GLN B 31 5.26 -16.51 -9.67
C GLN B 31 6.18 -17.71 -9.71
N VAL B 32 6.98 -17.84 -10.77
CA VAL B 32 7.87 -19.00 -10.86
C VAL B 32 9.00 -18.87 -9.85
N ALA B 33 9.43 -17.64 -9.54
CA ALA B 33 10.49 -17.47 -8.56
C ALA B 33 10.07 -17.95 -7.18
N SER B 34 8.77 -17.84 -6.86
CA SER B 34 8.29 -18.32 -5.57
C SER B 34 8.36 -19.83 -5.45
N LEU B 35 8.56 -20.55 -6.55
CA LEU B 35 8.67 -22.00 -6.52
C LEU B 35 10.09 -22.46 -6.26
N VAL B 38 16.79 -21.33 -2.49
CA VAL B 38 18.22 -21.40 -2.76
C VAL B 38 18.98 -21.45 -1.44
N GLY B 39 20.02 -22.29 -1.40
CA GLY B 39 20.99 -22.22 -0.33
C GLY B 39 21.81 -20.94 -0.46
N VAL B 40 22.02 -20.27 0.67
CA VAL B 40 22.73 -19.01 0.71
C VAL B 40 23.89 -19.15 1.69
N ALA B 41 24.95 -18.38 1.44
CA ALA B 41 26.13 -18.42 2.29
C ALA B 41 26.14 -17.35 3.37
N ASN B 42 25.42 -16.25 3.19
CA ASN B 42 25.50 -15.16 4.15
C ASN B 42 24.28 -14.26 3.98
N TYR B 43 24.27 -13.15 4.73
CA TYR B 43 23.14 -12.25 4.71
C TYR B 43 22.98 -11.59 3.35
N ASP B 44 24.08 -11.16 2.74
CA ASP B 44 24.00 -10.46 1.46
C ASP B 44 23.41 -11.36 0.39
N GLN B 45 23.91 -12.59 0.26
CA GLN B 45 23.36 -13.50 -0.73
C GLN B 45 21.88 -13.73 -0.47
N ALA B 46 21.49 -13.84 0.81
CA ALA B 46 20.09 -14.08 1.14
C ALA B 46 19.20 -12.94 0.66
N LEU B 47 19.63 -11.70 0.91
CA LEU B 47 18.82 -10.56 0.54
C LEU B 47 18.76 -10.39 -0.97
N ASP B 48 19.85 -10.68 -1.67
CA ASP B 48 19.83 -10.60 -3.13
C ASP B 48 18.86 -11.64 -3.70
N ALA B 49 18.85 -12.85 -3.13
CA ALA B 49 17.95 -13.88 -3.64
C ALA B 49 16.50 -13.51 -3.37
N LEU B 50 16.19 -13.09 -2.15
CA LEU B 50 14.82 -12.75 -1.80
C LEU B 50 14.32 -11.53 -2.57
N ASN B 51 15.21 -10.60 -2.93
CA ASN B 51 14.80 -9.46 -3.73
C ASN B 51 14.48 -9.84 -5.17
N GLN B 52 14.85 -11.04 -5.61
CA GLN B 52 14.48 -11.52 -6.93
C GLN B 52 13.21 -12.33 -6.92
N GLY B 53 12.56 -12.47 -5.77
CA GLY B 53 11.28 -13.13 -5.66
C GLY B 53 11.32 -14.55 -5.14
N VAL B 54 12.50 -15.05 -4.76
CA VAL B 54 12.62 -16.46 -4.40
C VAL B 54 11.72 -16.78 -3.21
N GLY B 55 11.09 -17.95 -3.25
CA GLY B 55 10.13 -18.29 -2.22
C GLY B 55 10.74 -18.61 -0.87
N GLY B 56 12.03 -18.94 -0.83
CA GLY B 56 12.66 -19.26 0.44
C GLY B 56 14.16 -19.35 0.32
N ILE B 57 14.82 -19.31 1.46
CA ILE B 57 16.27 -19.48 1.51
C ILE B 57 16.59 -20.67 2.40
N PHE B 58 17.71 -21.33 2.12
CA PHE B 58 18.16 -22.51 2.84
C PHE B 58 19.46 -22.21 3.56
N ILE B 59 19.50 -22.49 4.86
CA ILE B 59 20.70 -22.35 5.67
C ILE B 59 21.46 -23.68 5.63
N GLY B 60 22.60 -23.71 4.93
CA GLY B 60 23.35 -24.93 4.73
C GLY B 60 24.38 -25.18 5.83
N SER B 61 25.07 -26.32 5.69
CA SER B 61 26.07 -26.67 6.69
C SER B 61 27.20 -25.64 6.76
N TRP B 62 27.52 -25.01 5.64
CA TRP B 62 28.63 -24.07 5.57
C TRP B 62 28.17 -22.62 5.67
N THR B 63 26.87 -22.38 5.86
CA THR B 63 26.37 -21.02 5.89
C THR B 63 26.92 -20.24 7.08
N ASP B 64 27.32 -19.00 6.84
CA ASP B 64 27.82 -18.11 7.87
C ASP B 64 26.85 -18.06 9.05
N GLU B 65 27.38 -18.30 10.24
CA GLU B 65 26.50 -18.41 11.40
C GLU B 65 26.00 -17.04 11.89
N ASN B 66 26.66 -15.96 11.49
CA ASN B 66 26.17 -14.63 11.85
C ASN B 66 24.78 -14.38 11.29
N LEU B 67 24.45 -15.01 10.16
CA LEU B 67 23.11 -14.91 9.59
C LEU B 67 22.03 -15.33 10.56
N LEU B 68 22.37 -16.18 11.53
CA LEU B 68 21.41 -16.49 12.58
C LEU B 68 21.49 -15.52 13.76
N THR B 69 22.70 -15.01 14.09
CA THR B 69 22.92 -14.35 15.36
C THR B 69 23.21 -12.85 15.28
N GLU B 70 23.62 -12.33 14.14
CA GLU B 70 24.07 -10.94 14.08
C GLU B 70 22.90 -9.95 14.04
N PRO B 71 22.71 -9.15 15.08
CA PRO B 71 21.59 -8.19 15.09
C PRO B 71 21.71 -7.21 13.94
N GLY B 72 20.57 -6.95 13.29
CA GLY B 72 20.55 -6.13 12.10
C GLY B 72 20.95 -6.84 10.84
N ARG B 73 21.52 -8.03 10.93
CA ARG B 73 21.93 -8.80 9.76
C ARG B 73 21.63 -10.27 9.96
N ASN B 74 20.47 -10.56 10.58
CA ASN B 74 20.01 -11.93 10.76
C ASN B 74 18.65 -12.12 10.10
N ILE B 75 17.93 -13.17 10.46
CA ILE B 75 16.68 -13.48 9.75
C ILE B 75 15.62 -12.42 10.05
N GLU B 76 15.56 -11.92 11.27
CA GLU B 76 14.60 -10.86 11.58
C GLU B 76 14.83 -9.64 10.71
N ALA B 77 16.10 -9.28 10.48
CA ALA B 77 16.40 -8.16 9.61
C ALA B 77 15.98 -8.47 8.16
N LEU B 78 16.17 -9.70 7.71
CA LEU B 78 15.68 -10.07 6.37
C LEU B 78 14.19 -9.82 6.26
N ARG B 79 13.41 -10.35 7.21
CA ARG B 79 11.96 -10.12 7.19
C ARG B 79 11.64 -8.63 7.20
N GLU B 80 12.50 -7.82 7.81
CA GLU B 80 12.31 -6.38 7.78
C GLU B 80 12.51 -5.84 6.37
N ALA B 81 13.64 -6.16 5.75
CA ALA B 81 14.00 -5.60 4.46
C ALA B 81 13.11 -6.11 3.32
N VAL B 82 12.50 -7.28 3.48
CA VAL B 82 11.62 -7.86 2.48
C VAL B 82 10.19 -7.80 3.01
N GLY B 83 9.33 -7.09 2.30
CA GLY B 83 7.98 -6.86 2.80
C GLY B 83 7.01 -7.95 2.45
N ARG B 84 7.47 -9.20 2.39
CA ARG B 84 6.59 -10.32 2.07
C ARG B 84 7.01 -11.54 2.87
N ASP B 85 6.11 -12.52 2.92
CA ASP B 85 6.40 -13.75 3.62
C ASP B 85 7.31 -14.64 2.78
N PHE B 86 8.26 -15.29 3.44
CA PHE B 86 9.11 -16.26 2.77
C PHE B 86 9.53 -17.32 3.76
N SER B 87 9.97 -18.45 3.23
CA SER B 87 10.39 -19.57 4.06
C SER B 87 11.88 -19.52 4.38
N VAL B 88 12.24 -20.06 5.53
CA VAL B 88 13.63 -20.20 5.94
C VAL B 88 13.85 -21.64 6.38
N SER B 89 14.56 -22.41 5.56
CA SER B 89 14.79 -23.81 5.85
C SER B 89 16.17 -24.04 6.46
N ILE B 90 16.30 -25.18 7.12
CA ILE B 90 17.58 -25.65 7.65
C ILE B 90 17.55 -27.18 7.59
N ASP B 91 18.72 -27.80 7.62
CA ASP B 91 18.87 -29.25 7.66
C ASP B 91 19.37 -29.59 9.05
N PHE B 92 18.44 -29.99 9.93
CA PHE B 92 18.67 -30.12 11.36
C PHE B 92 18.08 -31.47 11.78
N GLU B 93 18.70 -32.55 11.32
CA GLU B 93 18.12 -33.89 11.43
C GLU B 93 18.76 -34.76 12.48
N GLY B 94 19.89 -34.35 13.05
CA GLY B 94 20.52 -35.09 14.12
C GLY B 94 21.82 -35.74 13.68
N GLY B 95 22.78 -35.79 14.59
CA GLY B 95 24.00 -36.52 14.36
C GLY B 95 24.92 -35.95 13.30
N ARG B 96 24.83 -34.67 13.01
CA ARG B 96 25.66 -34.04 11.98
C ARG B 96 26.03 -32.64 12.43
N VAL B 97 27.32 -32.37 12.50
CA VAL B 97 27.81 -31.05 12.87
C VAL B 97 27.70 -30.12 11.67
N GLN B 98 27.37 -28.86 11.94
CA GLN B 98 27.33 -27.83 10.92
C GLN B 98 27.68 -26.51 11.59
N ARG B 99 27.85 -25.46 10.78
CA ARG B 99 28.17 -24.15 11.34
C ARG B 99 27.15 -23.73 12.40
N ALA B 100 25.86 -24.02 12.16
CA ALA B 100 24.84 -23.59 13.10
C ALA B 100 24.83 -24.39 14.40
N THR B 101 25.61 -25.46 14.49
CA THR B 101 25.56 -26.33 15.67
C THR B 101 26.03 -25.60 16.92
N ASN B 102 27.06 -24.77 16.79
CA ASN B 102 27.56 -24.03 17.94
C ASN B 102 26.52 -23.10 18.52
N ILE B 103 25.45 -22.82 17.77
CA ILE B 103 24.38 -21.93 18.20
C ILE B 103 23.18 -22.72 18.69
N LEU B 104 22.68 -23.64 17.86
CA LEU B 104 21.38 -24.27 18.00
C LEU B 104 21.43 -25.67 18.60
N GLY B 105 22.62 -26.24 18.80
CA GLY B 105 22.68 -27.61 19.26
C GLY B 105 22.41 -28.59 18.12
N ASP B 106 22.09 -29.82 18.51
CA ASP B 106 21.77 -30.84 17.53
C ASP B 106 21.03 -31.98 18.19
N PHE B 107 20.13 -32.58 17.42
CA PHE B 107 19.56 -33.85 17.82
C PHE B 107 20.64 -34.91 17.80
N PRO B 108 20.47 -35.99 18.55
CA PRO B 108 21.29 -37.18 18.33
C PRO B 108 20.99 -37.76 16.96
N SER B 109 21.83 -38.70 16.53
CA SER B 109 21.51 -39.41 15.32
C SER B 109 20.22 -40.19 15.52
N PRO B 110 19.40 -40.31 14.47
CA PRO B 110 18.17 -41.10 14.59
C PRO B 110 18.38 -42.47 15.21
N ARG B 111 19.52 -43.11 14.96
CA ARG B 111 19.75 -44.42 15.56
C ARG B 111 19.91 -44.32 17.07
N VAL B 112 20.62 -43.30 17.55
CA VAL B 112 20.78 -43.11 18.99
C VAL B 112 19.45 -42.78 19.65
N ALA B 114 16.31 -43.64 18.77
CA ALA B 114 15.46 -44.81 18.91
C ALA B 114 16.09 -45.88 19.78
N GLN B 115 17.42 -45.96 19.81
CA GLN B 115 18.11 -46.91 20.67
C GLN B 115 17.92 -46.58 22.15
N THR B 116 17.98 -45.30 22.50
CA THR B 116 18.13 -44.93 23.90
C THR B 116 16.97 -44.11 24.46
N THR B 118 12.63 -42.83 24.50
CA THR B 118 11.25 -43.17 24.18
C THR B 118 10.71 -42.22 23.12
N PRO B 119 9.66 -42.63 22.40
CA PRO B 119 9.01 -41.68 21.47
C PRO B 119 8.56 -40.40 22.13
N GLU B 120 8.18 -40.45 23.41
CA GLU B 120 7.78 -39.23 24.10
C GLU B 120 8.97 -38.32 24.33
N GLN B 121 10.14 -38.91 24.66
CA GLN B 121 11.32 -38.08 24.85
C GLN B 121 11.73 -37.40 23.55
N VAL B 122 11.63 -38.12 22.43
CA VAL B 122 12.02 -37.53 21.15
C VAL B 122 11.09 -36.40 20.77
N GLU B 123 9.79 -36.56 21.00
CA GLU B 123 8.86 -35.47 20.73
C GLU B 123 9.14 -34.27 21.63
N ASP B 124 9.36 -34.52 22.92
CA ASP B 124 9.71 -33.44 23.83
C ASP B 124 11.03 -32.80 23.44
N LEU B 125 11.99 -33.60 22.95
CA LEU B 125 13.27 -33.04 22.53
C LEU B 125 13.08 -32.11 21.33
N ALA B 126 12.24 -32.49 20.38
CA ALA B 126 12.04 -31.67 19.19
C ALA B 126 11.32 -30.37 19.52
N GLU B 127 10.45 -30.38 20.52
CA GLU B 127 9.80 -29.15 20.93
C GLU B 127 10.81 -28.18 21.53
N ILE B 128 11.71 -28.69 22.37
CA ILE B 128 12.72 -27.84 22.99
C ILE B 128 13.71 -27.32 21.96
N LEU B 129 14.34 -28.23 21.21
CA LEU B 129 15.32 -27.78 20.23
C LEU B 129 14.65 -26.94 19.15
N GLY B 130 13.42 -27.28 18.77
CA GLY B 130 12.71 -26.46 17.80
C GLY B 130 12.42 -25.06 18.32
N THR B 131 12.34 -24.90 19.65
CA THR B 131 12.18 -23.56 20.21
C THR B 131 13.36 -22.67 19.83
N GLY B 132 14.58 -23.20 19.92
CA GLY B 132 15.74 -22.42 19.52
C GLY B 132 15.78 -22.14 18.03
N LEU B 133 15.35 -23.10 17.21
CA LEU B 133 15.24 -22.87 15.78
C LEU B 133 14.23 -21.77 15.49
N ALA B 134 13.04 -21.87 16.09
CA ALA B 134 12.01 -20.86 15.84
C ALA B 134 12.51 -19.47 16.25
N ALA B 135 13.13 -19.36 17.42
CA ALA B 135 13.59 -18.07 17.91
C ALA B 135 14.62 -17.44 16.98
N HIS B 136 15.21 -18.21 16.08
CA HIS B 136 16.17 -17.66 15.13
C HIS B 136 15.60 -17.53 13.73
N GLY B 137 14.30 -17.76 13.56
CA GLY B 137 13.63 -17.45 12.31
C GLY B 137 13.54 -18.60 11.34
N VAL B 138 13.98 -19.79 11.72
CA VAL B 138 13.74 -20.97 10.90
C VAL B 138 12.24 -21.25 10.88
N THR B 139 11.72 -21.58 9.69
CA THR B 139 10.33 -21.99 9.57
C THR B 139 10.17 -23.40 9.02
N VAL B 140 11.19 -23.97 8.38
CA VAL B 140 11.13 -25.30 7.82
C VAL B 140 12.39 -26.05 8.26
N ASN B 141 12.21 -27.31 8.67
CA ASN B 141 13.32 -28.20 9.00
C ASN B 141 13.26 -29.38 8.05
N PHE B 142 14.35 -29.60 7.31
CA PHE B 142 14.44 -30.74 6.40
C PHE B 142 14.77 -31.99 7.22
N ALA B 143 13.78 -32.44 7.98
CA ALA B 143 13.87 -33.57 8.90
C ALA B 143 12.46 -33.85 9.40
N PRO B 144 12.14 -35.09 9.82
CA PRO B 144 13.04 -36.24 9.98
C PRO B 144 13.30 -37.08 8.74
N VAL B 145 14.45 -37.74 8.73
CA VAL B 145 14.62 -38.90 7.86
C VAL B 145 13.62 -39.96 8.29
N VAL B 146 12.97 -40.59 7.33
CA VAL B 146 12.07 -41.70 7.64
C VAL B 146 12.55 -43.01 7.05
N ASP B 147 13.78 -43.03 6.51
CA ASP B 147 14.38 -44.27 6.07
C ASP B 147 14.41 -45.27 7.24
N VAL B 148 13.91 -46.48 6.97
CA VAL B 148 13.67 -47.44 8.05
C VAL B 148 14.98 -47.82 8.73
N ASP B 149 16.06 -47.99 7.96
CA ASP B 149 17.33 -48.42 8.53
C ASP B 149 18.01 -47.32 9.34
N ALA B 150 17.60 -46.06 9.16
CA ALA B 150 18.24 -44.97 9.89
C ALA B 150 17.82 -44.96 11.36
N TRP B 151 16.64 -45.47 11.67
CA TRP B 151 16.16 -45.55 13.04
C TRP B 151 16.42 -46.91 13.68
N GLY B 152 16.99 -47.85 12.93
CA GLY B 152 17.31 -49.17 13.44
C GLY B 152 18.81 -49.38 13.57
N LEU B 153 19.15 -50.62 13.93
CA LEU B 153 20.53 -51.04 14.09
C LEU B 153 21.15 -51.35 12.74
N PRO B 154 22.45 -51.12 12.57
CA PRO B 154 23.09 -51.34 11.26
C PRO B 154 23.13 -52.83 10.91
N VAL B 155 23.53 -53.09 9.65
CA VAL B 155 23.58 -54.43 9.07
C VAL B 155 22.24 -55.13 9.21
N SER B 160 18.70 -55.69 1.67
CA SER B 160 17.80 -56.44 2.54
C SER B 160 18.30 -56.43 4.00
N PHE B 161 17.40 -56.08 4.91
CA PHE B 161 17.70 -56.04 6.34
C PHE B 161 16.42 -56.30 7.11
N SER B 162 16.57 -56.42 8.43
CA SER B 162 15.47 -56.84 9.29
C SER B 162 15.08 -55.75 10.30
N ASN B 163 15.22 -54.48 9.93
CA ASN B 163 14.76 -53.43 10.83
C ASN B 163 13.24 -53.30 10.73
N ASP B 164 12.66 -52.49 11.63
CA ASP B 164 11.22 -52.41 11.74
C ASP B 164 10.71 -51.08 11.21
N PRO B 165 9.92 -51.08 10.14
CA PRO B 165 9.36 -49.81 9.64
C PRO B 165 8.42 -49.14 10.62
N ALA B 166 7.68 -49.91 11.42
CA ALA B 166 6.81 -49.32 12.44
C ALA B 166 7.60 -48.47 13.44
N VAL B 167 8.84 -48.85 13.73
CA VAL B 167 9.65 -48.04 14.63
C VAL B 167 10.02 -46.73 13.98
N ALA B 168 10.53 -46.79 12.75
CA ALA B 168 10.86 -45.56 12.04
C ALA B 168 9.65 -44.65 11.94
N ALA B 169 8.48 -45.22 11.63
CA ALA B 169 7.28 -44.41 11.55
C ALA B 169 6.94 -43.77 12.89
N THR B 170 7.06 -44.55 13.97
CA THR B 170 6.68 -44.05 15.29
C THR B 170 7.58 -42.90 15.72
N TYR B 171 8.90 -43.06 15.57
CA TYR B 171 9.81 -42.02 16.03
C TYR B 171 9.79 -40.80 15.11
N ALA B 172 9.69 -41.03 13.79
CA ALA B 172 9.60 -39.90 12.88
C ALA B 172 8.34 -39.07 13.14
N THR B 173 7.23 -39.75 13.44
CA THR B 173 5.98 -39.06 13.73
C THR B 173 6.11 -38.24 15.00
N ALA B 174 6.73 -38.82 16.04
CA ALA B 174 6.93 -38.09 17.28
C ALA B 174 7.84 -36.89 17.06
N PHE B 175 8.99 -37.12 16.42
CA PHE B 175 9.91 -36.03 16.08
C PHE B 175 9.17 -34.89 15.38
N ALA B 176 8.37 -35.22 14.36
CA ALA B 176 7.65 -34.21 13.59
C ALA B 176 6.60 -33.49 14.44
N LYS B 177 5.95 -34.19 15.37
CA LYS B 177 4.93 -33.56 16.19
C LYS B 177 5.54 -32.53 17.14
N GLY B 178 6.73 -32.82 17.68
CA GLY B 178 7.39 -31.87 18.55
C GLY B 178 7.79 -30.59 17.83
N LEU B 179 8.24 -30.72 16.57
CA LEU B 179 8.60 -29.54 15.78
C LEU B 179 7.37 -28.68 15.50
N SER B 180 6.24 -29.31 15.14
CA SER B 180 5.03 -28.58 14.80
C SER B 180 4.50 -27.78 15.98
N LYS B 181 4.68 -28.28 17.21
CA LYS B 181 4.18 -27.59 18.39
C LYS B 181 4.78 -26.20 18.53
N VAL B 182 5.98 -25.99 17.99
CA VAL B 182 6.66 -24.71 18.10
C VAL B 182 6.75 -24.01 16.75
N GLY B 183 5.91 -24.41 15.79
CA GLY B 183 5.82 -23.66 14.56
C GLY B 183 6.90 -23.92 13.54
N ILE B 184 7.50 -25.10 13.56
CA ILE B 184 8.50 -25.48 12.56
C ILE B 184 7.89 -26.60 11.73
N THR B 185 7.84 -26.40 10.42
CA THR B 185 7.27 -27.41 9.55
C THR B 185 8.26 -28.55 9.39
N PRO B 186 7.93 -29.76 9.79
CA PRO B 186 8.80 -30.90 9.50
C PRO B 186 8.62 -31.35 8.06
N VAL B 187 9.69 -31.92 7.51
CA VAL B 187 9.69 -32.42 6.13
C VAL B 187 10.26 -33.83 6.14
N PHE B 188 9.43 -34.82 5.76
CA PHE B 188 9.88 -36.21 5.72
C PHE B 188 10.67 -36.46 4.45
N LYS B 189 11.79 -37.18 4.59
CA LYS B 189 12.70 -37.42 3.46
C LYS B 189 13.35 -38.78 3.64
N HIS B 190 13.87 -39.36 2.56
CA HIS B 190 13.74 -38.86 1.18
C HIS B 190 12.83 -39.79 0.39
N PHE B 191 11.73 -39.25 -0.12
CA PHE B 191 10.74 -40.07 -0.81
C PHE B 191 11.30 -40.54 -2.17
N PRO B 192 11.09 -41.80 -2.55
CA PRO B 192 10.35 -42.81 -1.80
C PRO B 192 11.20 -43.75 -0.97
N GLY B 193 12.47 -43.44 -0.74
CA GLY B 193 13.33 -44.19 0.15
C GLY B 193 14.49 -44.86 -0.58
N HIS B 194 15.37 -45.45 0.23
CA HIS B 194 16.56 -46.11 -0.29
C HIS B 194 16.42 -47.63 -0.31
N GLY B 195 17.20 -48.32 0.54
CA GLY B 195 17.19 -49.77 0.56
C GLY B 195 16.68 -50.37 1.85
N THR B 208 17.09 -47.65 -5.08
CA THR B 208 17.59 -48.63 -6.07
C THR B 208 16.97 -50.04 -6.02
N PRO B 209 16.47 -50.49 -4.86
CA PRO B 209 15.52 -51.61 -4.90
C PRO B 209 14.26 -51.21 -5.64
N ALA B 210 13.64 -52.19 -6.31
CA ALA B 210 12.47 -51.91 -7.13
C ALA B 210 11.34 -51.31 -6.29
N LEU B 211 10.41 -50.67 -6.99
CA LEU B 211 9.29 -50.02 -6.31
C LEU B 211 8.53 -51.00 -5.44
N ASP B 212 8.25 -52.21 -5.96
CA ASP B 212 7.53 -53.22 -5.19
C ASP B 212 8.18 -53.46 -3.83
N GLU B 213 9.52 -53.49 -3.80
CA GLU B 213 10.19 -53.74 -2.53
C GLU B 213 10.15 -52.52 -1.62
N LEU B 214 10.13 -51.31 -2.17
CA LEU B 214 9.95 -50.12 -1.35
C LEU B 214 8.56 -50.12 -0.71
N LYS B 215 7.55 -50.61 -1.44
CA LYS B 215 6.17 -50.55 -0.95
C LYS B 215 5.94 -51.42 0.28
N THR B 216 6.79 -52.42 0.52
CA THR B 216 6.68 -53.26 1.70
C THR B 216 7.66 -52.88 2.78
N TYR B 217 8.42 -51.81 2.59
CA TYR B 217 9.44 -51.47 3.58
C TYR B 217 9.57 -49.97 3.75
N ASP B 218 10.38 -49.32 2.91
N ASP B 218 10.36 -49.34 2.88
CA ASP B 218 10.70 -47.92 3.13
CA ASP B 218 10.71 -47.93 3.05
C ASP B 218 9.53 -46.97 2.88
C ASP B 218 9.50 -47.01 2.95
N LEU B 219 8.47 -47.43 2.22
CA LEU B 219 7.31 -46.56 2.02
C LEU B 219 6.34 -46.59 3.18
N ILE B 220 6.45 -47.59 4.06
CA ILE B 220 5.48 -47.73 5.15
C ILE B 220 5.46 -46.51 6.07
N PRO B 221 6.61 -45.95 6.51
CA PRO B 221 6.54 -44.81 7.44
C PRO B 221 5.80 -43.58 6.91
N TYR B 222 5.78 -43.34 5.59
CA TYR B 222 5.06 -42.18 5.10
C TYR B 222 3.58 -42.28 5.38
N GLY B 223 3.06 -43.51 5.50
CA GLY B 223 1.68 -43.74 5.88
C GLY B 223 1.32 -43.01 7.15
N GLN B 224 1.87 -43.46 8.29
CA GLN B 224 1.57 -42.81 9.55
C GLN B 224 2.04 -41.36 9.55
N ALA B 225 3.19 -41.09 8.92
CA ALA B 225 3.77 -39.75 8.92
C ALA B 225 2.79 -38.74 8.34
N LEU B 226 2.22 -39.04 7.19
CA LEU B 226 1.39 -38.05 6.50
C LEU B 226 -0.05 -38.04 6.99
N SER B 227 -0.48 -39.01 7.78
CA SER B 227 -1.85 -39.03 8.27
C SER B 227 -1.97 -38.49 9.69
N GLU B 228 -0.87 -38.36 10.43
CA GLU B 228 -0.94 -37.90 11.81
C GLU B 228 -0.21 -36.59 12.05
N THR B 229 0.49 -36.05 11.05
CA THR B 229 1.19 -34.78 11.18
C THR B 229 0.89 -33.91 9.99
N ASP B 230 1.32 -32.65 10.09
CA ASP B 230 1.18 -31.68 9.02
C ASP B 230 2.46 -31.53 8.21
N GLY B 231 3.36 -32.51 8.27
CA GLY B 231 4.65 -32.36 7.62
C GLY B 231 4.54 -32.35 6.12
N ALA B 232 5.57 -31.79 5.48
CA ALA B 232 5.72 -31.83 4.05
C ALA B 232 6.62 -33.01 3.68
N VAL B 233 6.87 -33.21 2.38
CA VAL B 233 7.68 -34.32 1.89
C VAL B 233 8.76 -33.80 0.97
N VAL B 235 11.47 -35.10 -2.01
CA VAL B 235 11.78 -36.19 -2.94
C VAL B 235 13.29 -36.23 -3.17
N GLY B 236 13.87 -37.43 -3.10
CA GLY B 236 15.29 -37.59 -3.32
C GLY B 236 15.64 -37.85 -4.77
N HIS B 237 16.94 -38.02 -5.01
CA HIS B 237 17.47 -38.22 -6.35
C HIS B 237 17.66 -39.67 -6.73
N ILE B 239 17.39 -43.45 -8.05
CA ILE B 239 16.76 -44.01 -9.24
C ILE B 239 16.10 -45.32 -8.83
N VAL B 240 14.78 -45.40 -9.01
CA VAL B 240 13.98 -46.52 -8.51
C VAL B 240 13.50 -47.32 -9.71
N PRO B 241 13.98 -48.55 -9.91
CA PRO B 241 13.42 -49.41 -10.94
C PRO B 241 11.94 -49.67 -10.69
N GLY B 242 11.14 -49.52 -11.75
CA GLY B 242 9.71 -49.73 -11.66
C GLY B 242 8.90 -48.51 -11.32
N LEU B 243 9.55 -47.38 -11.03
CA LEU B 243 8.88 -46.11 -10.81
C LEU B 243 9.26 -45.17 -11.94
N GLY B 244 8.32 -44.93 -12.85
CA GLY B 244 8.58 -43.99 -13.93
C GLY B 244 9.54 -44.54 -14.96
N THR B 245 10.40 -43.66 -15.46
CA THR B 245 11.28 -43.95 -16.58
C THR B 245 12.63 -44.47 -16.09
N ASP B 246 13.18 -45.43 -16.84
CA ASP B 246 14.45 -46.05 -16.48
C ASP B 246 15.58 -45.02 -16.45
N GLY B 247 16.39 -45.09 -15.39
CA GLY B 247 17.56 -44.25 -15.30
C GLY B 247 17.31 -42.83 -14.89
N VAL B 248 16.07 -42.44 -14.65
CA VAL B 248 15.76 -41.06 -14.28
C VAL B 248 15.72 -40.90 -12.76
N PRO B 249 16.45 -39.95 -12.20
CA PRO B 249 16.32 -39.67 -10.77
C PRO B 249 14.88 -39.36 -10.37
N SER B 250 14.51 -39.74 -9.16
CA SER B 250 13.12 -39.59 -8.73
C SER B 250 12.72 -38.11 -8.69
N SER B 251 13.64 -37.24 -8.28
CA SER B 251 13.33 -35.83 -8.14
C SER B 251 12.88 -35.17 -9.45
N ILE B 252 13.22 -35.74 -10.59
CA ILE B 252 12.79 -35.15 -11.86
C ILE B 252 11.90 -36.11 -12.65
N ASP B 253 11.37 -37.15 -12.01
CA ASP B 253 10.47 -38.08 -12.68
C ASP B 253 9.03 -37.78 -12.30
N PRO B 254 8.16 -37.42 -13.24
CA PRO B 254 6.76 -37.11 -12.88
C PRO B 254 6.06 -38.25 -12.16
N ALA B 255 6.46 -39.50 -12.40
CA ALA B 255 5.80 -40.60 -11.70
C ALA B 255 6.02 -40.53 -10.19
N THR B 256 7.16 -40.00 -9.74
CA THR B 256 7.37 -39.89 -8.31
C THR B 256 6.33 -38.99 -7.68
N TYR B 257 6.09 -37.83 -8.29
CA TYR B 257 5.17 -36.86 -7.72
C TYR B 257 3.73 -37.34 -7.84
N GLN B 258 3.40 -38.04 -8.93
CA GLN B 258 2.08 -38.62 -9.07
C GLN B 258 1.83 -39.71 -8.03
N LEU B 259 2.87 -40.49 -7.69
CA LEU B 259 2.73 -41.45 -6.60
C LEU B 259 2.44 -40.74 -5.28
N LEU B 260 3.12 -39.64 -5.03
CA LEU B 260 2.91 -38.91 -3.78
C LEU B 260 1.51 -38.31 -3.74
N ARG B 261 1.08 -37.70 -4.84
CA ARG B 261 -0.23 -37.06 -4.87
C ARG B 261 -1.34 -38.09 -4.65
N SER B 262 -1.27 -39.21 -5.35
CA SER B 262 -2.35 -40.20 -5.29
C SER B 262 -2.29 -41.06 -4.02
N GLY B 263 -1.11 -41.24 -3.44
CA GLY B 263 -0.97 -42.15 -2.32
C GLY B 263 -1.15 -43.60 -2.68
N ASP B 264 -0.91 -43.95 -3.94
N ASP B 264 -0.98 -43.96 -3.95
CA ASP B 264 -1.20 -45.29 -4.47
CA ASP B 264 -1.27 -45.31 -4.42
C ASP B 264 -0.11 -46.28 -4.07
C ASP B 264 -0.12 -46.26 -4.07
N TYR B 265 0.03 -46.48 -2.77
CA TYR B 265 0.98 -47.43 -2.22
C TYR B 265 0.44 -47.88 -0.87
N PRO B 266 0.81 -49.08 -0.41
CA PRO B 266 0.22 -49.63 0.82
C PRO B 266 0.28 -48.67 2.01
N GLY B 267 -0.90 -48.32 2.55
CA GLY B 267 -1.00 -47.40 3.66
C GLY B 267 -0.93 -45.94 3.29
N GLY B 268 -0.69 -45.61 2.02
CA GLY B 268 -0.48 -44.23 1.65
C GLY B 268 -1.77 -43.44 1.63
N VAL B 269 -1.65 -42.17 1.97
CA VAL B 269 -2.78 -41.24 1.88
C VAL B 269 -2.41 -40.16 0.87
N PRO B 270 -3.37 -39.68 0.07
CA PRO B 270 -3.07 -38.63 -0.90
C PRO B 270 -2.45 -37.43 -0.22
N PHE B 271 -1.50 -36.78 -0.90
CA PHE B 271 -0.77 -35.66 -0.33
C PHE B 271 -0.88 -34.45 -1.26
N ASP B 272 -1.55 -33.40 -0.79
CA ASP B 272 -1.70 -32.17 -1.56
C ASP B 272 -0.91 -31.01 -0.97
N GLY B 273 0.01 -31.29 -0.04
CA GLY B 273 0.89 -30.27 0.48
C GLY B 273 2.05 -29.99 -0.44
N VAL B 274 3.02 -29.25 0.08
CA VAL B 274 4.18 -28.84 -0.68
C VAL B 274 5.18 -29.98 -0.76
N ILE B 275 5.69 -30.25 -1.96
CA ILE B 275 6.72 -31.25 -2.18
C ILE B 275 8.04 -30.53 -2.47
N TYR B 276 9.06 -30.78 -1.66
CA TYR B 276 10.40 -30.25 -1.89
C TYR B 276 11.23 -31.24 -2.69
N THR B 277 12.25 -30.72 -3.37
CA THR B 277 13.30 -31.56 -3.92
C THR B 277 14.49 -31.56 -2.97
N ASP B 278 15.26 -32.64 -3.00
CA ASP B 278 16.60 -32.59 -2.45
C ASP B 278 17.43 -31.57 -3.24
N ASP B 279 18.60 -31.23 -2.71
CA ASP B 279 19.48 -30.25 -3.34
C ASP B 279 19.78 -30.66 -4.79
N LEU B 280 19.25 -29.91 -5.75
CA LEU B 280 19.44 -30.24 -7.16
C LEU B 280 20.87 -30.00 -7.63
N SER B 281 21.71 -29.36 -6.81
CA SER B 281 23.11 -29.18 -7.19
C SER B 281 23.94 -30.43 -6.95
N GLY B 282 23.53 -31.27 -6.00
CA GLY B 282 24.22 -32.52 -5.75
C GLY B 282 23.58 -33.71 -6.42
N HIS B 290 22.64 -32.58 -16.51
CA HIS B 290 21.83 -31.38 -16.34
C HIS B 290 22.65 -30.19 -15.80
N SER B 291 22.25 -29.00 -16.21
CA SER B 291 22.67 -27.76 -15.58
C SER B 291 21.72 -27.43 -14.43
N PRO B 292 22.11 -26.53 -13.51
CA PRO B 292 21.21 -26.23 -12.38
C PRO B 292 19.87 -25.69 -12.82
N ALA B 293 19.84 -24.78 -13.78
CA ALA B 293 18.57 -24.22 -14.24
C ALA B 293 17.71 -25.28 -14.90
N GLU B 294 18.30 -26.11 -15.75
CA GLU B 294 17.52 -27.17 -16.39
C GLU B 294 17.01 -28.17 -15.36
N ALA B 295 17.81 -28.44 -14.33
CA ALA B 295 17.38 -29.34 -13.26
C ALA B 295 16.26 -28.73 -12.43
N VAL B 296 16.31 -27.42 -12.19
CA VAL B 296 15.21 -26.74 -11.51
C VAL B 296 13.92 -26.90 -12.30
N LEU B 297 13.95 -26.53 -13.58
CA LEU B 297 12.75 -26.64 -14.42
C LEU B 297 12.28 -28.09 -14.51
N ALA B 298 13.20 -29.03 -14.70
CA ALA B 298 12.83 -30.43 -14.80
C ALA B 298 12.10 -30.92 -13.56
N SER B 299 12.49 -30.43 -12.38
CA SER B 299 11.81 -30.90 -11.17
C SER B 299 10.43 -30.27 -11.03
N LEU B 300 10.30 -28.99 -11.38
CA LEU B 300 9.00 -28.32 -11.30
C LEU B 300 8.01 -28.91 -12.28
N LYS B 301 8.46 -29.14 -13.53
CA LYS B 301 7.60 -29.76 -14.53
C LYS B 301 7.13 -31.15 -14.08
N ALA B 302 7.97 -31.88 -13.35
CA ALA B 302 7.59 -33.22 -12.92
C ALA B 302 6.56 -33.20 -11.79
N GLY B 303 6.40 -32.06 -11.11
CA GLY B 303 5.39 -31.97 -10.06
C GLY B 303 5.86 -31.36 -8.74
N ALA B 304 7.10 -30.95 -8.63
CA ALA B 304 7.56 -30.36 -7.38
C ALA B 304 6.97 -28.97 -7.20
N ASP B 305 6.82 -28.56 -5.94
CA ASP B 305 6.38 -27.20 -5.65
C ASP B 305 7.51 -26.30 -5.18
N GLN B 306 8.61 -26.87 -4.69
CA GLN B 306 9.73 -26.09 -4.17
C GLN B 306 11.00 -26.74 -4.67
N ALA B 307 11.69 -26.07 -5.59
CA ALA B 307 12.93 -26.59 -6.15
C ALA B 307 14.10 -26.04 -5.33
N LEU B 308 14.76 -26.91 -4.60
CA LEU B 308 15.85 -26.53 -3.71
C LEU B 308 17.19 -26.77 -4.38
N TRP B 309 18.06 -25.76 -4.36
CA TRP B 309 19.40 -25.99 -4.88
C TRP B 309 20.32 -24.91 -4.34
N ILE B 310 21.61 -25.20 -4.36
CA ILE B 310 22.62 -24.27 -3.85
C ILE B 310 22.98 -23.33 -4.99
N ASP B 311 22.51 -22.09 -4.89
CA ASP B 311 22.71 -21.10 -5.95
C ASP B 311 24.12 -20.54 -5.86
N TYR B 312 24.84 -20.59 -6.98
CA TYR B 312 26.17 -20.01 -7.09
C TYR B 312 26.16 -18.71 -7.88
N GLY B 313 24.98 -18.11 -8.06
CA GLY B 313 24.79 -16.93 -8.88
C GLY B 313 23.84 -17.11 -10.03
N SER B 314 23.41 -18.35 -10.33
CA SER B 314 22.58 -18.65 -11.49
C SER B 314 21.09 -18.50 -11.22
N LEU B 315 20.68 -17.88 -10.10
CA LEU B 315 19.26 -17.76 -9.80
C LEU B 315 18.52 -17.04 -10.93
N GLY B 316 19.09 -15.92 -11.40
CA GLY B 316 18.41 -15.15 -12.44
C GLY B 316 18.27 -15.93 -13.73
N SER B 317 19.27 -16.74 -14.07
CA SER B 317 19.17 -17.59 -15.26
C SER B 317 18.09 -18.65 -15.10
N ALA B 318 17.93 -19.21 -13.89
CA ALA B 318 16.87 -20.19 -13.68
C ALA B 318 15.50 -19.56 -13.83
N ILE B 319 15.31 -18.38 -13.23
CA ILE B 319 14.04 -17.68 -13.37
C ILE B 319 13.77 -17.36 -14.83
N ASP B 320 14.79 -16.94 -15.57
CA ASP B 320 14.61 -16.71 -17.00
C ASP B 320 14.12 -17.98 -17.69
N ARG B 321 14.80 -19.10 -17.46
CA ARG B 321 14.45 -20.34 -18.14
C ARG B 321 13.05 -20.81 -17.76
N VAL B 322 12.69 -20.72 -16.48
CA VAL B 322 11.39 -21.25 -16.04
C VAL B 322 10.26 -20.33 -16.44
N ASP B 323 10.45 -19.01 -16.36
CA ASP B 323 9.44 -18.09 -16.85
C ASP B 323 9.19 -18.28 -18.34
N ALA B 324 10.26 -18.51 -19.11
CA ALA B 324 10.09 -18.73 -20.54
C ALA B 324 9.38 -20.04 -20.83
N ALA B 325 9.58 -21.06 -19.99
CA ALA B 325 8.89 -22.33 -20.22
C ALA B 325 7.41 -22.20 -19.95
N VAL B 326 7.02 -21.32 -19.03
CA VAL B 326 5.59 -21.08 -18.81
C VAL B 326 5.00 -20.34 -20.01
N SER B 327 5.75 -19.38 -20.57
CA SER B 327 5.22 -18.63 -21.70
C SER B 327 5.15 -19.49 -22.95
N SER B 328 6.13 -20.38 -23.14
CA SER B 328 6.11 -21.24 -24.31
C SER B 328 5.11 -22.39 -24.21
N GLY B 329 4.61 -22.68 -23.00
CA GLY B 329 3.79 -23.85 -22.78
C GLY B 329 4.55 -25.11 -22.40
N GLU B 330 5.89 -25.07 -22.39
CA GLU B 330 6.65 -26.23 -21.96
C GLU B 330 6.34 -26.57 -20.51
N TYR B 331 6.18 -25.55 -19.66
CA TYR B 331 5.74 -25.72 -18.29
C TYR B 331 4.31 -25.20 -18.21
N PRO B 332 3.31 -26.08 -18.20
CA PRO B 332 1.91 -25.61 -18.28
C PRO B 332 1.55 -24.65 -17.16
N GLN B 333 0.84 -23.59 -17.52
CA GLN B 333 0.59 -22.49 -16.59
C GLN B 333 -0.23 -22.93 -15.39
N GLU B 334 -1.20 -23.82 -15.58
CA GLU B 334 -2.07 -24.17 -14.46
C GLU B 334 -1.35 -25.02 -13.44
N GLN B 335 -0.44 -25.90 -13.89
CA GLN B 335 0.38 -26.65 -12.95
C GLN B 335 1.27 -25.70 -12.15
N LEU B 337 0.78 -22.44 -11.49
CA LEU B 337 -0.06 -21.69 -10.55
C LEU B 337 -0.59 -22.57 -9.43
N ALA B 338 -0.89 -23.85 -9.70
CA ALA B 338 -1.31 -24.71 -8.61
C ALA B 338 -0.19 -24.89 -7.59
N SER B 339 1.05 -24.99 -8.06
CA SER B 339 2.18 -25.03 -7.13
C SER B 339 2.31 -23.71 -6.37
N ALA B 340 2.17 -22.59 -7.09
CA ALA B 340 2.30 -21.30 -6.44
C ALA B 340 1.27 -21.10 -5.33
N LEU B 341 0.07 -21.68 -5.49
CA LEU B 341 -0.95 -21.62 -4.46
C LEU B 341 -0.55 -22.46 -3.24
N ARG B 342 0.03 -23.63 -3.47
CA ARG B 342 0.52 -24.43 -2.36
C ARG B 342 1.59 -23.67 -1.58
N VAL B 343 2.49 -22.99 -2.29
CA VAL B 343 3.49 -22.20 -1.60
C VAL B 343 2.84 -21.10 -0.78
N GLN B 344 1.84 -20.41 -1.35
CA GLN B 344 1.21 -19.31 -0.61
C GLN B 344 0.44 -19.81 0.62
N LEU B 345 -0.07 -21.04 0.58
CA LEU B 345 -0.76 -21.59 1.75
C LEU B 345 0.15 -21.74 2.96
N LEU B 346 1.48 -21.73 2.76
CA LEU B 346 2.40 -21.88 3.87
C LEU B 346 2.36 -20.67 4.80
N TYR B 347 1.85 -19.54 4.34
CA TYR B 347 1.93 -18.27 5.05
C TYR B 347 0.58 -17.82 5.61
N ILE B 348 -0.35 -18.75 5.82
CA ILE B 348 -1.68 -18.38 6.26
C ILE B 348 -2.09 -19.16 7.51
N THR C 10 66.44 8.91 65.90
CA THR C 10 65.57 10.07 65.85
C THR C 10 64.11 9.69 66.13
N PRO C 11 63.56 10.22 67.22
CA PRO C 11 62.15 9.94 67.56
C PRO C 11 61.20 10.67 66.64
N PRO C 12 59.94 10.23 66.55
CA PRO C 12 58.99 10.90 65.65
C PRO C 12 58.56 12.26 66.18
N ALA C 13 58.11 13.10 65.26
CA ALA C 13 57.60 14.41 65.62
C ALA C 13 56.23 14.27 66.29
N PRO C 14 55.76 15.33 66.96
CA PRO C 14 54.40 15.29 67.51
C PRO C 14 53.36 15.10 66.41
N THR C 15 52.48 14.13 66.60
CA THR C 15 51.51 13.77 65.58
C THR C 15 50.14 14.34 65.90
N ALA C 16 49.27 14.34 64.88
CA ALA C 16 47.89 14.76 65.09
C ALA C 16 47.23 13.92 66.18
N GLU C 17 47.50 12.62 66.20
CA GLU C 17 46.90 11.74 67.20
C GLU C 17 47.37 12.09 68.62
N ASP C 18 48.55 12.68 68.76
CA ASP C 18 49.04 13.08 70.08
C ASP C 18 48.36 14.35 70.57
N LEU C 19 48.14 15.32 69.67
CA LEU C 19 47.43 16.53 70.06
C LEU C 19 45.99 16.22 70.44
N ALA C 20 45.32 15.36 69.66
CA ALA C 20 43.96 14.98 70.00
C ALA C 20 43.89 14.28 71.35
N ARG C 21 44.86 13.40 71.62
CA ARG C 21 44.88 12.66 72.88
C ARG C 21 44.89 13.62 74.07
N ALA C 22 45.68 14.69 73.99
CA ALA C 22 45.72 15.68 75.06
C ALA C 22 44.43 16.49 75.17
N GLN C 23 43.66 16.60 74.08
CA GLN C 23 42.38 17.30 74.14
C GLN C 23 41.26 16.45 74.73
N ILE C 24 41.49 15.16 74.96
CA ILE C 24 40.47 14.32 75.57
C ILE C 24 40.14 14.85 76.96
N PRO C 25 38.86 15.02 77.31
CA PRO C 25 38.52 15.71 78.56
C PRO C 25 39.06 15.01 79.80
N GLU C 26 39.25 15.80 80.86
CA GLU C 26 39.84 15.28 82.09
C GLU C 26 38.84 14.38 82.84
N GLN C 27 37.64 14.90 83.12
CA GLN C 27 36.64 14.14 83.87
C GLN C 27 36.02 13.04 83.01
N GLN C 28 35.73 11.91 83.64
CA GLN C 28 35.19 10.78 82.88
C GLN C 28 33.81 11.10 82.32
N ARG C 29 32.99 11.83 83.08
CA ARG C 29 31.66 12.18 82.57
C ARG C 29 31.74 13.05 81.32
N ASP C 30 32.76 13.90 81.23
CA ASP C 30 32.95 14.70 80.02
C ASP C 30 33.47 13.85 78.86
N GLN C 31 34.25 12.80 79.17
CA GLN C 31 34.69 11.89 78.12
C GLN C 31 33.51 11.18 77.47
N VAL C 32 32.68 10.52 78.29
CA VAL C 32 31.55 9.79 77.73
C VAL C 32 30.58 10.75 77.07
N ALA C 33 30.43 11.96 77.61
CA ALA C 33 29.51 12.91 76.99
C ALA C 33 30.00 13.32 75.60
N SER C 34 31.32 13.37 75.42
CA SER C 34 31.89 13.72 74.12
C SER C 34 31.55 12.70 73.05
N LEU C 35 31.20 11.48 73.44
CA LEU C 35 30.77 10.45 72.50
C LEU C 35 29.30 10.60 72.11
N VAL C 38 23.34 15.53 70.20
CA VAL C 38 21.89 15.63 70.37
C VAL C 38 21.31 16.66 69.42
N GLY C 39 20.14 16.37 68.87
CA GLY C 39 19.36 17.42 68.24
C GLY C 39 19.04 18.52 69.25
N VAL C 40 19.02 19.76 68.75
CA VAL C 40 18.80 20.92 69.60
C VAL C 40 17.65 21.75 69.03
N ALA C 41 16.78 22.23 69.91
CA ALA C 41 15.60 22.97 69.47
C ALA C 41 15.87 24.45 69.24
N ASN C 42 16.84 25.01 69.95
CA ASN C 42 17.11 26.45 69.87
C ASN C 42 18.46 26.70 70.54
N TYR C 43 18.86 27.97 70.57
CA TYR C 43 20.17 28.35 71.12
C TYR C 43 20.29 27.97 72.59
N ASP C 44 19.26 28.26 73.39
CA ASP C 44 19.39 27.99 74.81
C ASP C 44 19.53 26.50 75.09
N GLN C 45 18.70 25.69 74.42
CA GLN C 45 18.84 24.24 74.59
C GLN C 45 20.22 23.77 74.14
N ALA C 46 20.73 24.37 73.06
CA ALA C 46 22.06 23.97 72.57
C ALA C 46 23.15 24.33 73.57
N LEU C 47 23.10 25.53 74.12
CA LEU C 47 24.08 25.94 75.12
C LEU C 47 24.00 25.05 76.36
N ASP C 48 22.78 24.78 76.82
CA ASP C 48 22.59 23.91 77.99
C ASP C 48 23.18 22.52 77.74
N ALA C 49 23.06 22.00 76.52
CA ALA C 49 23.58 20.67 76.22
C ALA C 49 25.10 20.67 76.18
N LEU C 50 25.69 21.69 75.55
CA LEU C 50 27.15 21.76 75.47
C LEU C 50 27.77 21.98 76.85
N ASN C 51 27.09 22.70 77.73
CA ASN C 51 27.56 22.88 79.10
C ASN C 51 27.47 21.60 79.92
N GLN C 52 26.70 20.60 79.47
CA GLN C 52 26.71 19.29 80.11
C GLN C 52 27.81 18.39 79.58
N GLY C 53 28.52 18.83 78.53
CA GLY C 53 29.64 18.07 78.00
C GLY C 53 29.41 17.44 76.65
N VAL C 54 28.20 17.55 76.07
CA VAL C 54 27.90 16.81 74.86
C VAL C 54 28.88 17.18 73.76
N GLY C 55 29.23 16.19 72.92
CA GLY C 55 30.27 16.38 71.93
C GLY C 55 29.85 17.22 70.74
N GLY C 56 28.55 17.26 70.45
CA GLY C 56 28.07 18.04 69.31
C GLY C 56 26.56 18.18 69.35
N ILE C 57 26.06 19.01 68.44
CA ILE C 57 24.65 19.30 68.32
C ILE C 57 24.21 19.05 66.88
N PHE C 58 22.92 18.78 66.69
CA PHE C 58 22.37 18.35 65.41
C PHE C 58 21.24 19.30 65.01
N ILE C 59 21.45 20.08 63.96
CA ILE C 59 20.51 21.10 63.50
C ILE C 59 19.54 20.46 62.49
N GLY C 60 18.25 20.66 62.70
CA GLY C 60 17.26 20.08 61.79
C GLY C 60 15.97 20.86 61.70
N SER C 61 14.93 20.26 61.14
CA SER C 61 13.62 20.92 61.07
C SER C 61 13.06 21.17 62.46
N TRP C 62 13.53 20.46 63.47
CA TRP C 62 13.17 20.69 64.86
C TRP C 62 13.88 21.90 65.46
N THR C 63 14.77 22.55 64.71
CA THR C 63 15.64 23.59 65.25
C THR C 63 15.13 24.97 64.86
N ASP C 64 15.00 25.85 65.84
CA ASP C 64 14.82 27.27 65.57
C ASP C 64 15.83 27.75 64.56
N GLU C 65 15.34 28.32 63.46
CA GLU C 65 16.21 28.75 62.36
C GLU C 65 17.08 29.94 62.74
N ASN C 66 16.70 30.71 63.76
CA ASN C 66 17.54 31.81 64.20
C ASN C 66 18.90 31.30 64.69
N LEU C 67 18.96 30.06 65.18
CA LEU C 67 20.23 29.50 65.62
C LEU C 67 21.26 29.55 64.50
N LEU C 68 20.83 29.54 63.24
CA LEU C 68 21.77 29.66 62.13
C LEU C 68 22.06 31.10 61.74
N THR C 69 21.16 32.04 62.04
CA THR C 69 21.22 33.38 61.44
C THR C 69 21.32 34.55 62.42
N GLU C 70 20.89 34.40 63.66
CA GLU C 70 20.71 35.57 64.51
C GLU C 70 22.03 35.97 65.18
N PRO C 71 22.59 37.14 64.86
CA PRO C 71 23.84 37.55 65.50
C PRO C 71 23.69 37.58 67.01
N GLY C 72 24.74 37.16 67.71
CA GLY C 72 24.69 37.01 69.14
C GLY C 72 24.01 35.75 69.63
N ARG C 73 23.30 35.03 68.75
CA ARG C 73 22.58 33.83 69.12
C ARG C 73 22.69 32.75 68.04
N ASN C 74 23.77 32.76 67.27
CA ASN C 74 23.98 31.76 66.23
C ASN C 74 25.12 30.84 66.63
N ILE C 75 25.59 30.02 65.68
CA ILE C 75 26.62 29.04 66.01
C ILE C 75 27.91 29.73 66.43
N GLU C 76 28.23 30.85 65.79
CA GLU C 76 29.44 31.58 66.14
C GLU C 76 29.41 32.01 67.61
N ALA C 77 28.25 32.46 68.08
CA ALA C 77 28.13 32.84 69.48
C ALA C 77 28.22 31.63 70.40
N LEU C 78 27.71 30.48 69.97
CA LEU C 78 27.89 29.26 70.76
C LEU C 78 29.38 28.94 70.94
N ARG C 79 30.15 29.01 69.85
N ARG C 79 30.14 28.99 69.84
CA ARG C 79 31.58 28.73 69.94
CA ARG C 79 31.58 28.75 69.91
C ARG C 79 32.31 29.73 70.82
C ARG C 79 32.27 29.70 70.89
N GLU C 80 31.74 30.90 71.07
CA GLU C 80 32.32 31.85 72.00
C GLU C 80 31.86 31.64 73.43
N ALA C 81 30.67 31.07 73.62
CA ALA C 81 30.21 30.80 74.97
C ALA C 81 30.85 29.53 75.52
N VAL C 82 31.06 28.54 74.68
CA VAL C 82 31.67 27.27 75.07
C VAL C 82 33.15 27.35 74.72
N GLY C 83 34.00 26.98 75.67
CA GLY C 83 35.44 27.10 75.43
C GLY C 83 35.99 26.08 74.47
N ARG C 84 35.43 24.88 74.49
CA ARG C 84 35.99 23.72 73.81
C ARG C 84 35.45 23.56 72.39
N ASP C 85 36.12 22.72 71.62
CA ASP C 85 35.63 22.35 70.30
C ASP C 85 34.42 21.43 70.41
N PHE C 86 33.51 21.56 69.45
CA PHE C 86 32.37 20.66 69.34
C PHE C 86 31.92 20.59 67.89
N SER C 87 31.22 19.52 67.56
CA SER C 87 30.73 19.36 66.20
C SER C 87 29.34 19.96 66.05
N VAL C 88 29.01 20.36 64.83
CA VAL C 88 27.71 20.89 64.49
C VAL C 88 27.29 20.16 63.23
N SER C 89 26.24 19.35 63.31
CA SER C 89 25.83 18.53 62.20
C SER C 89 24.52 19.03 61.61
N ILE C 90 24.32 18.68 60.34
CA ILE C 90 23.09 18.96 59.60
C ILE C 90 22.88 17.78 58.66
N ASP C 91 21.64 17.59 58.22
CA ASP C 91 21.32 16.63 57.17
C ASP C 91 20.90 17.43 55.95
N PHE C 92 21.78 17.50 54.96
CA PHE C 92 21.70 18.44 53.84
C PHE C 92 22.14 17.65 52.60
N GLU C 93 21.21 16.94 51.99
CA GLU C 93 21.57 15.89 51.04
C GLU C 93 20.82 15.93 49.72
N GLY C 94 19.75 16.71 49.61
CA GLY C 94 18.94 16.68 48.41
C GLY C 94 17.93 15.54 48.40
N GLY C 95 16.71 15.80 47.94
CA GLY C 95 15.71 14.77 47.82
C GLY C 95 14.92 14.47 49.08
N ARG C 96 15.15 15.16 50.18
CA ARG C 96 14.46 14.91 51.45
C ARG C 96 13.65 16.13 51.85
N VAL C 97 12.44 15.91 52.37
CA VAL C 97 11.61 17.04 52.78
C VAL C 97 12.00 17.58 54.16
N GLN C 98 12.72 16.80 54.96
CA GLN C 98 13.06 17.21 56.32
C GLN C 98 14.29 18.13 56.27
N ARG C 99 14.04 19.41 55.98
CA ARG C 99 15.08 20.41 55.81
C ARG C 99 15.15 21.33 57.01
N ALA C 100 16.37 21.65 57.45
CA ALA C 100 16.53 22.52 58.61
C ALA C 100 16.13 23.95 58.28
N THR C 101 16.49 24.42 57.09
CA THR C 101 16.18 25.78 56.67
C THR C 101 16.10 25.79 55.15
N ASN C 102 15.69 26.93 54.59
CA ASN C 102 15.68 27.10 53.15
C ASN C 102 16.70 28.12 52.65
N ILE C 103 17.35 28.84 53.55
CA ILE C 103 18.22 29.92 53.10
C ILE C 103 19.52 29.43 52.51
N LEU C 104 19.90 28.18 52.77
CA LEU C 104 21.16 27.61 52.28
C LEU C 104 21.02 26.87 50.95
N GLY C 105 19.81 26.81 50.40
CA GLY C 105 19.60 26.05 49.17
C GLY C 105 19.41 24.58 49.45
N ASP C 106 19.58 23.77 48.42
CA ASP C 106 19.59 22.32 48.57
C ASP C 106 20.18 21.70 47.32
N PHE C 107 20.82 20.56 47.51
CA PHE C 107 21.22 19.74 46.38
C PHE C 107 19.98 19.26 45.63
N PRO C 108 20.11 18.97 44.34
CA PRO C 108 19.11 18.14 43.67
C PRO C 108 19.12 16.74 44.29
N SER C 109 18.11 15.95 43.95
CA SER C 109 18.10 14.58 44.45
C SER C 109 19.29 13.82 43.87
N PRO C 110 19.80 12.84 44.60
CA PRO C 110 20.92 12.05 44.06
C PRO C 110 20.64 11.45 42.69
N ARG C 111 19.42 10.93 42.49
CA ARG C 111 19.02 10.48 41.16
C ARG C 111 19.24 11.57 40.13
N VAL C 112 18.69 12.76 40.38
CA VAL C 112 18.80 13.85 39.41
C VAL C 112 20.26 14.24 39.21
N ALA C 114 22.95 12.30 39.39
CA ALA C 114 23.64 11.30 38.58
C ALA C 114 23.11 11.26 37.15
N GLN C 115 21.84 11.60 36.96
CA GLN C 115 21.29 11.48 35.61
C GLN C 115 21.60 12.69 34.73
N THR C 116 21.88 13.85 35.33
CA THR C 116 22.01 15.07 34.56
C THR C 116 23.37 15.75 34.69
N THR C 118 27.81 15.60 35.58
CA THR C 118 29.01 14.78 35.66
C THR C 118 29.47 14.68 37.10
N PRO C 119 30.28 13.68 37.44
CA PRO C 119 30.85 13.63 38.79
C PRO C 119 31.62 14.88 39.15
N GLU C 120 32.25 15.53 38.16
CA GLU C 120 32.99 16.75 38.42
C GLU C 120 32.05 17.88 38.81
N GLN C 121 30.87 17.95 38.17
CA GLN C 121 29.89 18.97 38.53
C GLN C 121 29.35 18.74 39.94
N VAL C 122 29.15 17.47 40.32
CA VAL C 122 28.64 17.20 41.65
C VAL C 122 29.66 17.62 42.70
N GLU C 123 30.93 17.31 42.46
CA GLU C 123 31.98 17.72 43.39
C GLU C 123 32.01 19.24 43.53
N ASP C 124 31.98 19.96 42.41
CA ASP C 124 31.95 21.42 42.49
C ASP C 124 30.69 21.92 43.18
N LEU C 125 29.55 21.26 42.92
CA LEU C 125 28.30 21.67 43.54
C LEU C 125 28.37 21.55 45.06
N ALA C 126 28.93 20.44 45.55
CA ALA C 126 29.08 20.25 46.99
C ALA C 126 30.07 21.25 47.60
N GLU C 127 31.12 21.62 46.86
CA GLU C 127 32.04 22.62 47.38
C GLU C 127 31.37 23.98 47.50
N ILE C 128 30.56 24.37 46.52
CA ILE C 128 29.91 25.67 46.56
C ILE C 128 28.82 25.71 47.62
N LEU C 129 27.90 24.73 47.60
CA LEU C 129 26.86 24.71 48.62
C LEU C 129 27.44 24.49 50.00
N GLY C 130 28.54 23.74 50.10
CA GLY C 130 29.19 23.56 51.37
C GLY C 130 29.81 24.81 51.92
N THR C 131 30.06 25.81 51.06
CA THR C 131 30.62 27.07 51.52
C THR C 131 29.62 27.85 52.37
N GLY C 132 28.34 27.84 51.95
CA GLY C 132 27.32 28.45 52.80
C GLY C 132 27.11 27.70 54.10
N LEU C 133 27.18 26.37 54.06
CA LEU C 133 27.11 25.58 55.29
C LEU C 133 28.24 25.94 56.26
N ALA C 134 29.47 25.98 55.75
CA ALA C 134 30.62 26.33 56.60
C ALA C 134 30.45 27.71 57.20
N ALA C 135 30.07 28.69 56.38
CA ALA C 135 29.91 30.05 56.87
C ALA C 135 28.88 30.13 57.99
N HIS C 136 28.00 29.15 58.10
CA HIS C 136 26.96 29.16 59.13
C HIS C 136 27.30 28.26 60.30
N GLY C 137 28.52 27.73 60.34
CA GLY C 137 28.98 26.98 61.49
C GLY C 137 28.81 25.48 61.41
N VAL C 138 28.36 24.94 60.28
CA VAL C 138 28.27 23.49 60.13
C VAL C 138 29.67 22.91 60.03
N THR C 139 29.91 21.79 60.73
CA THR C 139 31.16 21.05 60.59
C THR C 139 30.97 19.63 60.11
N VAL C 140 29.75 19.10 60.11
CA VAL C 140 29.48 17.71 59.76
C VAL C 140 28.16 17.66 59.00
N ASN C 141 28.13 16.91 57.91
CA ASN C 141 26.93 16.77 57.09
C ASN C 141 26.62 15.29 56.95
N PHE C 142 25.39 14.91 57.34
CA PHE C 142 24.96 13.52 57.29
C PHE C 142 24.51 13.17 55.86
N ALA C 143 25.51 13.05 54.99
CA ALA C 143 25.34 12.87 53.56
C ALA C 143 26.71 12.58 52.95
N PRO C 144 26.81 11.82 51.84
CA PRO C 144 25.74 11.29 50.99
C PRO C 144 25.29 9.89 51.34
N VAL C 145 24.01 9.60 51.08
CA VAL C 145 23.55 8.22 50.97
C VAL C 145 24.41 7.55 49.91
N VAL C 146 24.80 6.30 50.15
CA VAL C 146 25.51 5.53 49.13
C VAL C 146 24.67 4.37 48.61
N ASP C 147 23.40 4.29 49.00
CA ASP C 147 22.49 3.28 48.46
C ASP C 147 22.52 3.32 46.94
N VAL C 148 22.62 2.12 46.34
CA VAL C 148 22.79 2.02 44.90
C VAL C 148 21.58 2.60 44.17
N ASP C 149 20.36 2.29 44.65
CA ASP C 149 19.16 2.76 43.95
C ASP C 149 18.91 4.26 44.12
N ALA C 150 19.49 4.89 45.15
CA ALA C 150 19.30 6.33 45.31
C ALA C 150 19.94 7.11 44.18
N TRP C 151 21.05 6.63 43.65
CA TRP C 151 21.76 7.29 42.56
C TRP C 151 21.40 6.73 41.19
N GLY C 152 20.50 5.76 41.12
CA GLY C 152 20.11 5.15 39.87
C GLY C 152 18.65 5.39 39.54
N LEU C 153 18.27 4.93 38.33
CA LEU C 153 16.89 5.00 37.87
C LEU C 153 15.97 4.22 38.82
N PRO C 154 14.66 4.52 38.79
CA PRO C 154 13.74 3.81 39.70
C PRO C 154 13.70 2.32 39.44
N VAL C 155 13.62 1.55 40.53
CA VAL C 155 13.57 0.10 40.45
C VAL C 155 12.24 -0.36 39.88
N PHE C 161 19.26 -5.43 41.92
CA PHE C 161 20.29 -5.90 41.01
C PHE C 161 20.29 -5.12 39.68
N SER C 162 19.42 -4.11 39.59
CA SER C 162 19.24 -3.40 38.32
C SER C 162 20.28 -2.31 38.11
N ASN C 163 20.47 -1.44 39.10
CA ASN C 163 21.38 -0.31 38.96
C ASN C 163 22.83 -0.72 39.19
N ASP C 164 23.75 0.19 38.89
CA ASP C 164 25.17 -0.11 38.93
C ASP C 164 25.79 0.46 40.19
N PRO C 165 26.36 -0.38 41.06
CA PRO C 165 27.01 0.15 42.27
C PRO C 165 28.17 1.08 41.98
N ALA C 166 28.76 1.00 40.79
CA ALA C 166 29.91 1.85 40.48
C ALA C 166 29.48 3.29 40.25
N VAL C 167 28.23 3.51 39.84
CA VAL C 167 27.74 4.87 39.67
C VAL C 167 27.52 5.52 41.04
N ALA C 168 26.86 4.80 41.95
CA ALA C 168 26.69 5.33 43.29
C ALA C 168 28.02 5.62 43.95
N ALA C 169 29.00 4.73 43.76
CA ALA C 169 30.31 4.92 44.38
C ALA C 169 31.01 6.14 43.82
N THR C 170 30.94 6.32 42.50
CA THR C 170 31.60 7.46 41.87
C THR C 170 30.98 8.76 42.32
N TYR C 171 29.65 8.84 42.29
CA TYR C 171 28.98 10.10 42.56
C TYR C 171 29.00 10.45 44.04
N ALA C 172 28.92 9.45 44.92
CA ALA C 172 29.02 9.74 46.35
C ALA C 172 30.45 10.10 46.72
N THR C 173 31.45 9.53 46.05
CA THR C 173 32.82 9.89 46.37
C THR C 173 33.11 11.32 45.95
N ALA C 174 32.59 11.73 44.79
CA ALA C 174 32.73 13.11 44.34
C ALA C 174 32.00 14.07 45.28
N PHE C 175 30.75 13.74 45.62
CA PHE C 175 29.99 14.54 46.58
C PHE C 175 30.80 14.79 47.84
N ALA C 176 31.44 13.75 48.38
CA ALA C 176 32.15 13.86 49.65
C ALA C 176 33.43 14.67 49.51
N LYS C 177 34.17 14.47 48.41
CA LYS C 177 35.36 15.27 48.16
C LYS C 177 35.02 16.75 48.14
N GLY C 178 33.90 17.12 47.52
CA GLY C 178 33.54 18.53 47.44
C GLY C 178 33.27 19.13 48.81
N LEU C 179 32.53 18.42 49.66
CA LEU C 179 32.27 18.90 51.01
C LEU C 179 33.57 19.08 51.80
N SER C 180 34.53 18.17 51.62
CA SER C 180 35.76 18.23 52.40
C SER C 180 36.60 19.44 52.06
N LYS C 181 36.56 19.89 50.80
CA LYS C 181 37.32 21.06 50.39
C LYS C 181 37.01 22.29 51.23
N VAL C 182 35.84 22.35 51.85
CA VAL C 182 35.44 23.51 52.64
C VAL C 182 35.34 23.16 54.13
N GLY C 183 35.93 22.05 54.54
CA GLY C 183 36.03 21.75 55.95
C GLY C 183 34.78 21.18 56.57
N ILE C 184 33.94 20.52 55.79
CA ILE C 184 32.78 19.81 56.30
C ILE C 184 33.03 18.32 56.18
N THR C 185 32.83 17.60 57.26
CA THR C 185 33.00 16.16 57.24
C THR C 185 31.79 15.50 56.60
N PRO C 186 31.93 14.84 55.46
CA PRO C 186 30.80 14.09 54.89
C PRO C 186 30.67 12.74 55.58
N VAL C 187 29.46 12.22 55.62
CA VAL C 187 29.17 10.98 56.34
C VAL C 187 28.43 10.05 55.38
N PHE C 188 29.07 8.95 55.01
CA PHE C 188 28.43 7.94 54.18
C PHE C 188 27.42 7.16 55.01
N LYS C 189 26.25 6.91 54.43
CA LYS C 189 25.14 6.30 55.16
C LYS C 189 24.28 5.53 54.17
N HIS C 190 23.50 4.56 54.67
CA HIS C 190 23.52 4.05 56.05
C HIS C 190 24.10 2.63 56.06
N PHE C 191 25.23 2.45 56.73
CA PHE C 191 25.88 1.15 56.75
C PHE C 191 25.01 0.14 57.47
N PRO C 192 24.90 -1.11 56.97
CA PRO C 192 25.51 -1.71 55.78
C PRO C 192 24.68 -1.71 54.49
N GLY C 193 23.50 -1.11 54.50
CA GLY C 193 22.70 -0.99 53.30
C GLY C 193 21.22 -0.99 53.61
N HIS C 194 20.44 -0.41 52.71
CA HIS C 194 18.99 -0.28 52.90
C HIS C 194 18.26 -1.59 52.62
N THR C 208 14.49 -6.53 54.23
CA THR C 208 15.93 -6.38 54.41
C THR C 208 16.70 -7.55 53.81
N PRO C 209 17.65 -7.25 52.92
CA PRO C 209 18.46 -8.31 52.31
C PRO C 209 19.46 -8.87 53.32
N ALA C 210 19.90 -10.10 53.06
CA ALA C 210 20.90 -10.74 53.90
C ALA C 210 22.28 -10.18 53.61
N LEU C 211 23.18 -10.35 54.59
CA LEU C 211 24.54 -9.83 54.45
C LEU C 211 25.19 -10.33 53.18
N ASP C 212 24.93 -11.59 52.82
CA ASP C 212 25.47 -12.16 51.59
C ASP C 212 25.03 -11.35 50.37
N GLU C 213 23.79 -10.84 50.39
CA GLU C 213 23.28 -10.04 49.28
C GLU C 213 23.88 -8.63 49.29
N LEU C 214 24.09 -8.06 50.48
CA LEU C 214 24.68 -6.74 50.57
C LEU C 214 26.11 -6.74 50.03
N LYS C 215 26.87 -7.80 50.33
CA LYS C 215 28.28 -7.88 49.93
C LYS C 215 28.47 -7.82 48.43
N THR C 216 27.45 -8.13 47.65
CA THR C 216 27.53 -8.09 46.20
C THR C 216 26.84 -6.88 45.60
N TYR C 217 26.34 -5.95 46.42
CA TYR C 217 25.57 -4.85 45.87
C TYR C 217 25.71 -3.58 46.70
N ASP C 218 24.89 -3.45 47.75
N ASP C 218 24.90 -3.48 47.75
CA ASP C 218 24.86 -2.21 48.52
CA ASP C 218 24.85 -2.26 48.56
C ASP C 218 26.17 -1.92 49.24
C ASP C 218 26.19 -1.93 49.21
N LEU C 219 27.01 -2.93 49.49
CA LEU C 219 28.27 -2.68 50.19
C LEU C 219 29.38 -2.22 49.27
N ILE C 220 29.21 -2.36 47.96
CA ILE C 220 30.31 -2.05 47.03
C ILE C 220 30.73 -0.60 47.10
N PRO C 221 29.84 0.40 47.14
CA PRO C 221 30.32 1.80 47.14
C PRO C 221 31.19 2.18 48.33
N TYR C 222 31.10 1.49 49.48
CA TYR C 222 31.95 1.87 50.60
C TYR C 222 33.42 1.60 50.33
N GLY C 223 33.74 0.79 49.33
CA GLY C 223 35.14 0.49 49.05
C GLY C 223 35.88 1.69 48.47
N GLN C 224 35.29 2.34 47.48
CA GLN C 224 35.87 3.58 47.00
C GLN C 224 35.66 4.72 47.98
N ALA C 225 34.47 4.80 48.58
CA ALA C 225 34.18 5.89 49.51
C ALA C 225 35.22 5.98 50.61
N LEU C 226 35.45 4.87 51.32
CA LEU C 226 36.32 4.88 52.49
C LEU C 226 37.81 4.82 52.15
N SER C 227 38.18 4.50 50.93
CA SER C 227 39.60 4.48 50.58
C SER C 227 40.06 5.74 49.86
N GLU C 228 39.13 6.56 49.36
CA GLU C 228 39.48 7.78 48.67
C GLU C 228 39.05 9.05 49.39
N THR C 229 38.41 8.96 50.55
CA THR C 229 37.98 10.17 51.24
C THR C 229 38.20 10.03 52.74
N ASP C 230 38.15 11.17 53.42
CA ASP C 230 38.14 11.24 54.87
C ASP C 230 36.73 11.22 55.44
N GLY C 231 35.76 10.68 54.70
CA GLY C 231 34.40 10.64 55.19
C GLY C 231 34.28 9.78 56.43
N ALA C 232 33.31 10.13 57.29
CA ALA C 232 32.87 9.27 58.36
C ALA C 232 31.78 8.33 57.84
N VAL C 233 31.30 7.42 58.68
CA VAL C 233 30.21 6.52 58.31
C VAL C 233 29.13 6.58 59.38
N VAL C 235 25.85 4.29 60.81
CA VAL C 235 25.26 2.95 60.81
C VAL C 235 23.75 3.08 61.04
N GLY C 236 22.96 2.36 60.25
CA GLY C 236 21.52 2.43 60.34
C GLY C 236 20.94 1.42 61.32
N HIS C 237 19.61 1.40 61.38
CA HIS C 237 18.88 0.56 62.32
C HIS C 237 18.38 -0.73 61.71
N ILE C 239 17.68 -4.41 60.41
CA ILE C 239 18.04 -5.72 60.93
C ILE C 239 18.47 -6.57 59.75
N VAL C 240 19.72 -7.02 59.75
CA VAL C 240 20.34 -7.65 58.59
C VAL C 240 20.50 -9.15 58.87
N PRO C 241 19.72 -10.01 58.24
CA PRO C 241 19.93 -11.46 58.39
C PRO C 241 21.35 -11.85 58.02
N GLY C 242 22.00 -12.58 58.92
CA GLY C 242 23.35 -13.05 58.69
C GLY C 242 24.46 -12.13 59.15
N LEU C 243 24.12 -10.97 59.71
CA LEU C 243 25.07 -10.06 60.31
C LEU C 243 24.79 -9.99 61.81
N GLY C 244 25.72 -10.49 62.62
CA GLY C 244 25.50 -10.46 64.04
C GLY C 244 24.33 -11.35 64.43
N THR C 245 23.67 -10.97 65.52
CA THR C 245 22.65 -11.81 66.12
C THR C 245 21.29 -11.54 65.50
N ASP C 246 20.57 -12.61 65.17
CA ASP C 246 19.25 -12.53 64.56
C ASP C 246 18.34 -11.57 65.33
N GLY C 247 17.64 -10.71 64.61
CA GLY C 247 16.66 -9.81 65.20
C GLY C 247 17.19 -8.55 65.86
N VAL C 248 18.49 -8.28 65.83
CA VAL C 248 19.07 -7.11 66.49
C VAL C 248 19.35 -6.05 65.44
N PRO C 249 18.89 -4.82 65.63
CA PRO C 249 19.22 -3.73 64.69
C PRO C 249 20.73 -3.52 64.58
N SER C 250 21.17 -3.16 63.36
CA SER C 250 22.60 -3.04 63.10
C SER C 250 23.28 -2.04 64.02
N SER C 251 22.59 -0.96 64.36
CA SER C 251 23.21 0.13 65.12
C SER C 251 23.62 -0.26 66.53
N ILE C 252 23.06 -1.35 67.06
CA ILE C 252 23.46 -1.82 68.39
C ILE C 252 24.02 -3.25 68.34
N ASP C 253 24.38 -3.75 67.15
CA ASP C 253 25.01 -5.06 67.07
C ASP C 253 26.50 -4.89 66.91
N PRO C 254 27.30 -5.43 67.84
CA PRO C 254 28.78 -5.32 67.71
C PRO C 254 29.36 -5.78 66.38
N ALA C 255 28.75 -6.77 65.71
CA ALA C 255 29.36 -7.27 64.47
C ALA C 255 29.28 -6.25 63.35
N THR C 256 28.28 -5.37 63.38
CA THR C 256 28.20 -4.29 62.39
C THR C 256 29.46 -3.45 62.43
N TYR C 257 29.82 -2.94 63.60
CA TYR C 257 30.98 -2.07 63.73
C TYR C 257 32.27 -2.85 63.48
N GLN C 258 32.33 -4.11 63.90
CA GLN C 258 33.50 -4.94 63.63
C GLN C 258 33.66 -5.17 62.14
N LEU C 259 32.55 -5.34 61.42
CA LEU C 259 32.62 -5.45 59.97
C LEU C 259 33.15 -4.16 59.36
N LEU C 260 32.76 -3.01 59.93
CA LEU C 260 33.21 -1.73 59.41
C LEU C 260 34.69 -1.50 59.70
N ARG C 261 35.15 -1.88 60.90
CA ARG C 261 36.55 -1.69 61.26
C ARG C 261 37.46 -2.58 60.43
N SER C 262 37.07 -3.84 60.22
CA SER C 262 37.93 -4.79 59.52
C SER C 262 37.88 -4.62 58.01
N GLY C 263 36.82 -4.04 57.47
CA GLY C 263 36.65 -3.97 56.03
C GLY C 263 36.44 -5.32 55.38
N ASP C 264 35.91 -6.28 56.13
CA ASP C 264 35.89 -7.68 55.70
C ASP C 264 34.69 -7.97 54.80
N TYR C 265 34.62 -7.20 53.72
CA TYR C 265 33.59 -7.38 52.70
C TYR C 265 34.23 -7.03 51.37
N PRO C 266 33.70 -7.55 50.26
CA PRO C 266 34.41 -7.42 48.98
C PRO C 266 34.68 -5.96 48.64
N GLY C 267 35.96 -5.65 48.43
CA GLY C 267 36.39 -4.31 48.13
C GLY C 267 36.59 -3.43 49.34
N GLY C 268 36.17 -3.88 50.52
CA GLY C 268 36.26 -3.04 51.69
C GLY C 268 37.69 -2.75 52.10
N VAL C 269 37.85 -1.69 52.87
CA VAL C 269 39.15 -1.32 53.45
C VAL C 269 38.93 -1.14 54.93
N PRO C 270 39.93 -1.35 55.78
CA PRO C 270 39.74 -1.07 57.21
C PRO C 270 39.41 0.39 57.41
N PHE C 271 38.41 0.65 58.25
CA PHE C 271 37.97 2.02 58.55
C PHE C 271 38.20 2.30 60.02
N ASP C 272 39.04 3.29 60.30
CA ASP C 272 39.31 3.68 61.68
C ASP C 272 38.78 5.07 61.99
N GLY C 273 37.90 5.62 61.16
CA GLY C 273 37.32 6.92 61.42
C GLY C 273 36.18 6.83 62.40
N VAL C 274 35.45 7.94 62.50
CA VAL C 274 34.32 8.05 63.42
C VAL C 274 33.10 7.35 62.83
N ILE C 275 32.45 6.52 63.65
CA ILE C 275 31.18 5.89 63.28
C ILE C 275 30.06 6.55 64.08
N TYR C 276 29.12 7.19 63.38
CA TYR C 276 27.87 7.69 63.96
C TYR C 276 26.80 6.61 63.90
N THR C 277 25.82 6.72 64.78
CA THR C 277 24.59 5.96 64.65
C THR C 277 23.53 6.83 63.98
N ASP C 278 22.58 6.17 63.35
CA ASP C 278 21.36 6.87 62.98
C ASP C 278 20.67 7.36 64.26
N ASP C 279 19.70 8.25 64.08
CA ASP C 279 18.99 8.85 65.21
C ASP C 279 18.40 7.77 66.13
N LEU C 280 18.93 7.65 67.35
CA LEU C 280 18.45 6.60 68.25
C LEU C 280 17.05 6.88 68.81
N SER C 281 16.50 8.08 68.58
CA SER C 281 15.14 8.39 68.98
C SER C 281 14.10 7.82 68.03
N GLY C 282 14.52 7.30 66.87
CA GLY C 282 13.58 6.85 65.87
C GLY C 282 13.75 5.41 65.45
N SER C 284 12.77 1.41 65.18
CA SER C 284 11.53 0.71 64.95
C SER C 284 11.15 -0.13 66.16
N ALA C 285 9.84 -0.17 66.46
CA ALA C 285 9.32 -1.04 67.51
C ALA C 285 9.38 -2.53 67.14
N ILE C 286 9.90 -2.85 65.96
CA ILE C 286 10.05 -4.24 65.53
C ILE C 286 11.00 -5.00 66.44
N SER C 287 12.02 -4.32 66.97
CA SER C 287 13.02 -4.94 67.83
C SER C 287 12.73 -4.59 69.29
N ALA C 288 13.59 -5.10 70.19
CA ALA C 288 13.41 -4.92 71.61
C ALA C 288 13.44 -3.44 72.00
N THR C 289 12.52 -3.04 72.88
CA THR C 289 12.39 -1.65 73.28
C THR C 289 13.60 -1.20 74.09
N HIS C 290 14.07 0.01 73.80
CA HIS C 290 15.24 0.58 74.47
C HIS C 290 14.91 1.98 74.98
N SER C 291 15.15 2.23 76.26
CA SER C 291 15.12 3.59 76.76
C SER C 291 16.20 4.40 76.07
N PRO C 292 16.05 5.74 75.98
CA PRO C 292 17.07 6.54 75.28
C PRO C 292 18.48 6.33 75.82
N ALA C 293 18.64 6.29 77.14
CA ALA C 293 19.97 6.06 77.69
C ALA C 293 20.47 4.66 77.39
N GLU C 294 19.58 3.67 77.47
CA GLU C 294 19.96 2.30 77.13
C GLU C 294 20.38 2.20 75.66
N ALA C 295 19.68 2.90 74.78
CA ALA C 295 20.05 2.87 73.36
C ALA C 295 21.41 3.52 73.14
N VAL C 296 21.69 4.60 73.87
CA VAL C 296 22.99 5.26 73.73
C VAL C 296 24.10 4.32 74.19
N LEU C 297 23.90 3.64 75.32
CA LEU C 297 24.93 2.73 75.83
C LEU C 297 25.13 1.52 74.93
N ALA C 298 24.03 0.94 74.44
CA ALA C 298 24.17 -0.24 73.59
C ALA C 298 24.93 0.10 72.31
N SER C 299 24.68 1.28 71.75
CA SER C 299 25.34 1.63 70.50
C SER C 299 26.83 1.91 70.71
N LEU C 300 27.18 2.60 71.80
CA LEU C 300 28.59 2.83 72.12
C LEU C 300 29.30 1.53 72.45
N LYS C 301 28.70 0.69 73.30
CA LYS C 301 29.29 -0.61 73.57
C LYS C 301 29.49 -1.40 72.30
N ALA C 302 28.50 -1.36 71.39
CA ALA C 302 28.61 -2.11 70.15
C ALA C 302 29.77 -1.62 69.29
N GLY C 303 30.16 -0.36 69.45
CA GLY C 303 31.35 0.12 68.76
C GLY C 303 31.20 1.46 68.06
N ALA C 304 30.12 2.17 68.33
CA ALA C 304 29.95 3.50 67.78
C ALA C 304 30.83 4.49 68.53
N ASP C 305 31.28 5.53 67.81
CA ASP C 305 32.00 6.63 68.43
C ASP C 305 31.12 7.82 68.72
N GLN C 306 29.95 7.92 68.08
CA GLN C 306 29.05 9.05 68.24
C GLN C 306 27.63 8.51 68.27
N ALA C 307 27.01 8.52 69.45
CA ALA C 307 25.61 8.15 69.59
C ALA C 307 24.76 9.38 69.31
N LEU C 308 23.89 9.28 68.32
CA LEU C 308 23.10 10.40 67.84
C LEU C 308 21.64 10.20 68.22
N TRP C 309 21.01 11.23 68.79
CA TRP C 309 19.57 11.18 68.97
C TRP C 309 19.00 12.59 69.03
N ILE C 310 17.75 12.71 68.59
CA ILE C 310 17.16 14.02 68.29
C ILE C 310 16.38 14.56 69.47
N ASP C 311 15.52 13.74 70.06
CA ASP C 311 14.54 14.24 71.02
C ASP C 311 15.23 14.54 72.34
N TYR C 312 15.17 15.79 72.75
CA TYR C 312 15.85 16.23 73.96
C TYR C 312 15.12 15.71 75.20
N GLY C 313 15.83 15.74 76.34
CA GLY C 313 15.25 15.33 77.59
C GLY C 313 16.08 14.34 78.38
N SER C 314 16.81 13.46 77.70
CA SER C 314 17.51 12.36 78.38
C SER C 314 19.03 12.46 78.31
N LEU C 315 19.59 13.63 78.02
CA LEU C 315 21.04 13.76 77.94
C LEU C 315 21.70 13.44 79.28
N GLY C 316 21.22 14.04 80.37
CA GLY C 316 21.80 13.74 81.67
C GLY C 316 21.67 12.29 82.05
N SER C 317 20.50 11.70 81.79
CA SER C 317 20.29 10.28 82.06
C SER C 317 21.26 9.41 81.27
N ALA C 318 21.53 9.78 80.02
CA ALA C 318 22.47 9.01 79.21
C ALA C 318 23.88 9.14 79.75
N ILE C 319 24.29 10.36 80.09
CA ILE C 319 25.62 10.58 80.65
C ILE C 319 25.80 9.75 81.93
N ASP C 320 24.76 9.70 82.77
CA ASP C 320 24.82 8.88 83.98
C ASP C 320 25.02 7.40 83.65
N ARG C 321 24.16 6.86 82.77
CA ARG C 321 24.20 5.43 82.50
C ARG C 321 25.53 5.01 81.89
N VAL C 322 26.04 5.79 80.92
CA VAL C 322 27.26 5.40 80.23
C VAL C 322 28.47 5.55 81.14
N ASP C 323 28.48 6.60 81.97
CA ASP C 323 29.58 6.81 82.91
C ASP C 323 29.68 5.67 83.92
N ALA C 324 28.53 5.24 84.46
CA ALA C 324 28.53 4.13 85.39
C ALA C 324 28.97 2.83 84.72
N ALA C 325 28.68 2.68 83.41
CA ALA C 325 29.09 1.47 82.71
C ALA C 325 30.60 1.43 82.45
N VAL C 326 31.24 2.59 82.31
CA VAL C 326 32.69 2.62 82.20
C VAL C 326 33.32 2.31 83.54
N SER C 327 32.72 2.79 84.63
CA SER C 327 33.28 2.55 85.95
C SER C 327 33.16 1.10 86.35
N SER C 328 32.09 0.42 85.93
CA SER C 328 31.89 -0.97 86.29
C SER C 328 32.59 -1.92 85.32
N GLY C 329 33.17 -1.41 84.24
CA GLY C 329 33.80 -2.26 83.25
C GLY C 329 32.85 -2.81 82.21
N GLU C 330 31.55 -2.58 82.36
CA GLU C 330 30.59 -3.03 81.35
C GLU C 330 30.89 -2.41 79.99
N TYR C 331 31.29 -1.13 79.99
CA TYR C 331 31.76 -0.46 78.79
C TYR C 331 33.26 -0.24 78.97
N PRO C 332 34.12 -1.04 78.33
CA PRO C 332 35.55 -1.02 78.66
C PRO C 332 36.17 0.35 78.40
N GLN C 333 36.96 0.83 79.38
CA GLN C 333 37.55 2.15 79.31
C GLN C 333 38.46 2.29 78.10
N GLU C 334 39.21 1.24 77.78
CA GLU C 334 40.12 1.29 76.62
C GLU C 334 39.34 1.50 75.32
N GLN C 335 38.18 0.85 75.20
CA GLN C 335 37.35 1.07 74.02
C GLN C 335 36.73 2.47 74.04
N LEU C 337 37.90 5.11 75.47
CA LEU C 337 38.94 6.11 75.22
C LEU C 337 39.40 6.12 73.77
N ALA C 338 39.46 4.95 73.12
CA ALA C 338 39.75 4.93 71.69
C ALA C 338 38.70 5.71 70.91
N SER C 339 37.42 5.58 71.32
CA SER C 339 36.39 6.39 70.69
C SER C 339 36.60 7.87 70.99
N ALA C 340 36.95 8.22 72.23
CA ALA C 340 37.16 9.62 72.57
C ALA C 340 38.27 10.24 71.72
N LEU C 341 39.32 9.46 71.44
CA LEU C 341 40.42 9.94 70.62
C LEU C 341 39.96 10.21 69.19
N ARG C 342 39.23 9.26 68.60
CA ARG C 342 38.72 9.47 67.24
C ARG C 342 37.93 10.76 67.15
N VAL C 343 37.17 11.08 68.20
CA VAL C 343 36.35 12.28 68.20
C VAL C 343 37.22 13.53 68.24
N GLN C 344 38.18 13.56 69.18
CA GLN C 344 39.09 14.70 69.26
C GLN C 344 39.84 14.91 67.95
N LEU C 345 40.11 13.84 67.21
CA LEU C 345 40.77 13.97 65.92
C LEU C 345 39.95 14.75 64.91
N LEU C 346 38.64 14.90 65.14
CA LEU C 346 37.84 15.71 64.24
C LEU C 346 38.20 17.20 64.32
N TYR C 347 38.82 17.62 65.41
CA TYR C 347 39.11 19.03 65.65
C TYR C 347 40.56 19.41 65.40
N ILE C 348 41.46 18.43 65.23
CA ILE C 348 42.85 18.72 64.87
C ILE C 348 43.00 18.78 63.35
N SER D 9 21.73 46.14 -6.56
CA SER D 9 22.78 45.27 -6.06
C SER D 9 22.22 43.92 -5.62
N THR D 10 22.60 43.47 -4.40
CA THR D 10 22.16 42.20 -3.84
C THR D 10 21.28 42.43 -2.62
N PRO D 11 20.17 41.70 -2.49
CA PRO D 11 19.33 41.83 -1.31
C PRO D 11 19.88 41.04 -0.14
N PRO D 12 19.73 41.53 1.08
CA PRO D 12 20.19 40.76 2.24
C PRO D 12 19.46 39.42 2.36
N ALA D 13 20.13 38.49 3.03
CA ALA D 13 19.59 37.16 3.25
C ALA D 13 18.50 37.20 4.32
N PRO D 14 17.68 36.15 4.42
CA PRO D 14 16.64 36.12 5.46
C PRO D 14 17.24 36.19 6.86
N THR D 15 16.88 37.26 7.58
CA THR D 15 17.30 37.42 8.96
C THR D 15 16.51 36.48 9.87
N ALA D 16 17.06 36.27 11.08
CA ALA D 16 16.33 35.49 12.07
C ALA D 16 15.03 36.18 12.46
N GLU D 17 15.01 37.52 12.45
CA GLU D 17 13.76 38.24 12.65
C GLU D 17 12.76 37.90 11.56
N ASP D 18 13.20 37.85 10.31
CA ASP D 18 12.30 37.48 9.23
C ASP D 18 11.82 36.04 9.37
N LEU D 19 12.70 35.14 9.82
CA LEU D 19 12.30 33.75 10.01
C LEU D 19 11.28 33.63 11.15
N ALA D 20 11.44 34.43 12.20
CA ALA D 20 10.46 34.41 13.28
C ALA D 20 9.13 34.98 12.82
N ARG D 21 9.17 36.00 11.95
CA ARG D 21 7.94 36.58 11.45
C ARG D 21 7.09 35.52 10.75
N ALA D 22 7.73 34.61 10.01
CA ALA D 22 7.00 33.54 9.35
C ALA D 22 6.35 32.59 10.35
N GLN D 23 6.97 32.39 11.51
CA GLN D 23 6.42 31.49 12.51
C GLN D 23 5.29 32.09 13.33
N ILE D 24 4.99 33.37 13.18
CA ILE D 24 3.84 33.95 13.87
C ILE D 24 2.57 33.19 13.46
N PRO D 25 1.70 32.81 14.39
CA PRO D 25 0.53 32.02 14.02
C PRO D 25 -0.36 32.75 13.04
N GLU D 26 -1.04 31.96 12.20
CA GLU D 26 -1.85 32.53 11.14
C GLU D 26 -3.18 33.06 11.68
N GLN D 27 -3.77 32.38 12.65
CA GLN D 27 -5.04 32.82 13.21
C GLN D 27 -4.82 33.89 14.28
N GLN D 28 -5.65 34.92 14.28
CA GLN D 28 -5.46 36.03 15.21
C GLN D 28 -5.64 35.58 16.66
N ARG D 29 -6.62 34.71 16.92
CA ARG D 29 -6.76 34.10 18.24
C ARG D 29 -5.47 33.46 18.70
N ASP D 30 -4.80 32.72 17.81
CA ASP D 30 -3.52 32.10 18.16
C ASP D 30 -2.41 33.15 18.30
N GLN D 31 -2.51 34.28 17.61
CA GLN D 31 -1.50 35.32 17.79
C GLN D 31 -1.56 35.88 19.21
N VAL D 32 -2.74 36.30 19.65
CA VAL D 32 -2.84 36.88 20.99
C VAL D 32 -2.60 35.81 22.04
N ALA D 33 -2.97 34.56 21.77
CA ALA D 33 -2.73 33.51 22.75
C ALA D 33 -1.24 33.31 22.99
N SER D 34 -0.42 33.46 21.95
CA SER D 34 1.02 33.31 22.11
C SER D 34 1.60 34.37 23.04
N LEU D 35 0.87 35.45 23.29
CA LEU D 35 1.33 36.48 24.19
C LEU D 35 1.02 36.17 25.64
N VAL D 38 0.53 30.80 31.31
CA VAL D 38 -0.35 30.41 32.40
C VAL D 38 0.39 29.43 33.30
N GLY D 39 0.28 29.64 34.61
CA GLY D 39 0.70 28.62 35.54
C GLY D 39 -0.27 27.45 35.46
N VAL D 40 0.27 26.24 35.51
CA VAL D 40 -0.51 25.03 35.41
C VAL D 40 -0.22 24.16 36.62
N ALA D 41 -1.19 23.31 36.98
CA ALA D 41 -1.07 22.44 38.13
C ALA D 41 -0.54 21.05 37.80
N ASN D 42 -0.71 20.59 36.57
CA ASN D 42 -0.33 19.23 36.23
C ASN D 42 -0.24 19.12 34.72
N TYR D 43 0.00 17.89 34.25
CA TYR D 43 0.18 17.66 32.82
C TYR D 43 -1.10 17.97 32.05
N ASP D 44 -2.26 17.62 32.61
CA ASP D 44 -3.51 17.80 31.87
C ASP D 44 -3.78 19.28 31.61
N GLN D 45 -3.67 20.12 32.65
CA GLN D 45 -3.91 21.55 32.47
C GLN D 45 -2.92 22.16 31.49
N ALA D 46 -1.67 21.70 31.52
CA ALA D 46 -0.66 22.23 30.60
C ALA D 46 -1.01 21.89 29.15
N LEU D 47 -1.50 20.67 28.91
CA LEU D 47 -1.84 20.27 27.55
C LEU D 47 -3.07 21.02 27.05
N ASP D 48 -4.13 21.05 27.86
CA ASP D 48 -5.29 21.86 27.55
C ASP D 48 -4.89 23.31 27.24
N ALA D 49 -3.96 23.88 28.01
CA ALA D 49 -3.57 25.26 27.79
C ALA D 49 -2.79 25.42 26.50
N LEU D 50 -1.83 24.51 26.25
CA LEU D 50 -1.00 24.61 25.05
C LEU D 50 -1.81 24.35 23.79
N ASN D 51 -2.83 23.49 23.87
CA ASN D 51 -3.72 23.26 22.72
C ASN D 51 -4.60 24.45 22.41
N GLN D 52 -4.68 25.44 23.30
CA GLN D 52 -5.36 26.68 22.99
C GLN D 52 -4.38 27.74 22.52
N GLY D 53 -3.11 27.39 22.44
CA GLY D 53 -2.14 28.24 21.77
C GLY D 53 -1.34 29.17 22.65
N VAL D 54 -1.25 28.93 23.97
CA VAL D 54 -0.50 29.85 24.80
C VAL D 54 0.98 29.76 24.48
N GLY D 55 1.67 30.89 24.62
CA GLY D 55 3.09 30.93 24.34
C GLY D 55 3.93 30.11 25.30
N GLY D 56 3.41 29.84 26.50
CA GLY D 56 4.20 29.05 27.45
C GLY D 56 3.43 28.72 28.70
N ILE D 57 4.02 27.81 29.49
CA ILE D 57 3.44 27.41 30.76
C ILE D 57 4.42 27.74 31.88
N PHE D 58 3.86 27.93 33.08
CA PHE D 58 4.63 28.27 34.27
C PHE D 58 4.45 27.19 35.32
N ILE D 59 5.58 26.59 35.74
CA ILE D 59 5.58 25.61 36.82
C ILE D 59 5.61 26.38 38.14
N GLY D 60 4.54 26.26 38.93
CA GLY D 60 4.42 27.02 40.16
C GLY D 60 4.96 26.27 41.36
N SER D 61 4.94 26.96 42.50
CA SER D 61 5.33 26.33 43.76
C SER D 61 4.51 25.09 44.06
N TRP D 62 3.23 25.10 43.69
CA TRP D 62 2.31 24.02 44.01
C TRP D 62 2.13 23.03 42.85
N THR D 63 2.74 23.30 41.70
CA THR D 63 2.61 22.44 40.54
C THR D 63 3.08 21.02 40.86
N ASP D 64 2.35 20.04 40.34
CA ASP D 64 2.64 18.63 40.59
C ASP D 64 4.04 18.25 40.10
N GLU D 65 4.82 17.59 40.99
CA GLU D 65 6.21 17.26 40.68
C GLU D 65 6.32 16.30 39.51
N ASN D 66 5.27 15.49 39.29
CA ASN D 66 5.34 14.50 38.22
C ASN D 66 5.45 15.16 36.86
N LEU D 67 4.96 16.39 36.71
CA LEU D 67 5.12 17.11 35.44
C LEU D 67 6.58 17.23 35.05
N LEU D 68 7.50 17.21 36.01
CA LEU D 68 8.92 17.22 35.68
C LEU D 68 9.47 15.81 35.48
N THR D 69 8.97 14.81 36.19
CA THR D 69 9.65 13.53 36.27
C THR D 69 8.93 12.36 35.61
N GLU D 70 7.61 12.38 35.51
CA GLU D 70 6.84 11.20 35.09
C GLU D 70 7.01 10.89 33.61
N PRO D 71 7.67 9.79 33.23
CA PRO D 71 7.86 9.49 31.80
C PRO D 71 6.54 9.39 31.07
N GLY D 72 6.47 10.02 29.89
CA GLY D 72 5.25 10.09 29.13
C GLY D 72 4.24 11.13 29.60
N ARG D 73 4.43 11.69 30.79
CA ARG D 73 3.61 12.80 31.28
C ARG D 73 4.48 13.94 31.81
N ASN D 74 5.64 14.18 31.20
CA ASN D 74 6.47 15.29 31.63
C ASN D 74 6.61 16.34 30.54
N ILE D 75 7.63 17.22 30.63
CA ILE D 75 7.75 18.29 29.64
C ILE D 75 8.07 17.72 28.26
N GLU D 76 8.97 16.74 28.21
CA GLU D 76 9.32 16.13 26.92
C GLU D 76 8.09 15.57 26.20
N ALA D 77 7.18 14.95 26.95
CA ALA D 77 5.96 14.42 26.33
C ALA D 77 5.07 15.54 25.83
N LEU D 78 4.98 16.65 26.57
CA LEU D 78 4.27 17.83 26.08
C LEU D 78 4.81 18.26 24.73
N ARG D 79 6.13 18.40 24.62
CA ARG D 79 6.71 18.81 23.35
C ARG D 79 6.30 17.86 22.24
N GLU D 80 6.23 16.57 22.56
CA GLU D 80 5.81 15.57 21.58
C GLU D 80 4.37 15.81 21.14
N ALA D 81 3.48 16.05 22.10
CA ALA D 81 2.05 16.12 21.77
C ALA D 81 1.68 17.45 21.13
N VAL D 82 2.41 18.51 21.42
CA VAL D 82 2.00 19.86 20.99
C VAL D 82 2.59 20.21 19.63
N GLY D 83 3.83 19.80 19.35
CA GLY D 83 4.40 19.93 18.02
C GLY D 83 4.92 21.29 17.64
N ARG D 84 4.50 22.36 18.33
CA ARG D 84 5.07 23.67 18.11
C ARG D 84 5.96 24.05 19.28
N ASP D 85 6.73 25.11 19.10
CA ASP D 85 7.62 25.56 20.16
C ASP D 85 6.85 26.39 21.18
N PHE D 86 7.22 26.25 22.46
CA PHE D 86 6.62 27.00 23.55
C PHE D 86 7.62 27.08 24.69
N SER D 87 7.39 28.02 25.60
CA SER D 87 8.29 28.23 26.73
C SER D 87 7.81 27.46 27.95
N VAL D 88 8.76 27.17 28.85
CA VAL D 88 8.47 26.53 30.14
C VAL D 88 9.22 27.31 31.22
N SER D 89 8.50 28.05 32.06
CA SER D 89 9.11 28.90 33.05
C SER D 89 9.01 28.30 34.45
N ILE D 90 9.86 28.77 35.33
CA ILE D 90 9.85 28.38 36.73
C ILE D 90 10.38 29.53 37.56
N ASP D 91 9.98 29.60 38.82
CA ASP D 91 10.46 30.62 39.75
C ASP D 91 11.48 29.95 40.64
N PHE D 92 12.73 30.02 40.22
CA PHE D 92 13.81 29.27 40.85
C PHE D 92 14.88 30.26 41.29
N GLU D 93 14.50 31.18 42.19
CA GLU D 93 15.36 32.32 42.51
C GLU D 93 16.24 32.09 43.72
N GLY D 94 15.92 31.11 44.55
CA GLY D 94 16.78 30.75 45.65
C GLY D 94 16.13 31.06 46.99
N GLY D 95 16.42 30.22 47.98
CA GLY D 95 15.96 30.47 49.33
C GLY D 95 14.49 30.25 49.57
N ARG D 96 13.81 29.49 48.71
CA ARG D 96 12.38 29.23 48.88
C ARG D 96 12.07 27.81 48.42
N VAL D 97 11.39 27.05 49.28
CA VAL D 97 11.05 25.67 48.97
C VAL D 97 9.79 25.61 48.11
N GLN D 98 9.77 24.67 47.16
CA GLN D 98 8.61 24.44 46.33
C GLN D 98 8.51 22.95 46.05
N ARG D 99 7.46 22.56 45.33
CA ARG D 99 7.31 21.15 44.98
C ARG D 99 8.50 20.66 44.18
N ALA D 100 9.02 21.49 43.28
CA ALA D 100 10.14 21.07 42.46
C ALA D 100 11.46 20.96 43.22
N THR D 101 11.53 21.45 44.46
CA THR D 101 12.81 21.45 45.18
C THR D 101 13.33 20.03 45.41
N ASN D 102 12.43 19.06 45.59
CA ASN D 102 12.84 17.68 45.87
C ASN D 102 13.48 17.01 44.67
N ILE D 103 13.28 17.57 43.49
CA ILE D 103 13.86 17.08 42.24
C ILE D 103 15.08 17.93 41.92
N LEU D 104 14.90 19.24 41.80
CA LEU D 104 15.89 20.12 41.19
C LEU D 104 16.83 20.79 42.17
N GLY D 105 16.57 20.72 43.47
CA GLY D 105 17.39 21.44 44.43
C GLY D 105 16.98 22.90 44.48
N ASP D 106 17.88 23.75 44.99
CA ASP D 106 17.56 25.17 45.07
C ASP D 106 18.83 25.97 45.29
N PHE D 107 18.81 27.20 44.78
CA PHE D 107 19.85 28.16 45.13
C PHE D 107 19.72 28.55 46.58
N PRO D 108 20.81 28.96 47.22
CA PRO D 108 20.69 29.68 48.49
C PRO D 108 19.91 30.97 48.27
N SER D 109 19.52 31.60 49.36
CA SER D 109 18.91 32.91 49.22
C SER D 109 19.95 33.90 48.70
N PRO D 110 19.54 34.87 47.88
CA PRO D 110 20.50 35.87 47.38
C PRO D 110 21.37 36.49 48.46
N ARG D 111 20.80 36.75 49.64
CA ARG D 111 21.57 37.30 50.75
C ARG D 111 22.71 36.36 51.13
N VAL D 112 22.43 35.06 51.25
CA VAL D 112 23.47 34.10 51.61
C VAL D 112 24.53 34.01 50.51
N ALA D 114 25.52 36.36 48.35
CA ALA D 114 26.39 37.51 48.40
C ALA D 114 27.23 37.55 49.66
N GLN D 115 26.71 37.04 50.78
CA GLN D 115 27.47 37.08 52.02
C GLN D 115 28.54 35.99 52.08
N THR D 116 28.33 34.83 51.45
CA THR D 116 29.26 33.71 51.61
C THR D 116 29.98 33.30 50.35
N THR D 118 31.68 33.99 46.21
CA THR D 118 32.21 34.92 45.21
C THR D 118 31.27 34.96 44.00
N PRO D 119 31.38 36.01 43.17
CA PRO D 119 30.61 36.03 41.92
C PRO D 119 30.94 34.86 41.01
N GLU D 120 32.20 34.41 41.00
CA GLU D 120 32.56 33.23 40.23
C GLU D 120 31.80 31.99 40.72
N GLN D 121 31.71 31.83 42.05
CA GLN D 121 30.99 30.67 42.59
C GLN D 121 29.52 30.72 42.23
N VAL D 122 28.91 31.91 42.29
CA VAL D 122 27.50 32.02 41.99
C VAL D 122 27.24 31.72 40.52
N GLU D 123 28.12 32.18 39.63
CA GLU D 123 27.93 31.85 38.22
C GLU D 123 28.08 30.36 37.97
N ASP D 124 29.15 29.75 38.53
CA ASP D 124 29.33 28.30 38.41
C ASP D 124 28.16 27.55 39.02
N LEU D 125 27.63 28.03 40.15
CA LEU D 125 26.49 27.38 40.76
C LEU D 125 25.29 27.38 39.81
N ALA D 126 24.99 28.53 39.22
CA ALA D 126 23.85 28.63 38.31
C ALA D 126 24.03 27.75 37.07
N GLU D 127 25.27 27.57 36.61
CA GLU D 127 25.48 26.66 35.51
C GLU D 127 25.12 25.24 35.89
N ILE D 128 25.54 24.82 37.08
CA ILE D 128 25.30 23.45 37.52
C ILE D 128 23.82 23.21 37.79
N LEU D 129 23.20 24.04 38.62
CA LEU D 129 21.78 23.85 38.88
C LEU D 129 20.97 24.09 37.62
N GLY D 130 21.41 25.00 36.77
CA GLY D 130 20.73 25.20 35.50
C GLY D 130 20.75 23.96 34.62
N THR D 131 21.78 23.13 34.75
CA THR D 131 21.83 21.88 33.99
C THR D 131 20.64 20.99 34.32
N GLY D 132 20.31 20.88 35.61
CA GLY D 132 19.18 20.06 36.01
C GLY D 132 17.86 20.63 35.54
N LEU D 133 17.74 21.97 35.56
CA LEU D 133 16.56 22.61 35.02
C LEU D 133 16.40 22.28 33.53
N ALA D 134 17.47 22.46 32.76
CA ALA D 134 17.37 22.25 31.31
C ALA D 134 17.03 20.79 31.00
N ALA D 135 17.59 19.85 31.76
CA ALA D 135 17.31 18.44 31.49
C ALA D 135 15.88 18.06 31.79
N HIS D 136 15.11 18.91 32.47
CA HIS D 136 13.70 18.65 32.73
C HIS D 136 12.79 19.54 31.89
N GLY D 137 13.34 20.25 30.91
CA GLY D 137 12.55 20.97 29.94
C GLY D 137 12.30 22.43 30.25
N VAL D 138 12.83 22.94 31.35
CA VAL D 138 12.70 24.35 31.65
C VAL D 138 13.48 25.15 30.61
N THR D 139 12.86 26.21 30.09
CA THR D 139 13.56 27.14 29.20
C THR D 139 13.66 28.56 29.75
N VAL D 140 12.86 28.93 30.75
CA VAL D 140 12.86 30.27 31.31
C VAL D 140 12.88 30.17 32.84
N ASN D 141 13.71 31.00 33.48
CA ASN D 141 13.76 31.07 34.93
C ASN D 141 13.46 32.49 35.36
N PHE D 142 12.43 32.68 36.18
CA PHE D 142 12.08 34.00 36.68
C PHE D 142 13.02 34.35 37.83
N ALA D 143 14.27 34.63 37.45
CA ALA D 143 15.38 34.86 38.37
C ALA D 143 16.54 35.41 37.56
N PRO D 144 17.45 36.22 38.14
CA PRO D 144 17.51 36.67 39.54
C PRO D 144 16.68 37.89 39.91
N VAL D 145 16.31 37.98 41.19
CA VAL D 145 15.94 39.26 41.78
C VAL D 145 17.11 40.21 41.62
N VAL D 146 16.83 41.47 41.27
CA VAL D 146 17.91 42.44 41.22
C VAL D 146 17.68 43.59 42.17
N ASP D 147 16.67 43.49 43.04
CA ASP D 147 16.51 44.45 44.12
C ASP D 147 17.81 44.53 44.92
N VAL D 148 18.21 45.76 45.24
CA VAL D 148 19.51 45.95 45.86
C VAL D 148 19.55 45.35 47.26
N ASP D 149 18.41 45.36 47.96
CA ASP D 149 18.40 44.89 49.34
C ASP D 149 18.29 43.38 49.47
N ALA D 150 17.86 42.69 48.41
CA ALA D 150 17.82 41.23 48.46
C ALA D 150 19.22 40.63 48.51
N TRP D 151 20.22 41.36 48.01
CA TRP D 151 21.59 40.90 47.99
C TRP D 151 22.45 41.50 49.10
N GLY D 152 21.89 42.36 49.94
CA GLY D 152 22.64 43.07 50.95
C GLY D 152 22.40 42.54 52.35
N LEU D 153 23.05 43.19 53.31
CA LEU D 153 22.90 42.83 54.71
C LEU D 153 21.48 43.14 55.20
N PRO D 154 21.10 42.48 56.29
CA PRO D 154 19.75 42.59 56.81
C PRO D 154 19.48 43.96 57.42
N PHE D 161 17.97 53.01 52.91
CA PHE D 161 18.83 51.83 52.99
C PHE D 161 20.24 52.13 52.48
N SER D 162 21.23 51.38 52.99
CA SER D 162 22.64 51.67 52.72
C SER D 162 23.34 50.52 51.99
N ASN D 163 22.60 49.63 51.34
CA ASN D 163 23.23 48.57 50.58
C ASN D 163 23.77 49.09 49.25
N ASP D 164 24.54 48.25 48.57
CA ASP D 164 25.31 48.67 47.41
C ASP D 164 24.70 48.14 46.12
N PRO D 165 24.19 49.00 45.23
CA PRO D 165 23.63 48.49 43.97
C PRO D 165 24.63 47.79 43.09
N ALA D 166 25.90 48.19 43.13
CA ALA D 166 26.89 47.53 42.28
C ALA D 166 27.10 46.07 42.70
N VAL D 167 26.83 45.74 43.97
CA VAL D 167 26.94 44.36 44.40
C VAL D 167 25.81 43.53 43.83
N ALA D 168 24.58 44.00 43.99
CA ALA D 168 23.44 43.32 43.36
C ALA D 168 23.66 43.15 41.87
N ALA D 169 24.14 44.21 41.21
CA ALA D 169 24.44 44.13 39.78
C ALA D 169 25.47 43.04 39.49
N THR D 170 26.55 43.01 40.26
CA THR D 170 27.63 42.05 39.99
C THR D 170 27.14 40.61 40.18
N TYR D 171 26.43 40.34 41.29
CA TYR D 171 26.00 38.97 41.55
C TYR D 171 24.87 38.55 40.62
N ALA D 172 23.90 39.44 40.40
CA ALA D 172 22.80 39.09 39.51
C ALA D 172 23.27 38.88 38.08
N THR D 173 24.29 39.63 37.65
CA THR D 173 24.83 39.42 36.30
C THR D 173 25.51 38.06 36.19
N ALA D 174 26.28 37.69 37.22
CA ALA D 174 26.95 36.40 37.22
C ALA D 174 25.94 35.26 37.26
N PHE D 175 24.94 35.37 38.13
CA PHE D 175 23.86 34.38 38.19
C PHE D 175 23.23 34.20 36.81
N ALA D 176 22.95 35.30 36.13
CA ALA D 176 22.31 35.22 34.82
C ALA D 176 23.22 34.58 33.79
N LYS D 177 24.50 34.96 33.79
CA LYS D 177 25.46 34.37 32.85
C LYS D 177 25.54 32.86 33.01
N GLY D 178 25.51 32.38 34.25
CA GLY D 178 25.61 30.94 34.46
C GLY D 178 24.42 30.18 33.90
N LEU D 179 23.22 30.74 34.01
CA LEU D 179 22.04 30.08 33.46
C LEU D 179 22.06 30.12 31.94
N SER D 180 22.51 31.23 31.36
CA SER D 180 22.56 31.33 29.90
C SER D 180 23.49 30.28 29.29
N LYS D 181 24.53 29.87 30.03
CA LYS D 181 25.49 28.91 29.53
C LYS D 181 24.88 27.54 29.29
N VAL D 182 23.76 27.22 29.94
CA VAL D 182 23.13 25.91 29.79
C VAL D 182 21.77 25.99 29.14
N GLY D 183 21.41 27.13 28.56
CA GLY D 183 20.18 27.23 27.80
C GLY D 183 18.96 27.69 28.57
N ILE D 184 19.14 28.30 29.73
N ILE D 184 19.13 28.29 29.74
CA ILE D 184 18.03 28.86 30.49
CA ILE D 184 18.04 28.84 30.54
C ILE D 184 18.06 30.36 30.35
C ILE D 184 18.06 30.36 30.37
N THR D 185 16.92 30.93 29.98
CA THR D 185 16.83 32.37 29.88
C THR D 185 16.65 32.96 31.27
N PRO D 186 17.58 33.76 31.77
CA PRO D 186 17.33 34.48 33.01
C PRO D 186 16.39 35.65 32.76
N VAL D 187 15.67 36.04 33.81
CA VAL D 187 14.73 37.14 33.75
C VAL D 187 14.94 38.00 34.99
N PHE D 188 15.37 39.24 34.78
CA PHE D 188 15.57 40.14 35.90
C PHE D 188 14.23 40.67 36.37
N LYS D 189 14.08 40.83 37.68
CA LYS D 189 12.81 41.17 38.30
C LYS D 189 13.11 41.84 39.64
N HIS D 190 12.19 42.68 40.11
CA HIS D 190 10.99 43.13 39.41
C HIS D 190 11.13 44.59 39.03
N PHE D 191 11.09 44.86 37.73
CA PHE D 191 11.24 46.22 37.25
C PHE D 191 10.01 47.05 37.62
N PRO D 192 10.20 48.31 38.05
CA PRO D 192 11.47 49.03 38.16
C PRO D 192 12.11 49.02 39.55
N GLY D 193 11.59 48.25 40.49
CA GLY D 193 12.21 48.12 41.79
C GLY D 193 11.25 48.38 42.93
N HIS D 194 11.73 48.11 44.14
CA HIS D 194 10.94 48.34 45.35
C HIS D 194 11.44 49.55 46.14
N GLY D 195 11.49 49.42 47.46
CA GLY D 195 11.94 50.50 48.32
C GLY D 195 13.45 50.59 48.47
N THR D 208 7.52 52.04 45.44
CA THR D 208 6.84 52.90 46.41
C THR D 208 7.58 54.21 46.71
N PRO D 209 8.93 54.21 46.71
CA PRO D 209 9.64 55.49 46.56
C PRO D 209 9.47 56.05 45.17
N ALA D 210 9.53 57.38 45.07
CA ALA D 210 9.31 58.03 43.78
C ALA D 210 10.37 57.62 42.77
N LEU D 211 10.02 57.78 41.49
CA LEU D 211 10.87 57.33 40.39
C LEU D 211 12.28 57.88 40.50
N ASP D 212 12.41 59.15 40.88
CA ASP D 212 13.73 59.77 40.97
C ASP D 212 14.63 59.02 41.94
N GLU D 213 14.05 58.49 43.02
CA GLU D 213 14.86 57.77 43.99
C GLU D 213 15.24 56.40 43.47
N LEU D 214 14.37 55.77 42.67
CA LEU D 214 14.74 54.50 42.04
C LEU D 214 15.90 54.69 41.07
N LYS D 215 15.93 55.83 40.37
CA LYS D 215 16.93 56.07 39.35
C LYS D 215 18.34 56.18 39.93
N THR D 216 18.47 56.45 41.22
CA THR D 216 19.77 56.50 41.87
C THR D 216 20.01 55.30 42.76
N TYR D 217 19.25 54.22 42.58
CA TYR D 217 19.43 53.08 43.46
C TYR D 217 18.95 51.78 42.80
N ASP D 218 17.65 51.50 42.84
N ASP D 218 17.64 51.53 42.83
CA ASP D 218 17.17 50.19 42.39
CA ASP D 218 17.10 50.25 42.39
C ASP D 218 17.18 50.02 40.87
C ASP D 218 17.27 50.03 40.89
N LEU D 219 17.29 51.10 40.10
CA LEU D 219 17.38 50.95 38.66
C LEU D 219 18.80 50.73 38.18
N ILE D 220 19.80 50.93 39.04
CA ILE D 220 21.20 50.80 38.62
C ILE D 220 21.53 49.37 38.18
N PRO D 221 21.15 48.31 38.91
CA PRO D 221 21.53 46.96 38.47
C PRO D 221 21.05 46.60 37.08
N TYR D 222 19.93 47.16 36.61
CA TYR D 222 19.47 46.84 35.25
C TYR D 222 20.44 47.33 34.19
N GLY D 223 21.27 48.32 34.50
CA GLY D 223 22.27 48.79 33.57
C GLY D 223 23.24 47.71 33.16
N GLN D 224 23.96 47.16 34.14
CA GLN D 224 24.90 46.08 33.84
C GLN D 224 24.18 44.84 33.33
N ALA D 225 23.02 44.53 33.90
CA ALA D 225 22.34 43.27 33.59
C ALA D 225 21.94 43.20 32.13
N LEU D 226 21.32 44.25 31.60
CA LEU D 226 20.80 44.21 30.24
C LEU D 226 21.87 44.49 29.19
N SER D 227 23.05 44.96 29.60
CA SER D 227 24.12 45.24 28.65
C SER D 227 25.18 44.14 28.64
N GLU D 228 25.19 43.24 29.62
CA GLU D 228 26.15 42.16 29.68
C GLU D 228 25.55 40.77 29.57
N THR D 229 24.22 40.64 29.57
CA THR D 229 23.60 39.34 29.45
C THR D 229 22.46 39.39 28.45
N ASP D 230 21.90 38.21 28.15
CA ASP D 230 20.78 38.08 27.24
C ASP D 230 19.47 37.91 27.97
N GLY D 231 19.41 38.29 29.24
CA GLY D 231 18.23 38.05 30.03
C GLY D 231 17.07 38.93 29.62
N ALA D 232 15.87 38.48 29.98
CA ALA D 232 14.67 39.27 29.78
C ALA D 232 14.38 40.07 31.05
N VAL D 233 13.23 40.75 31.09
CA VAL D 233 12.86 41.58 32.23
C VAL D 233 11.43 41.27 32.63
N VAL D 235 8.19 42.92 34.85
CA VAL D 235 7.66 44.12 35.47
C VAL D 235 6.78 43.74 36.64
N GLY D 236 6.95 44.41 37.78
CA GLY D 236 6.17 44.12 38.97
C GLY D 236 4.90 44.95 39.07
N HIS D 237 4.19 44.72 40.17
CA HIS D 237 2.90 45.37 40.43
C HIS D 237 3.01 46.61 41.32
N ILE D 239 3.37 50.27 42.85
CA ILE D 239 2.93 51.58 42.39
C ILE D 239 4.05 52.56 42.66
N VAL D 240 4.50 53.25 41.62
CA VAL D 240 5.70 54.08 41.69
C VAL D 240 5.27 55.54 41.47
N PRO D 241 5.29 56.39 42.50
CA PRO D 241 4.95 57.81 42.29
C PRO D 241 5.89 58.43 41.26
N GLY D 242 5.32 59.24 40.38
CA GLY D 242 6.08 59.90 39.34
C GLY D 242 6.35 59.05 38.12
N LEU D 243 5.92 57.81 38.09
CA LEU D 243 6.01 56.95 36.91
C LEU D 243 4.59 56.71 36.42
N GLY D 244 4.22 57.36 35.32
CA GLY D 244 2.88 57.16 34.79
C GLY D 244 1.79 57.75 35.69
N THR D 245 0.65 57.08 35.68
CA THR D 245 -0.55 57.58 36.33
C THR D 245 -0.59 57.18 37.80
N ASP D 246 -0.95 58.14 38.66
CA ASP D 246 -1.04 57.90 40.09
C ASP D 246 -1.91 56.69 40.39
N GLY D 247 -1.43 55.83 41.30
CA GLY D 247 -2.23 54.73 41.80
C GLY D 247 -2.29 53.50 40.91
N VAL D 248 -1.66 53.50 39.75
CA VAL D 248 -1.74 52.40 38.79
C VAL D 248 -0.54 51.48 39.00
N PRO D 249 -0.74 50.18 39.19
CA PRO D 249 0.38 49.25 39.29
C PRO D 249 1.26 49.30 38.04
N SER D 250 2.58 49.16 38.24
CA SER D 250 3.52 49.39 37.14
C SER D 250 3.26 48.45 35.97
N SER D 251 2.85 47.22 36.26
CA SER D 251 2.65 46.19 35.24
C SER D 251 1.49 46.49 34.29
N ILE D 252 0.62 47.44 34.61
CA ILE D 252 -0.42 47.82 33.66
C ILE D 252 -0.36 49.32 33.35
N ASP D 253 0.79 49.95 33.54
CA ASP D 253 0.96 51.36 33.22
C ASP D 253 1.88 51.49 32.02
N PRO D 254 1.41 52.06 30.91
CA PRO D 254 2.26 52.20 29.71
C PRO D 254 3.62 52.84 29.98
N ALA D 255 3.70 53.77 30.93
CA ALA D 255 4.97 54.46 31.18
C ALA D 255 6.07 53.50 31.61
N THR D 256 5.72 52.45 32.37
CA THR D 256 6.73 51.49 32.81
C THR D 256 7.43 50.86 31.62
N TYR D 257 6.65 50.29 30.71
CA TYR D 257 7.22 49.60 29.56
C TYR D 257 7.97 50.56 28.65
N GLN D 258 7.46 51.79 28.49
CA GLN D 258 8.14 52.79 27.67
C GLN D 258 9.49 53.17 28.28
N LEU D 259 9.54 53.26 29.61
CA LEU D 259 10.82 53.45 30.31
C LEU D 259 11.78 52.31 30.03
N LEU D 260 11.27 51.09 30.00
CA LEU D 260 12.11 49.93 29.72
C LEU D 260 12.60 49.94 28.27
N ARG D 261 11.69 50.22 27.34
CA ARG D 261 12.05 50.22 25.92
C ARG D 261 13.10 51.29 25.61
N SER D 262 12.93 52.48 26.18
CA SER D 262 13.82 53.60 25.87
C SER D 262 15.11 53.57 26.67
N GLY D 263 15.11 52.93 27.83
CA GLY D 263 16.28 52.95 28.68
C GLY D 263 16.60 54.30 29.26
N ASP D 264 15.59 55.17 29.39
CA ASP D 264 15.80 56.57 29.76
C ASP D 264 15.91 56.73 31.27
N TYR D 265 16.85 55.98 31.85
CA TYR D 265 17.19 56.09 33.25
C TYR D 265 18.71 55.95 33.33
N PRO D 266 19.33 56.46 34.40
CA PRO D 266 20.80 56.50 34.46
C PRO D 266 21.40 55.11 34.29
N GLY D 267 22.26 54.98 33.27
CA GLY D 267 22.89 53.73 32.93
C GLY D 267 22.04 52.80 32.07
N GLY D 268 20.75 53.09 31.91
CA GLY D 268 19.91 52.18 31.16
C GLY D 268 20.28 52.09 29.69
N VAL D 269 20.05 50.92 29.11
CA VAL D 269 20.20 50.70 27.68
C VAL D 269 18.82 50.35 27.12
N PRO D 270 18.49 50.75 25.90
CA PRO D 270 17.20 50.36 25.34
C PRO D 270 17.06 48.85 25.32
N PHE D 271 15.84 48.37 25.56
CA PHE D 271 15.59 46.93 25.67
C PHE D 271 14.48 46.54 24.70
N ASP D 272 14.83 45.83 23.62
CA ASP D 272 13.82 45.36 22.69
C ASP D 272 13.52 43.88 22.84
N GLY D 273 13.87 43.28 23.98
CA GLY D 273 13.54 41.91 24.26
C GLY D 273 12.16 41.74 24.86
N VAL D 274 11.87 40.51 25.27
CA VAL D 274 10.56 40.16 25.80
C VAL D 274 10.42 40.71 27.21
N ILE D 275 9.29 41.35 27.51
CA ILE D 275 8.97 41.85 28.84
C ILE D 275 7.87 40.98 29.43
N TYR D 276 8.15 40.34 30.57
CA TYR D 276 7.16 39.56 31.28
C TYR D 276 6.46 40.43 32.32
N THR D 277 5.24 40.08 32.68
CA THR D 277 4.62 40.62 33.87
C THR D 277 4.82 39.65 35.02
N ASP D 278 4.77 40.18 36.23
CA ASP D 278 4.55 39.31 37.38
C ASP D 278 3.16 38.71 37.26
N ASP D 279 2.93 37.67 38.06
CA ASP D 279 1.65 36.95 38.11
C ASP D 279 0.49 37.91 38.27
N LEU D 280 -0.31 38.09 37.22
CA LEU D 280 -1.39 39.08 37.26
C LEU D 280 -2.52 38.64 38.20
N SER D 281 -2.56 37.36 38.57
CA SER D 281 -3.57 36.90 39.52
C SER D 281 -3.32 37.43 40.92
N GLY D 282 -2.09 37.79 41.26
CA GLY D 282 -1.75 38.23 42.60
C GLY D 282 -1.69 39.72 42.79
N HIS D 290 -9.18 44.83 38.87
CA HIS D 290 -9.17 44.15 37.58
C HIS D 290 -9.45 42.66 37.71
N SER D 291 -10.40 42.17 36.91
CA SER D 291 -10.56 40.75 36.69
C SER D 291 -9.33 40.20 35.96
N PRO D 292 -9.08 38.90 36.05
CA PRO D 292 -7.90 38.33 35.35
C PRO D 292 -7.80 38.68 33.87
N ALA D 293 -8.88 38.48 33.11
CA ALA D 293 -8.84 38.76 31.68
C ALA D 293 -8.57 40.24 31.40
N GLU D 294 -9.18 41.13 32.18
CA GLU D 294 -8.92 42.56 32.00
C GLU D 294 -7.47 42.90 32.34
N ALA D 295 -6.91 42.24 33.35
CA ALA D 295 -5.52 42.53 33.73
C ALA D 295 -4.55 42.05 32.66
N VAL D 296 -4.85 40.90 32.04
CA VAL D 296 -4.07 40.43 30.90
C VAL D 296 -4.08 41.47 29.78
N LEU D 297 -5.26 41.89 29.36
CA LEU D 297 -5.37 42.87 28.28
C LEU D 297 -4.67 44.18 28.66
N ALA D 298 -4.87 44.64 29.89
CA ALA D 298 -4.30 45.92 30.29
C ALA D 298 -2.78 45.88 30.30
N SER D 299 -2.20 44.76 30.69
CA SER D 299 -0.73 44.70 30.69
C SER D 299 -0.18 44.56 29.28
N LEU D 300 -0.89 43.83 28.42
CA LEU D 300 -0.45 43.73 27.02
C LEU D 300 -0.59 45.07 26.32
N LYS D 301 -1.70 45.78 26.55
CA LYS D 301 -1.88 47.10 25.97
C LYS D 301 -0.80 48.06 26.45
N ALA D 302 -0.41 47.97 27.73
CA ALA D 302 0.60 48.86 28.26
C ALA D 302 1.98 48.62 27.67
N GLY D 303 2.22 47.43 27.11
CA GLY D 303 3.51 47.16 26.48
C GLY D 303 4.15 45.82 26.77
N ALA D 304 3.55 44.99 27.63
CA ALA D 304 4.17 43.70 27.90
C ALA D 304 4.09 42.81 26.67
N ASP D 305 4.96 41.79 26.63
CA ASP D 305 4.92 40.78 25.58
C ASP D 305 4.50 39.42 26.07
N GLN D 306 4.54 39.19 27.37
CA GLN D 306 4.16 37.90 27.96
C GLN D 306 3.36 38.22 29.23
N ALA D 307 2.05 38.06 29.13
CA ALA D 307 1.19 38.25 30.30
C ALA D 307 1.16 36.95 31.08
N LEU D 308 1.74 36.95 32.27
CA LEU D 308 1.82 35.77 33.12
C LEU D 308 0.76 35.82 34.19
N TRP D 309 -0.02 34.76 34.31
CA TRP D 309 -0.99 34.69 35.39
C TRP D 309 -1.39 33.25 35.64
N ILE D 310 -1.88 32.98 36.83
CA ILE D 310 -2.31 31.64 37.20
C ILE D 310 -3.72 31.45 36.66
N ASP D 311 -3.85 30.60 35.66
CA ASP D 311 -5.14 30.32 35.06
C ASP D 311 -5.93 29.36 35.93
N TYR D 312 -7.22 29.64 36.06
CA TYR D 312 -8.14 28.75 36.77
C TYR D 312 -9.22 28.21 35.84
N GLY D 313 -8.99 28.28 34.53
CA GLY D 313 -10.01 28.03 33.53
C GLY D 313 -10.45 29.28 32.78
N SER D 314 -9.97 30.46 33.17
CA SER D 314 -10.29 31.71 32.50
C SER D 314 -9.56 31.90 31.16
N LEU D 315 -8.70 30.96 30.76
CA LEU D 315 -7.82 31.21 29.62
C LEU D 315 -8.61 31.50 28.34
N GLY D 316 -9.59 30.64 28.01
CA GLY D 316 -10.43 30.90 26.86
C GLY D 316 -11.06 32.28 26.89
N SER D 317 -11.52 32.70 28.07
CA SER D 317 -12.16 34.02 28.21
C SER D 317 -11.16 35.15 27.99
N ALA D 318 -9.92 35.00 28.48
CA ALA D 318 -8.90 36.00 28.19
C ALA D 318 -8.61 36.10 26.70
N ILE D 319 -8.49 34.97 26.03
CA ILE D 319 -8.27 34.98 24.58
C ILE D 319 -9.43 35.67 23.89
N ASP D 320 -10.66 35.39 24.31
CA ASP D 320 -11.82 36.07 23.73
C ASP D 320 -11.71 37.58 23.89
N ARG D 321 -11.38 38.04 25.10
CA ARG D 321 -11.32 39.48 25.37
C ARG D 321 -10.21 40.15 24.57
N VAL D 322 -9.01 39.58 24.58
CA VAL D 322 -7.88 40.23 23.91
C VAL D 322 -8.08 40.21 22.41
N ASP D 323 -8.53 39.07 21.87
CA ASP D 323 -8.76 38.97 20.43
C ASP D 323 -9.82 39.96 19.97
N ALA D 324 -10.89 40.14 20.75
CA ALA D 324 -11.87 41.13 20.40
C ALA D 324 -11.29 42.54 20.50
N ALA D 325 -10.37 42.76 21.44
CA ALA D 325 -9.74 44.06 21.60
C ALA D 325 -8.88 44.40 20.39
N VAL D 326 -8.26 43.39 19.76
CA VAL D 326 -7.51 43.63 18.53
C VAL D 326 -8.47 44.00 17.41
N SER D 327 -9.58 43.27 17.29
CA SER D 327 -10.51 43.55 16.19
C SER D 327 -11.20 44.89 16.36
N SER D 328 -11.44 45.33 17.60
CA SER D 328 -12.12 46.59 17.83
C SER D 328 -11.17 47.79 17.75
N GLY D 329 -9.86 47.56 17.78
CA GLY D 329 -8.90 48.63 17.81
C GLY D 329 -8.46 49.05 19.19
N GLU D 330 -9.10 48.52 20.24
CA GLU D 330 -8.69 48.85 21.60
C GLU D 330 -7.26 48.39 21.88
N TYR D 331 -6.84 47.28 21.26
CA TYR D 331 -5.45 46.82 21.33
C TYR D 331 -4.88 46.90 19.91
N PRO D 332 -4.10 47.93 19.58
CA PRO D 332 -3.71 48.14 18.17
C PRO D 332 -2.94 46.95 17.61
N GLN D 333 -3.39 46.50 16.43
CA GLN D 333 -2.83 45.29 15.82
C GLN D 333 -1.34 45.40 15.58
N GLU D 334 -0.86 46.58 15.21
CA GLU D 334 0.57 46.79 15.02
C GLU D 334 1.36 46.47 16.28
N GLN D 335 0.89 46.98 17.42
CA GLN D 335 1.57 46.72 18.69
C GLN D 335 1.54 45.25 19.05
N LEU D 337 1.21 42.64 17.09
CA LEU D 337 2.03 41.83 16.21
C LEU D 337 3.52 42.00 16.48
N ALA D 338 3.95 43.19 16.92
CA ALA D 338 5.34 43.38 17.31
C ALA D 338 5.69 42.60 18.57
N SER D 339 4.75 42.47 19.51
CA SER D 339 4.97 41.58 20.63
C SER D 339 5.04 40.12 20.18
N ALA D 340 4.14 39.73 19.26
CA ALA D 340 4.15 38.35 18.79
C ALA D 340 5.45 37.98 18.11
N LEU D 341 6.08 38.96 17.43
CA LEU D 341 7.39 38.74 16.83
C LEU D 341 8.44 38.50 17.90
N ARG D 342 8.52 39.38 18.91
CA ARG D 342 9.44 39.17 20.03
C ARG D 342 9.29 37.76 20.60
N VAL D 343 8.06 37.26 20.66
CA VAL D 343 7.87 35.94 21.23
C VAL D 343 8.44 34.87 20.32
N GLN D 344 8.14 34.94 19.02
CA GLN D 344 8.66 33.93 18.10
C GLN D 344 10.18 33.95 18.06
N LEU D 345 10.78 35.13 18.24
CA LEU D 345 12.24 35.23 18.32
C LEU D 345 12.84 34.36 19.42
N LEU D 346 12.07 34.02 20.45
CA LEU D 346 12.59 33.17 21.52
C LEU D 346 12.99 31.80 21.04
N TYR D 347 12.45 31.36 19.89
CA TYR D 347 12.62 30.01 19.39
C TYR D 347 13.43 29.95 18.11
N ILE D 348 14.50 30.73 18.02
CA ILE D 348 15.33 30.74 16.83
C ILE D 348 16.81 30.78 17.18
N PRO E 14 -5.27 14.91 10.57
CA PRO E 14 -6.50 14.42 9.93
C PRO E 14 -7.13 15.50 9.06
N THR E 15 -6.53 16.70 9.08
CA THR E 15 -7.04 17.85 8.35
C THR E 15 -6.34 17.97 7.00
N ALA E 16 -6.59 19.07 6.28
CA ALA E 16 -5.99 19.26 4.97
C ALA E 16 -4.48 19.43 5.08
N GLU E 17 -4.02 20.25 6.02
CA GLU E 17 -2.59 20.51 6.17
C GLU E 17 -1.83 19.25 6.57
N ASP E 18 -2.47 18.37 7.35
CA ASP E 18 -1.82 17.12 7.74
C ASP E 18 -1.69 16.17 6.56
N LEU E 19 -2.71 16.12 5.70
CA LEU E 19 -2.62 15.27 4.51
C LEU E 19 -1.56 15.79 3.54
N ALA E 20 -1.48 17.11 3.37
CA ALA E 20 -0.47 17.69 2.48
C ALA E 20 0.93 17.46 3.02
N ARG E 21 1.14 17.75 4.31
CA ARG E 21 2.46 17.55 4.92
C ARG E 21 2.93 16.11 4.76
N ALA E 22 2.01 15.15 4.79
CA ALA E 22 2.38 13.75 4.63
C ALA E 22 2.81 13.42 3.21
N GLN E 23 2.46 14.26 2.24
CA GLN E 23 2.80 14.03 0.84
C GLN E 23 4.04 14.82 0.40
N ILE E 24 4.69 15.53 1.31
CA ILE E 24 5.95 16.19 0.96
C ILE E 24 7.01 15.14 0.65
N PRO E 25 7.77 15.26 -0.44
CA PRO E 25 8.71 14.21 -0.82
C PRO E 25 9.70 13.86 0.29
N GLU E 26 10.19 12.62 0.25
CA GLU E 26 11.06 12.10 1.30
C GLU E 26 12.48 12.64 1.17
N GLN E 27 13.05 12.59 -0.04
CA GLN E 27 14.41 13.05 -0.26
C GLN E 27 14.44 14.56 -0.44
N GLN E 28 15.47 15.20 0.11
CA GLN E 28 15.57 16.66 0.06
C GLN E 28 15.65 17.17 -1.37
N ARG E 29 16.31 16.41 -2.26
CA ARG E 29 16.38 16.81 -3.66
C ARG E 29 14.99 16.91 -4.28
N ASP E 30 14.14 15.91 -4.01
CA ASP E 30 12.78 15.96 -4.53
C ASP E 30 11.95 17.05 -3.87
N GLN E 31 12.30 17.41 -2.62
CA GLN E 31 11.58 18.49 -1.94
C GLN E 31 11.82 19.83 -2.63
N VAL E 32 13.09 20.20 -2.79
CA VAL E 32 13.39 21.49 -3.42
C VAL E 32 12.93 21.48 -4.87
N ALA E 33 12.97 20.31 -5.53
CA ALA E 33 12.52 20.22 -6.92
C ALA E 33 11.04 20.47 -7.05
N SER E 34 10.25 20.17 -6.01
CA SER E 34 8.82 20.44 -6.05
C SER E 34 8.50 21.93 -5.94
N LEU E 35 9.49 22.77 -5.62
CA LEU E 35 9.31 24.21 -5.62
C LEU E 35 9.63 24.85 -6.97
N VAL E 38 9.02 24.33 -14.75
CA VAL E 38 9.79 24.58 -15.97
C VAL E 38 8.88 24.48 -17.17
N GLY E 39 9.17 25.29 -18.19
CA GLY E 39 8.53 25.13 -19.48
C GLY E 39 9.00 23.86 -20.16
N VAL E 40 8.10 23.23 -20.93
CA VAL E 40 8.41 21.97 -21.57
C VAL E 40 8.16 22.10 -23.07
N ALA E 41 9.05 21.50 -23.85
CA ALA E 41 8.98 21.60 -25.30
C ALA E 41 8.06 20.57 -25.94
N ASN E 42 7.89 19.41 -25.29
CA ASN E 42 7.13 18.29 -25.86
C ASN E 42 6.94 17.24 -24.77
N TYR E 43 6.23 16.16 -25.13
CA TYR E 43 5.97 15.08 -24.18
C TYR E 43 7.26 14.46 -23.66
N ASP E 44 8.20 14.16 -24.56
CA ASP E 44 9.43 13.48 -24.15
C ASP E 44 10.25 14.34 -23.21
N GLN E 45 10.30 15.65 -23.46
CA GLN E 45 11.02 16.53 -22.55
C GLN E 45 10.28 16.69 -21.22
N ALA E 46 8.94 16.72 -21.26
CA ALA E 46 8.18 16.92 -20.03
C ALA E 46 8.27 15.69 -19.14
N LEU E 47 8.20 14.49 -19.73
CA LEU E 47 8.39 13.27 -18.94
C LEU E 47 9.78 13.23 -18.31
N ASP E 48 10.78 13.77 -19.00
CA ASP E 48 12.13 13.78 -18.47
C ASP E 48 12.27 14.77 -17.33
N ALA E 49 11.63 15.94 -17.45
CA ALA E 49 11.63 16.92 -16.37
C ALA E 49 10.94 16.37 -15.13
N LEU E 50 9.77 15.75 -15.32
CA LEU E 50 9.04 15.19 -14.19
C LEU E 50 9.80 14.04 -13.54
N ASN E 51 10.59 13.30 -14.32
CA ASN E 51 11.38 12.23 -13.73
C ASN E 51 12.60 12.73 -12.96
N GLN E 52 12.92 14.02 -13.07
CA GLN E 52 13.94 14.63 -12.23
C GLN E 52 13.38 15.20 -10.94
N GLY E 53 12.07 15.07 -10.70
CA GLY E 53 11.45 15.57 -9.50
C GLY E 53 10.76 16.90 -9.63
N VAL E 54 10.68 17.48 -10.84
CA VAL E 54 10.17 18.84 -10.97
C VAL E 54 8.70 18.89 -10.53
N GLY E 55 8.33 19.98 -9.86
CA GLY E 55 7.00 20.06 -9.29
C GLY E 55 5.89 20.31 -10.30
N GLY E 56 6.22 20.89 -11.45
CA GLY E 56 5.21 21.21 -12.43
C GLY E 56 5.84 21.57 -13.76
N ILE E 57 4.98 21.64 -14.78
CA ILE E 57 5.41 21.96 -16.14
C ILE E 57 4.56 23.11 -16.66
N PHE E 58 5.11 23.85 -17.62
CA PHE E 58 4.53 25.09 -18.12
C PHE E 58 4.33 24.96 -19.63
N ILE E 59 3.07 24.92 -20.05
CA ILE E 59 2.69 24.78 -21.46
C ILE E 59 2.59 26.17 -22.08
N GLY E 60 3.20 26.35 -23.25
CA GLY E 60 3.17 27.65 -23.88
C GLY E 60 3.39 27.58 -25.37
N SER E 61 3.69 28.74 -25.97
CA SER E 61 4.00 28.80 -27.39
C SER E 61 5.31 28.08 -27.71
N TRP E 62 6.13 27.80 -26.71
CA TRP E 62 7.33 26.99 -26.87
C TRP E 62 7.05 25.50 -26.86
N THR E 63 5.79 25.09 -26.72
CA THR E 63 5.43 23.70 -26.49
C THR E 63 4.82 23.08 -27.74
N ASP E 64 5.25 21.87 -28.06
CA ASP E 64 4.58 21.04 -29.06
C ASP E 64 3.09 20.96 -28.77
N GLU E 65 2.29 21.39 -29.74
CA GLU E 65 0.84 21.38 -29.58
C GLU E 65 0.31 19.97 -29.27
N ASN E 66 1.02 18.94 -29.74
CA ASN E 66 0.52 17.57 -29.58
C ASN E 66 0.48 17.15 -28.11
N LEU E 67 1.32 17.76 -27.26
CA LEU E 67 1.29 17.47 -25.84
C LEU E 67 -0.08 17.64 -25.23
N LEU E 68 -0.94 18.47 -25.83
CA LEU E 68 -2.28 18.68 -25.33
C LEU E 68 -3.29 17.71 -25.91
N THR E 69 -2.99 17.10 -27.07
CA THR E 69 -3.96 16.36 -27.85
C THR E 69 -3.61 14.92 -28.16
N GLU E 70 -2.33 14.60 -28.35
CA GLU E 70 -1.95 13.29 -28.90
C GLU E 70 -2.24 12.15 -27.92
N PRO E 71 -3.17 11.24 -28.24
CA PRO E 71 -3.45 10.13 -27.32
C PRO E 71 -2.20 9.30 -27.07
N GLY E 72 -2.02 8.90 -25.81
CA GLY E 72 -0.80 8.26 -25.38
C GLY E 72 0.35 9.21 -25.14
N ARG E 73 0.25 10.46 -25.57
CA ARG E 73 1.35 11.43 -25.40
C ARG E 73 0.84 12.78 -24.93
N ASN E 74 -0.32 12.82 -24.26
CA ASN E 74 -0.86 14.08 -23.75
C ASN E 74 -0.66 14.15 -22.24
N ILE E 75 -1.38 15.07 -21.60
CA ILE E 75 -1.19 15.30 -20.17
C ILE E 75 -1.73 14.12 -19.37
N GLU E 76 -2.85 13.55 -19.79
CA GLU E 76 -3.37 12.34 -19.16
C GLU E 76 -2.35 11.21 -19.18
N ALA E 77 -1.59 11.09 -20.27
CA ALA E 77 -0.56 10.05 -20.36
C ALA E 77 0.60 10.37 -19.42
N LEU E 78 0.96 11.65 -19.30
CA LEU E 78 2.00 12.04 -18.35
C LEU E 78 1.64 11.64 -16.93
N ARG E 79 0.39 11.90 -16.52
CA ARG E 79 -0.05 11.51 -15.18
C ARG E 79 0.00 9.99 -14.98
N GLU E 80 -0.08 9.21 -16.06
CA GLU E 80 0.04 7.75 -15.92
C GLU E 80 1.48 7.31 -15.77
N ALA E 81 2.40 7.95 -16.50
CA ALA E 81 3.81 7.57 -16.39
C ALA E 81 4.43 8.05 -15.09
N VAL E 82 3.94 9.18 -14.55
CA VAL E 82 4.47 9.77 -13.34
C VAL E 82 3.57 9.37 -12.17
N GLY E 83 4.17 8.84 -11.11
CA GLY E 83 3.37 8.30 -10.03
C GLY E 83 3.04 9.27 -8.91
N ARG E 84 3.01 10.57 -9.20
CA ARG E 84 2.71 11.57 -8.20
C ARG E 84 1.92 12.71 -8.83
N ASP E 85 1.39 13.58 -7.98
CA ASP E 85 0.68 14.78 -8.42
C ASP E 85 1.68 15.86 -8.83
N PHE E 86 1.35 16.58 -9.90
CA PHE E 86 2.14 17.73 -10.35
C PHE E 86 1.21 18.74 -11.01
N SER E 87 1.70 19.96 -11.15
CA SER E 87 0.90 21.03 -11.73
C SER E 87 1.20 21.17 -13.22
N VAL E 88 0.18 21.54 -13.97
CA VAL E 88 0.29 21.85 -15.40
C VAL E 88 -0.22 23.28 -15.58
N SER E 89 0.68 24.21 -15.87
CA SER E 89 0.33 25.62 -15.99
C SER E 89 0.26 26.05 -17.44
N ILE E 90 -0.49 27.15 -17.65
CA ILE E 90 -0.70 27.73 -18.96
C ILE E 90 -0.94 29.22 -18.73
N ASP E 91 -0.72 30.02 -19.78
CA ASP E 91 -1.03 31.45 -19.73
C ASP E 91 -2.13 31.68 -20.77
N PHE E 92 -3.37 31.79 -20.27
CA PHE E 92 -4.60 31.80 -21.08
C PHE E 92 -5.45 32.98 -20.58
N GLU E 93 -5.17 34.17 -21.09
CA GLU E 93 -5.66 35.40 -20.47
C GLU E 93 -6.33 36.39 -21.40
N GLY E 94 -6.15 36.28 -22.71
CA GLY E 94 -6.73 37.24 -23.63
C GLY E 94 -5.81 38.42 -23.90
N GLY E 95 -5.80 38.92 -25.12
CA GLY E 95 -5.05 40.10 -25.47
C GLY E 95 -3.56 39.89 -25.67
N ARG E 96 -3.07 38.64 -25.59
CA ARG E 96 -1.64 38.35 -25.71
C ARG E 96 -1.41 37.44 -26.90
N VAL E 97 -0.30 37.68 -27.61
CA VAL E 97 -0.03 36.88 -28.81
C VAL E 97 0.70 35.58 -28.48
N GLN E 98 1.26 35.44 -27.28
CA GLN E 98 2.02 34.24 -26.92
C GLN E 98 1.05 33.14 -26.48
N ARG E 99 0.38 32.54 -27.47
CA ARG E 99 -0.64 31.53 -27.23
C ARG E 99 -0.06 30.13 -27.39
N ALA E 100 -0.33 29.28 -26.40
CA ALA E 100 0.14 27.90 -26.45
C ALA E 100 -0.46 27.15 -27.64
N THR E 101 -1.76 27.30 -27.85
CA THR E 101 -2.46 26.62 -28.92
C THR E 101 -3.63 27.49 -29.35
N ASN E 102 -4.32 27.05 -30.41
CA ASN E 102 -5.52 27.72 -30.87
C ASN E 102 -6.79 26.90 -30.66
N ILE E 103 -6.67 25.61 -30.34
CA ILE E 103 -7.85 24.76 -30.30
C ILE E 103 -8.72 25.00 -29.07
N LEU E 104 -8.21 25.72 -28.06
CA LEU E 104 -8.95 25.98 -26.84
C LEU E 104 -9.66 27.34 -26.84
N GLY E 105 -9.55 28.10 -27.93
CA GLY E 105 -10.13 29.43 -27.97
C GLY E 105 -9.28 30.42 -27.20
N ASP E 106 -9.89 31.56 -26.87
CA ASP E 106 -9.20 32.57 -26.07
C ASP E 106 -10.22 33.57 -25.56
N PHE E 107 -9.94 34.11 -24.37
CA PHE E 107 -10.70 35.24 -23.87
C PHE E 107 -10.53 36.44 -24.79
N PRO E 108 -11.48 37.37 -24.79
CA PRO E 108 -11.21 38.71 -25.34
C PRO E 108 -10.20 39.42 -24.45
N SER E 109 -9.70 40.55 -24.95
CA SER E 109 -8.82 41.36 -24.13
C SER E 109 -9.54 41.78 -22.84
N PRO E 110 -8.84 41.84 -21.72
CA PRO E 110 -9.48 42.37 -20.49
C PRO E 110 -10.19 43.70 -20.72
N ARG E 111 -9.62 44.58 -21.53
CA ARG E 111 -10.29 45.85 -21.83
C ARG E 111 -11.63 45.61 -22.51
N VAL E 112 -11.65 44.71 -23.50
CA VAL E 112 -12.89 44.44 -24.22
C VAL E 112 -13.90 43.74 -23.29
N ALA E 114 -14.25 44.10 -19.96
CA ALA E 114 -14.84 45.06 -19.04
C ALA E 114 -15.69 46.08 -19.78
N GLN E 115 -15.36 46.37 -21.03
CA GLN E 115 -16.08 47.40 -21.77
C GLN E 115 -17.40 46.88 -22.34
N THR E 116 -17.47 45.60 -22.74
CA THR E 116 -18.62 45.08 -23.46
C THR E 116 -19.44 44.08 -22.66
N THR E 118 -20.78 42.08 -18.79
CA THR E 118 -20.99 42.25 -17.36
C THR E 118 -20.06 41.31 -16.60
N PRO E 119 -19.76 41.62 -15.34
CA PRO E 119 -18.94 40.68 -14.55
C PRO E 119 -19.54 39.29 -14.43
N GLU E 120 -20.87 39.18 -14.49
CA GLU E 120 -21.50 37.86 -14.52
C GLU E 120 -21.18 37.12 -15.81
N GLN E 121 -21.12 37.85 -16.93
CA GLN E 121 -20.73 37.22 -18.20
C GLN E 121 -19.28 36.78 -18.18
N VAL E 122 -18.39 37.62 -17.65
CA VAL E 122 -16.98 37.26 -17.59
C VAL E 122 -16.80 36.00 -16.75
N GLU E 123 -17.43 35.95 -15.57
CA GLU E 123 -17.32 34.77 -14.71
C GLU E 123 -17.80 33.52 -15.43
N ASP E 124 -18.97 33.61 -16.07
CA ASP E 124 -19.49 32.48 -16.84
C ASP E 124 -18.57 32.14 -18.01
N LEU E 125 -17.96 33.16 -18.63
CA LEU E 125 -17.06 32.90 -19.74
C LEU E 125 -15.81 32.16 -19.27
N ALA E 126 -15.26 32.53 -18.11
CA ALA E 126 -14.10 31.81 -17.60
C ALA E 126 -14.44 30.36 -17.27
N GLU E 127 -15.63 30.13 -16.71
CA GLU E 127 -16.04 28.76 -16.40
C GLU E 127 -16.15 27.91 -17.66
N ILE E 128 -16.69 28.46 -18.74
CA ILE E 128 -16.88 27.67 -19.96
C ILE E 128 -15.55 27.37 -20.63
N LEU E 129 -14.76 28.41 -20.90
CA LEU E 129 -13.43 28.19 -21.49
C LEU E 129 -12.54 27.38 -20.57
N GLY E 130 -12.68 27.57 -19.25
CA GLY E 130 -11.90 26.77 -18.32
C GLY E 130 -12.25 25.30 -18.36
N THR E 131 -13.48 24.98 -18.80
CA THR E 131 -13.84 23.58 -19.01
C THR E 131 -12.95 22.93 -20.06
N GLY E 132 -12.70 23.63 -21.17
CA GLY E 132 -11.78 23.11 -22.17
C GLY E 132 -10.36 22.95 -21.64
N LEU E 133 -9.87 23.97 -20.92
CA LEU E 133 -8.56 23.88 -20.29
C LEU E 133 -8.48 22.67 -19.36
N ALA E 134 -9.47 22.52 -18.48
CA ALA E 134 -9.45 21.43 -17.50
C ALA E 134 -9.43 20.07 -18.19
N ALA E 135 -10.23 19.92 -19.25
CA ALA E 135 -10.32 18.64 -19.95
C ALA E 135 -9.01 18.24 -20.62
N HIS E 136 -8.08 19.19 -20.83
CA HIS E 136 -6.79 18.89 -21.41
C HIS E 136 -5.68 18.84 -20.36
N GLY E 137 -6.04 18.83 -19.07
CA GLY E 137 -5.10 18.60 -18.01
C GLY E 137 -4.51 19.82 -17.35
N VAL E 138 -4.94 21.02 -17.76
CA VAL E 138 -4.45 22.23 -17.13
C VAL E 138 -4.98 22.32 -15.71
N THR E 139 -4.09 22.62 -14.75
CA THR E 139 -4.49 22.84 -13.36
C THR E 139 -4.22 24.26 -12.87
N VAL E 140 -3.36 25.02 -13.52
CA VAL E 140 -3.02 26.37 -13.11
C VAL E 140 -3.06 27.26 -14.35
N ASN E 141 -3.62 28.46 -14.20
CA ASN E 141 -3.68 29.45 -15.27
C ASN E 141 -3.07 30.74 -14.77
N PHE E 142 -2.02 31.21 -15.43
CA PHE E 142 -1.36 32.46 -15.09
C PHE E 142 -2.22 33.63 -15.60
N ALA E 143 -3.33 33.85 -14.88
CA ALA E 143 -4.37 34.80 -15.22
C ALA E 143 -5.32 34.94 -14.03
N PRO E 144 -5.92 36.13 -13.80
CA PRO E 144 -5.89 37.34 -14.63
C PRO E 144 -4.85 38.38 -14.22
N VAL E 145 -4.47 39.22 -15.18
CA VAL E 145 -3.81 40.47 -14.83
C VAL E 145 -4.78 41.31 -14.02
N VAL E 146 -4.27 41.99 -13.00
CA VAL E 146 -5.09 42.90 -12.21
C VAL E 146 -4.63 44.35 -12.37
N ASP E 147 -3.74 44.62 -13.32
CA ASP E 147 -3.30 45.98 -13.57
C ASP E 147 -4.48 46.85 -13.95
N VAL E 148 -4.61 48.01 -13.28
CA VAL E 148 -5.79 48.84 -13.43
C VAL E 148 -6.04 49.19 -14.88
N ASP E 149 -4.99 49.57 -15.61
CA ASP E 149 -5.16 50.04 -16.97
C ASP E 149 -5.45 48.92 -17.96
N ALA E 150 -5.15 47.66 -17.61
CA ALA E 150 -5.49 46.56 -18.51
C ALA E 150 -6.98 46.33 -18.60
N TRP E 151 -7.75 46.72 -17.58
CA TRP E 151 -9.20 46.56 -17.60
C TRP E 151 -9.93 47.81 -18.02
N GLY E 152 -9.25 48.95 -18.11
CA GLY E 152 -9.85 50.19 -18.52
C GLY E 152 -9.48 50.59 -19.94
N LEU E 153 -10.04 51.72 -20.37
CA LEU E 153 -9.77 52.25 -21.70
C LEU E 153 -8.31 52.68 -21.81
N PRO E 154 -7.94 53.13 -23.00
CA PRO E 154 -6.62 53.70 -23.19
C PRO E 154 -6.47 54.95 -22.31
N VAL E 155 -5.28 55.11 -21.72
CA VAL E 155 -5.05 56.19 -20.77
C VAL E 155 -5.16 57.57 -21.43
N PHE E 161 -4.08 57.59 -12.11
CA PHE E 161 -5.37 57.97 -11.55
C PHE E 161 -6.46 58.03 -12.63
N SER E 162 -6.15 57.52 -13.82
CA SER E 162 -7.06 57.64 -14.96
C SER E 162 -8.22 56.65 -14.83
N ASN E 163 -7.93 55.35 -14.83
CA ASN E 163 -8.95 54.33 -14.77
C ASN E 163 -9.31 54.00 -13.32
N ASP E 164 -10.40 53.26 -13.15
CA ASP E 164 -10.96 52.98 -11.84
C ASP E 164 -10.43 51.64 -11.34
N PRO E 165 -9.62 51.62 -10.28
CA PRO E 165 -9.13 50.33 -9.75
C PRO E 165 -10.24 49.39 -9.31
N ALA E 166 -11.41 49.91 -8.95
CA ALA E 166 -12.51 49.04 -8.53
C ALA E 166 -13.06 48.23 -9.70
N VAL E 167 -12.95 48.75 -10.93
CA VAL E 167 -13.39 47.98 -12.09
C VAL E 167 -12.45 46.81 -12.34
N ALA E 168 -11.14 47.05 -12.26
CA ALA E 168 -10.18 45.97 -12.37
C ALA E 168 -10.41 44.90 -11.32
N ALA E 169 -10.66 45.32 -10.08
CA ALA E 169 -10.87 44.36 -8.99
C ALA E 169 -12.14 43.54 -9.22
N THR E 170 -13.23 44.18 -9.65
CA THR E 170 -14.49 43.47 -9.85
C THR E 170 -14.37 42.45 -10.97
N TYR E 171 -13.76 42.83 -12.10
CA TYR E 171 -13.72 41.91 -13.24
C TYR E 171 -12.68 40.81 -13.05
N ALA E 172 -11.53 41.13 -12.46
CA ALA E 172 -10.53 40.08 -12.21
C ALA E 172 -11.01 39.09 -11.16
N THR E 173 -11.80 39.55 -10.19
CA THR E 173 -12.36 38.62 -9.21
C THR E 173 -13.37 37.70 -9.87
N ALA E 174 -14.23 38.24 -10.73
CA ALA E 174 -15.23 37.41 -11.41
C ALA E 174 -14.57 36.45 -12.37
N PHE E 175 -13.52 36.90 -13.06
CA PHE E 175 -12.74 36.00 -13.92
C PHE E 175 -12.19 34.83 -13.11
N ALA E 176 -11.68 35.10 -11.90
CA ALA E 176 -11.02 34.06 -11.13
C ALA E 176 -12.02 33.06 -10.54
N LYS E 177 -13.16 33.55 -10.04
CA LYS E 177 -14.20 32.65 -9.56
C LYS E 177 -14.66 31.69 -10.65
N GLY E 178 -14.75 32.17 -11.89
CA GLY E 178 -15.17 31.30 -12.98
C GLY E 178 -14.22 30.15 -13.20
N LEU E 179 -12.91 30.44 -13.19
CA LEU E 179 -11.91 29.39 -13.36
C LEU E 179 -11.96 28.40 -12.21
N SER E 180 -12.16 28.89 -10.99
CA SER E 180 -12.11 28.01 -9.82
C SER E 180 -13.25 26.99 -9.82
N LYS E 181 -14.42 27.38 -10.32
CA LYS E 181 -15.56 26.48 -10.42
C LYS E 181 -15.25 25.22 -11.21
N VAL E 182 -14.24 25.25 -12.08
CA VAL E 182 -13.88 24.09 -12.87
C VAL E 182 -12.50 23.55 -12.48
N GLY E 183 -12.04 23.86 -11.27
CA GLY E 183 -10.82 23.24 -10.77
C GLY E 183 -9.53 23.76 -11.35
N ILE E 184 -9.52 24.96 -11.90
CA ILE E 184 -8.31 25.61 -12.38
C ILE E 184 -7.95 26.73 -11.42
N THR E 185 -6.71 26.74 -10.94
CA THR E 185 -6.26 27.76 -10.01
C THR E 185 -5.93 29.05 -10.76
N PRO E 186 -6.61 30.16 -10.47
CA PRO E 186 -6.18 31.45 -11.04
C PRO E 186 -5.00 32.02 -10.29
N VAL E 187 -4.18 32.80 -11.01
CA VAL E 187 -2.98 33.42 -10.45
C VAL E 187 -3.02 34.91 -10.77
N PHE E 188 -3.23 35.74 -9.75
CA PHE E 188 -3.25 37.18 -9.96
C PHE E 188 -1.84 37.71 -10.15
N LYS E 189 -1.67 38.60 -11.12
CA LYS E 189 -0.34 39.03 -11.58
C LYS E 189 -0.44 40.44 -12.16
N HIS E 190 0.70 41.15 -12.19
CA HIS E 190 1.96 40.77 -11.55
C HIS E 190 2.19 41.63 -10.32
N PHE E 191 2.34 41.00 -9.16
CA PHE E 191 2.53 41.73 -7.93
C PHE E 191 3.92 42.38 -7.91
N PRO E 192 4.03 43.64 -7.46
CA PRO E 192 2.96 44.50 -6.96
C PRO E 192 2.39 45.52 -7.97
N GLY E 193 2.76 45.45 -9.24
CA GLY E 193 2.20 46.32 -10.26
C GLY E 193 3.22 46.71 -11.32
N HIS E 194 2.73 46.92 -12.54
CA HIS E 194 3.59 47.21 -13.68
C HIS E 194 4.20 48.61 -13.58
N THR E 208 8.90 52.43 -13.42
CA THR E 208 8.11 51.79 -12.37
C THR E 208 7.80 52.78 -11.25
N PRO E 209 6.51 52.97 -10.95
CA PRO E 209 6.14 53.89 -9.88
C PRO E 209 6.68 53.43 -8.54
N ALA E 210 6.72 54.36 -7.60
CA ALA E 210 7.16 54.06 -6.24
C ALA E 210 6.07 53.31 -5.49
N LEU E 211 6.50 52.58 -4.45
CA LEU E 211 5.56 51.77 -3.66
C LEU E 211 4.37 52.58 -3.18
N ASP E 212 4.62 53.79 -2.66
CA ASP E 212 3.53 54.65 -2.23
C ASP E 212 2.59 55.00 -3.39
N GLU E 213 3.14 55.13 -4.60
CA GLU E 213 2.29 55.31 -5.77
C GLU E 213 1.51 54.04 -6.11
N LEU E 214 2.11 52.87 -5.90
CA LEU E 214 1.40 51.62 -6.15
C LEU E 214 0.28 51.40 -5.14
N LYS E 215 0.47 51.85 -3.89
CA LYS E 215 -0.53 51.65 -2.84
C LYS E 215 -1.83 52.41 -3.10
N THR E 216 -1.82 53.42 -3.97
CA THR E 216 -3.04 54.16 -4.30
C THR E 216 -3.58 53.81 -5.67
N TYR E 217 -3.00 52.83 -6.35
CA TYR E 217 -3.45 52.47 -7.68
C TYR E 217 -3.36 50.97 -7.94
N ASP E 218 -2.21 50.49 -8.41
N ASP E 218 -2.18 50.51 -8.37
CA ASP E 218 -2.12 49.10 -8.89
CA ASP E 218 -2.01 49.14 -8.85
C ASP E 218 -2.20 48.06 -7.78
C ASP E 218 -2.29 48.10 -7.77
N LEU E 219 -2.05 48.44 -6.50
CA LEU E 219 -2.17 47.45 -5.43
C LEU E 219 -3.62 47.22 -4.97
N ILE E 220 -4.53 48.13 -5.32
CA ILE E 220 -5.90 48.04 -4.82
C ILE E 220 -6.62 46.75 -5.23
N PRO E 221 -6.57 46.30 -6.50
CA PRO E 221 -7.32 45.09 -6.86
C PRO E 221 -6.95 43.84 -6.07
N TYR E 222 -5.73 43.74 -5.53
CA TYR E 222 -5.36 42.57 -4.76
C TYR E 222 -6.19 42.46 -3.48
N GLY E 223 -6.73 43.56 -2.98
CA GLY E 223 -7.59 43.53 -1.80
C GLY E 223 -8.78 42.62 -1.96
N GLN E 224 -9.60 42.88 -2.99
CA GLN E 224 -10.75 42.02 -3.25
C GLN E 224 -10.34 40.66 -3.78
N ALA E 225 -9.31 40.62 -4.64
CA ALA E 225 -8.90 39.35 -5.25
C ALA E 225 -8.50 38.33 -4.19
N LEU E 226 -7.66 38.74 -3.23
CA LEU E 226 -7.09 37.80 -2.28
C LEU E 226 -7.99 37.52 -1.09
N SER E 227 -9.12 38.21 -0.95
CA SER E 227 -10.05 37.93 0.13
C SER E 227 -11.35 37.30 -0.34
N GLU E 228 -11.64 37.30 -1.65
CA GLU E 228 -12.85 36.69 -2.16
C GLU E 228 -12.61 35.48 -3.07
N THR E 229 -11.36 35.09 -3.32
CA THR E 229 -11.07 33.92 -4.14
C THR E 229 -9.93 33.13 -3.51
N ASP E 230 -9.71 31.92 -4.01
CA ASP E 230 -8.60 31.07 -3.61
C ASP E 230 -7.41 31.19 -4.56
N GLY E 231 -7.29 32.32 -5.26
CA GLY E 231 -6.25 32.44 -6.26
C GLY E 231 -4.88 32.58 -5.65
N ALA E 232 -3.86 32.19 -6.43
CA ALA E 232 -2.48 32.43 -6.08
C ALA E 232 -2.04 33.78 -6.65
N VAL E 233 -0.77 34.12 -6.43
CA VAL E 233 -0.22 35.39 -6.87
C VAL E 233 1.12 35.13 -7.54
N VAL E 235 4.64 37.18 -8.68
CA VAL E 235 5.44 38.37 -8.45
C VAL E 235 6.26 38.65 -9.70
N GLY E 236 6.11 39.86 -10.25
CA GLY E 236 6.88 40.25 -11.42
C GLY E 236 8.31 40.68 -11.07
N HIS E 237 9.02 41.13 -12.11
CA HIS E 237 10.44 41.46 -12.03
C HIS E 237 10.71 42.95 -11.88
N ILE E 239 11.44 46.75 -10.82
CA ILE E 239 12.24 47.31 -9.74
C ILE E 239 11.43 48.47 -9.14
N VAL E 240 10.91 48.26 -7.93
CA VAL E 240 9.95 49.17 -7.31
C VAL E 240 10.70 50.07 -6.32
N PRO E 241 10.80 51.37 -6.56
CA PRO E 241 11.39 52.26 -5.56
C PRO E 241 10.53 52.30 -4.29
N GLY E 242 11.21 52.25 -3.14
CA GLY E 242 10.54 52.25 -1.85
C GLY E 242 10.22 50.88 -1.30
N LEU E 243 10.66 49.81 -1.96
CA LEU E 243 10.34 48.44 -1.57
C LEU E 243 11.63 47.62 -1.64
N GLY E 244 12.19 47.29 -0.48
CA GLY E 244 13.37 46.45 -0.43
C GLY E 244 14.62 47.19 -0.87
N THR E 245 15.59 46.43 -1.37
CA THR E 245 16.87 46.98 -1.76
C THR E 245 16.76 47.74 -3.06
N ASP E 246 17.35 48.94 -3.10
CA ASP E 246 17.35 49.75 -4.32
C ASP E 246 17.95 48.97 -5.48
N GLY E 247 17.22 48.94 -6.60
CA GLY E 247 17.73 48.37 -7.83
C GLY E 247 17.58 46.86 -7.99
N VAL E 248 16.89 46.19 -7.07
CA VAL E 248 16.76 44.73 -7.09
C VAL E 248 15.36 44.37 -7.58
N PRO E 249 15.25 43.49 -8.58
CA PRO E 249 13.92 43.07 -9.05
C PRO E 249 13.09 42.46 -7.93
N SER E 250 11.77 42.65 -8.04
CA SER E 250 10.87 42.25 -6.95
C SER E 250 10.88 40.74 -6.75
N SER E 251 11.04 39.97 -7.83
CA SER E 251 10.96 38.51 -7.75
C SER E 251 12.05 37.91 -6.88
N ILE E 252 13.17 38.62 -6.70
CA ILE E 252 14.27 38.15 -5.86
C ILE E 252 14.51 39.07 -4.66
N ASP E 253 13.60 39.99 -4.39
CA ASP E 253 13.74 40.87 -3.22
C ASP E 253 12.83 40.36 -2.10
N PRO E 254 13.37 40.01 -0.93
CA PRO E 254 12.51 39.44 0.13
C PRO E 254 11.39 40.36 0.59
N ALA E 255 11.58 41.68 0.47
CA ALA E 255 10.56 42.62 0.94
C ALA E 255 9.27 42.51 0.13
N THR E 256 9.36 42.14 -1.15
CA THR E 256 8.15 41.93 -1.94
C THR E 256 7.30 40.82 -1.32
N TYR E 257 7.91 39.66 -1.08
CA TYR E 257 7.16 38.53 -0.54
C TYR E 257 6.64 38.82 0.86
N GLN E 258 7.43 39.51 1.69
CA GLN E 258 6.94 39.90 3.01
C GLN E 258 5.75 40.87 2.91
N LEU E 259 5.74 41.73 1.90
CA LEU E 259 4.60 42.62 1.70
C LEU E 259 3.34 41.83 1.37
N LEU E 260 3.48 40.82 0.50
CA LEU E 260 2.36 39.96 0.15
C LEU E 260 1.89 39.14 1.36
N ARG E 261 2.84 38.61 2.15
CA ARG E 261 2.49 37.81 3.31
C ARG E 261 1.72 38.62 4.35
N SER E 262 2.13 39.87 4.57
CA SER E 262 1.49 40.67 5.62
C SER E 262 0.25 41.40 5.15
N GLY E 263 0.11 41.66 3.85
CA GLY E 263 -0.95 42.53 3.39
C GLY E 263 -0.81 43.97 3.83
N ASP E 264 0.42 44.43 4.04
CA ASP E 264 0.71 45.75 4.59
C ASP E 264 0.55 46.84 3.51
N TYR E 265 -0.66 46.94 2.98
CA TYR E 265 -1.02 47.95 2.00
C TYR E 265 -2.52 48.17 2.06
N PRO E 266 -3.02 49.32 1.58
CA PRO E 266 -4.42 49.68 1.84
C PRO E 266 -5.40 48.66 1.25
N GLY E 267 -6.24 48.11 2.11
CA GLY E 267 -7.18 47.09 1.73
C GLY E 267 -6.60 45.70 1.60
N GLY E 268 -5.30 45.54 1.87
CA GLY E 268 -4.66 44.24 1.72
C GLY E 268 -4.97 43.31 2.88
N VAL E 269 -5.00 42.03 2.57
CA VAL E 269 -5.20 40.98 3.56
C VAL E 269 -4.00 40.04 3.52
N PRO E 270 -3.59 39.45 4.65
CA PRO E 270 -2.43 38.54 4.64
C PRO E 270 -2.69 37.38 3.69
N PHE E 271 -1.71 37.10 2.84
CA PHE E 271 -1.81 36.03 1.86
C PHE E 271 -0.87 34.89 2.26
N ASP E 272 -1.43 33.70 2.48
CA ASP E 272 -0.62 32.55 2.85
C ASP E 272 -0.62 31.45 1.79
N GLY E 273 -1.10 31.73 0.59
CA GLY E 273 -1.09 30.77 -0.49
C GLY E 273 0.25 30.70 -1.20
N VAL E 274 0.25 30.02 -2.35
CA VAL E 274 1.47 29.85 -3.14
C VAL E 274 1.77 31.14 -3.89
N ILE E 275 3.03 31.53 -3.89
CA ILE E 275 3.51 32.68 -4.64
C ILE E 275 4.40 32.18 -5.77
N TYR E 276 4.03 32.49 -7.00
CA TYR E 276 4.83 32.14 -8.17
C TYR E 276 5.76 33.29 -8.51
N THR E 277 6.87 32.96 -9.16
CA THR E 277 7.68 33.98 -9.79
C THR E 277 7.27 34.12 -11.25
N ASP E 278 7.43 35.33 -11.79
CA ASP E 278 7.47 35.48 -13.23
C ASP E 278 8.64 34.67 -13.80
N ASP E 279 8.60 34.43 -15.11
CA ASP E 279 9.64 33.67 -15.80
C ASP E 279 11.04 34.20 -15.51
N LEU E 280 11.84 33.44 -14.78
CA LEU E 280 13.19 33.85 -14.43
C LEU E 280 14.17 33.78 -15.60
N SER E 281 13.80 33.14 -16.71
CA SER E 281 14.66 33.05 -17.89
C SER E 281 14.68 34.33 -18.72
N GLY E 282 14.58 35.49 -18.09
CA GLY E 282 14.55 36.75 -18.82
C GLY E 282 14.32 37.95 -17.92
N THR E 289 20.76 39.46 -16.44
CA THR E 289 21.97 39.70 -15.65
C THR E 289 22.10 38.70 -14.50
N HIS E 290 21.71 37.45 -14.77
CA HIS E 290 21.70 36.41 -13.75
C HIS E 290 21.77 35.05 -14.44
N SER E 291 22.23 33.98 -13.63
CA SER E 291 22.24 32.57 -14.03
C SER E 291 20.96 31.88 -13.56
N PRO E 292 20.46 30.91 -14.33
CA PRO E 292 19.19 30.26 -13.93
C PRO E 292 19.24 29.66 -12.53
N ALA E 293 20.30 28.92 -12.21
CA ALA E 293 20.41 28.32 -10.89
C ALA E 293 20.49 29.39 -9.80
N GLU E 294 21.27 30.45 -10.03
CA GLU E 294 21.30 31.56 -9.09
C GLU E 294 19.92 32.19 -8.94
N ALA E 295 19.22 32.39 -10.06
CA ALA E 295 17.91 33.05 -10.02
C ALA E 295 16.88 32.20 -9.28
N VAL E 296 16.88 30.89 -9.52
CA VAL E 296 15.95 30.01 -8.80
C VAL E 296 16.25 30.05 -7.30
N LEU E 297 17.53 30.10 -6.92
CA LEU E 297 17.88 30.17 -5.52
C LEU E 297 17.51 31.52 -4.92
N ALA E 298 17.82 32.61 -5.64
CA ALA E 298 17.50 33.95 -5.14
C ALA E 298 16.01 34.13 -4.88
N SER E 299 15.17 33.65 -5.81
CA SER E 299 13.73 33.86 -5.67
C SER E 299 13.15 33.01 -4.56
N LEU E 300 13.65 31.79 -4.38
CA LEU E 300 13.15 30.92 -3.32
C LEU E 300 13.58 31.43 -1.95
N LYS E 301 14.84 31.85 -1.81
CA LYS E 301 15.28 32.46 -0.57
C LYS E 301 14.43 33.67 -0.20
N ALA E 302 14.06 34.48 -1.19
CA ALA E 302 13.32 35.71 -0.93
C ALA E 302 11.90 35.45 -0.46
N GLY E 303 11.36 34.25 -0.72
CA GLY E 303 10.06 33.90 -0.19
C GLY E 303 9.08 33.31 -1.19
N ALA E 304 9.54 33.04 -2.41
CA ALA E 304 8.68 32.42 -3.39
C ALA E 304 8.50 30.95 -3.09
N ASP E 305 7.34 30.41 -3.47
CA ASP E 305 7.08 28.98 -3.33
C ASP E 305 7.22 28.22 -4.64
N GLN E 306 7.11 28.89 -5.78
CA GLN E 306 7.22 28.24 -7.08
C GLN E 306 8.13 29.09 -7.96
N ALA E 307 9.34 28.60 -8.21
CA ALA E 307 10.28 29.27 -9.08
C ALA E 307 10.01 28.83 -10.53
N LEU E 308 9.60 29.78 -11.36
CA LEU E 308 9.16 29.51 -12.73
C LEU E 308 10.23 29.95 -13.72
N TRP E 309 10.49 29.11 -14.71
CA TRP E 309 11.31 29.54 -15.85
C TRP E 309 11.09 28.57 -17.00
N ILE E 310 11.47 29.01 -18.20
CA ILE E 310 11.01 28.38 -19.43
C ILE E 310 12.04 27.35 -19.95
N ASP E 311 13.32 27.73 -20.02
CA ASP E 311 14.35 26.89 -20.63
C ASP E 311 14.80 25.82 -19.63
N TYR E 312 14.28 24.61 -19.79
CA TYR E 312 14.41 23.52 -18.81
C TYR E 312 15.81 22.93 -18.73
N GLY E 313 16.70 23.23 -19.67
CA GLY E 313 18.03 22.63 -19.68
C GLY E 313 18.84 22.84 -18.42
N SER E 314 18.51 23.87 -17.63
CA SER E 314 19.23 24.14 -16.40
C SER E 314 18.54 23.56 -15.16
N LEU E 315 17.61 22.61 -15.35
CA LEU E 315 16.89 22.04 -14.22
C LEU E 315 17.83 21.32 -13.27
N GLY E 316 18.77 20.54 -13.82
CA GLY E 316 19.70 19.82 -12.98
C GLY E 316 20.57 20.73 -12.13
N SER E 317 21.10 21.80 -12.74
CA SER E 317 21.96 22.71 -11.99
C SER E 317 21.17 23.48 -10.94
N ALA E 318 19.89 23.74 -11.19
CA ALA E 318 19.08 24.43 -10.19
C ALA E 318 18.77 23.51 -9.01
N ILE E 319 18.41 22.26 -9.27
CA ILE E 319 18.20 21.30 -8.20
C ILE E 319 19.48 21.12 -7.39
N ASP E 320 20.61 20.94 -8.08
CA ASP E 320 21.88 20.80 -7.40
C ASP E 320 22.19 22.01 -6.52
N ARG E 321 21.96 23.22 -7.05
CA ARG E 321 22.31 24.44 -6.32
C ARG E 321 21.42 24.65 -5.10
N VAL E 322 20.11 24.48 -5.26
CA VAL E 322 19.16 24.72 -4.18
C VAL E 322 19.24 23.61 -3.13
N ASP E 323 19.55 22.38 -3.54
CA ASP E 323 19.73 21.30 -2.57
C ASP E 323 20.89 21.59 -1.64
N ALA E 324 22.02 22.07 -2.19
CA ALA E 324 23.20 22.38 -1.38
C ALA E 324 23.01 23.61 -0.52
N ALA E 325 22.08 24.50 -0.87
CA ALA E 325 21.85 25.69 -0.04
C ALA E 325 21.00 25.37 1.19
N VAL E 326 20.18 24.33 1.13
CA VAL E 326 19.42 23.92 2.31
C VAL E 326 20.34 23.23 3.32
N SER E 327 21.29 22.43 2.82
CA SER E 327 22.22 21.74 3.70
C SER E 327 23.13 22.74 4.42
N SER E 328 23.67 23.71 3.67
CA SER E 328 24.60 24.67 4.24
C SER E 328 23.93 25.72 5.11
N GLY E 329 22.60 25.79 5.12
CA GLY E 329 21.89 26.80 5.85
C GLY E 329 21.64 28.10 5.10
N GLU E 330 22.24 28.25 3.91
CA GLU E 330 21.99 29.44 3.09
C GLU E 330 20.50 29.61 2.80
N TYR E 331 19.82 28.51 2.51
CA TYR E 331 18.37 28.50 2.32
C TYR E 331 17.78 27.75 3.51
N PRO E 332 17.16 28.45 4.47
CA PRO E 332 16.71 27.78 5.70
C PRO E 332 15.72 26.67 5.41
N GLN E 333 15.93 25.53 6.07
CA GLN E 333 15.12 24.35 5.78
C GLN E 333 13.65 24.59 6.13
N GLU E 334 13.38 25.27 7.26
CA GLU E 334 12.00 25.43 7.67
C GLU E 334 11.23 26.38 6.74
N GLN E 335 11.93 27.29 6.07
CA GLN E 335 11.27 28.10 5.05
C GLN E 335 10.99 27.27 3.81
N LEU E 337 10.64 24.06 3.61
CA LEU E 337 9.61 23.06 3.90
C LEU E 337 8.23 23.71 4.04
N ALA E 338 8.15 24.94 4.54
CA ALA E 338 6.88 25.64 4.53
C ALA E 338 6.36 25.84 3.11
N SER E 339 7.27 26.14 2.17
CA SER E 339 6.86 26.24 0.78
C SER E 339 6.47 24.88 0.21
N ALA E 340 7.23 23.84 0.56
CA ALA E 340 6.86 22.49 0.14
C ALA E 340 5.44 22.15 0.59
N LEU E 341 5.09 22.57 1.81
CA LEU E 341 3.74 22.32 2.32
C LEU E 341 2.69 23.05 1.51
N ARG E 342 2.92 24.33 1.20
CA ARG E 342 1.96 25.07 0.38
C ARG E 342 1.80 24.41 -0.99
N VAL E 343 2.89 23.88 -1.54
CA VAL E 343 2.82 23.21 -2.83
C VAL E 343 1.98 21.94 -2.75
N GLN E 344 2.19 21.14 -1.70
CA GLN E 344 1.39 19.92 -1.57
C GLN E 344 -0.09 20.23 -1.35
N LEU E 345 -0.41 21.40 -0.79
CA LEU E 345 -1.79 21.79 -0.59
C LEU E 345 -2.54 22.02 -1.89
N LEU E 346 -1.82 22.28 -2.99
CA LEU E 346 -2.48 22.45 -4.29
C LEU E 346 -3.14 21.17 -4.75
N TYR E 347 -2.63 20.00 -4.33
CA TYR E 347 -3.12 18.71 -4.80
C TYR E 347 -4.10 18.06 -3.84
N ILE E 348 -4.60 18.80 -2.85
CA ILE E 348 -5.55 18.25 -1.88
C ILE E 348 -6.92 18.86 -2.09
N PRO F 11 -57.79 45.19 -47.97
CA PRO F 11 -56.46 44.88 -48.50
C PRO F 11 -55.43 44.66 -47.40
N PRO F 12 -54.40 43.86 -47.69
CA PRO F 12 -53.41 43.56 -46.65
C PRO F 12 -52.62 44.80 -46.24
N ALA F 13 -52.14 44.78 -45.01
CA ALA F 13 -51.31 45.84 -44.49
C ALA F 13 -49.93 45.79 -45.16
N PRO F 14 -49.18 46.91 -45.13
CA PRO F 14 -47.83 46.89 -45.71
C PRO F 14 -46.91 45.88 -45.02
N THR F 15 -46.53 44.83 -45.72
CA THR F 15 -45.71 43.78 -45.12
C THR F 15 -44.25 44.22 -45.05
N ALA F 16 -43.45 43.45 -44.31
CA ALA F 16 -42.02 43.77 -44.19
C ALA F 16 -41.32 43.63 -45.53
N GLU F 17 -41.69 42.62 -46.32
CA GLU F 17 -41.13 42.45 -47.66
C GLU F 17 -41.40 43.67 -48.53
N ASP F 18 -42.60 44.25 -48.42
CA ASP F 18 -42.93 45.45 -49.18
C ASP F 18 -42.09 46.65 -48.75
N LEU F 19 -41.74 46.74 -47.47
CA LEU F 19 -40.84 47.81 -47.02
C LEU F 19 -39.44 47.59 -47.56
N ALA F 20 -38.97 46.35 -47.55
CA ALA F 20 -37.63 46.06 -48.06
C ALA F 20 -37.55 46.32 -49.55
N ARG F 21 -38.63 46.04 -50.28
CA ARG F 21 -38.66 46.27 -51.73
C ARG F 21 -38.47 47.74 -52.05
N ALA F 22 -39.04 48.63 -51.23
CA ALA F 22 -38.83 50.07 -51.43
C ALA F 22 -37.41 50.51 -51.07
N GLN F 23 -36.71 49.76 -50.22
CA GLN F 23 -35.32 50.05 -49.91
C GLN F 23 -34.34 49.59 -51.00
N ILE F 24 -34.81 48.88 -52.02
CA ILE F 24 -33.92 48.47 -53.11
C ILE F 24 -33.41 49.71 -53.83
N PRO F 25 -32.10 49.79 -54.11
CA PRO F 25 -31.55 50.99 -54.77
C PRO F 25 -32.22 51.31 -56.09
N GLU F 26 -32.27 52.61 -56.40
CA GLU F 26 -32.91 53.08 -57.62
C GLU F 26 -32.04 52.81 -58.85
N GLN F 27 -30.73 53.03 -58.76
CA GLN F 27 -29.85 52.77 -59.88
C GLN F 27 -29.55 51.29 -59.99
N GLN F 28 -29.48 50.79 -61.24
CA GLN F 28 -29.21 49.38 -61.45
C GLN F 28 -27.82 49.00 -60.95
N ARG F 29 -26.83 49.89 -61.15
CA ARG F 29 -25.48 49.62 -60.66
C ARG F 29 -25.49 49.39 -59.15
N ASP F 30 -26.23 50.22 -58.41
CA ASP F 30 -26.31 50.05 -56.96
C ASP F 30 -27.12 48.82 -56.57
N GLN F 31 -28.07 48.41 -57.40
CA GLN F 31 -28.78 47.15 -57.13
C GLN F 31 -27.81 45.99 -57.12
N VAL F 32 -27.10 45.77 -58.23
CA VAL F 32 -26.21 44.62 -58.32
C VAL F 32 -25.03 44.77 -57.37
N ALA F 33 -24.62 46.01 -57.05
CA ALA F 33 -23.57 46.19 -56.05
C ALA F 33 -24.02 45.71 -54.68
N SER F 34 -25.30 45.85 -54.36
CA SER F 34 -25.82 45.37 -53.08
C SER F 34 -25.71 43.85 -52.96
N LEU F 35 -25.52 43.16 -54.07
CA LEU F 35 -25.35 41.71 -54.05
C LEU F 35 -23.92 41.29 -53.76
N VAL F 38 -17.19 42.40 -49.90
CA VAL F 38 -15.75 42.38 -50.19
C VAL F 38 -14.97 42.38 -48.90
N GLY F 39 -13.92 41.57 -48.86
CA GLY F 39 -12.95 41.66 -47.78
C GLY F 39 -12.14 42.93 -47.92
N VAL F 40 -11.95 43.64 -46.81
CA VAL F 40 -11.24 44.91 -46.79
C VAL F 40 -10.12 44.83 -45.76
N ALA F 41 -9.01 45.48 -46.06
CA ALA F 41 -7.83 45.39 -45.20
C ALA F 41 -7.83 46.43 -44.10
N ASN F 42 -8.46 47.58 -44.32
CA ASN F 42 -8.43 48.67 -43.35
C ASN F 42 -9.69 49.50 -43.50
N TYR F 43 -9.72 50.65 -42.84
CA TYR F 43 -10.87 51.54 -42.90
C TYR F 43 -10.99 52.20 -44.28
N ASP F 44 -9.86 52.62 -44.86
CA ASP F 44 -9.92 53.35 -46.14
C ASP F 44 -10.53 52.48 -47.24
N GLN F 45 -10.16 51.21 -47.30
CA GLN F 45 -10.69 50.34 -48.34
C GLN F 45 -12.17 50.07 -48.12
N ALA F 46 -12.57 49.89 -46.85
CA ALA F 46 -13.97 49.66 -46.54
C ALA F 46 -14.84 50.83 -46.94
N LEU F 47 -14.37 52.05 -46.69
CA LEU F 47 -15.16 53.22 -47.04
C LEU F 47 -15.29 53.37 -48.55
N ASP F 48 -14.21 53.15 -49.30
CA ASP F 48 -14.29 53.26 -50.75
C ASP F 48 -15.21 52.18 -51.33
N ALA F 49 -15.20 50.99 -50.74
CA ALA F 49 -16.07 49.92 -51.23
C ALA F 49 -17.54 50.23 -50.93
N LEU F 50 -17.82 50.66 -49.70
CA LEU F 50 -19.18 51.02 -49.32
C LEU F 50 -19.70 52.21 -50.13
N ASN F 51 -18.82 53.16 -50.47
CA ASN F 51 -19.24 54.29 -51.32
C ASN F 51 -19.59 53.85 -52.73
N GLN F 52 -19.12 52.69 -53.17
CA GLN F 52 -19.52 52.15 -54.46
C GLN F 52 -20.80 51.32 -54.36
N GLY F 53 -21.46 51.33 -53.21
CA GLY F 53 -22.75 50.67 -53.06
C GLY F 53 -22.69 49.21 -52.72
N VAL F 54 -21.52 48.72 -52.28
CA VAL F 54 -21.38 47.31 -51.97
C VAL F 54 -22.29 46.96 -50.80
N GLY F 55 -22.84 45.75 -50.82
CA GLY F 55 -23.82 45.37 -49.82
C GLY F 55 -23.22 45.14 -48.45
N GLY F 56 -21.96 44.76 -48.39
CA GLY F 56 -21.33 44.57 -47.10
C GLY F 56 -19.83 44.44 -47.23
N ILE F 57 -19.17 44.37 -46.08
CA ILE F 57 -17.73 44.22 -46.02
C ILE F 57 -17.37 43.04 -45.11
N PHE F 58 -16.21 42.45 -45.38
CA PHE F 58 -15.73 41.27 -44.67
C PHE F 58 -14.43 41.60 -43.97
N ILE F 59 -14.36 41.28 -42.68
CA ILE F 59 -13.16 41.47 -41.87
C ILE F 59 -12.37 40.17 -41.93
N GLY F 60 -11.29 40.16 -42.72
CA GLY F 60 -10.51 38.95 -42.92
C GLY F 60 -9.52 38.71 -41.80
N SER F 61 -8.84 37.56 -41.90
CA SER F 61 -7.83 37.21 -40.90
C SER F 61 -6.73 38.26 -40.82
N TRP F 62 -6.38 38.87 -41.94
CA TRP F 62 -5.30 39.85 -42.01
C TRP F 62 -5.79 41.29 -41.90
N THR F 63 -7.08 41.50 -41.71
CA THR F 63 -7.63 42.86 -41.64
C THR F 63 -7.08 43.59 -40.43
N ASP F 64 -6.74 44.86 -40.63
CA ASP F 64 -6.25 45.72 -39.57
C ASP F 64 -7.24 45.79 -38.41
N GLU F 65 -6.85 45.28 -37.24
CA GLU F 65 -7.76 45.29 -36.10
C GLU F 65 -8.06 46.70 -35.60
N ASN F 66 -7.31 47.71 -36.04
CA ASN F 66 -7.71 49.08 -35.76
C ASN F 66 -9.06 49.40 -36.40
N LEU F 67 -9.45 48.67 -37.45
CA LEU F 67 -10.79 48.84 -37.99
C LEU F 67 -11.84 48.49 -36.95
N LEU F 68 -11.51 47.63 -35.99
CA LEU F 68 -12.46 47.32 -34.94
C LEU F 68 -12.41 48.34 -33.81
N THR F 69 -11.21 48.79 -33.43
CA THR F 69 -11.03 49.49 -32.17
C THR F 69 -10.78 50.99 -32.29
N GLU F 70 -10.23 51.46 -33.40
CA GLU F 70 -9.76 52.85 -33.48
C GLU F 70 -10.92 53.83 -33.49
N PRO F 71 -11.07 54.68 -32.48
CA PRO F 71 -12.19 55.63 -32.48
C PRO F 71 -12.10 56.59 -33.64
N GLY F 72 -13.23 56.80 -34.31
CA GLY F 72 -13.30 57.64 -35.48
C GLY F 72 -12.93 56.97 -36.78
N ARG F 73 -12.33 55.78 -36.73
CA ARG F 73 -12.00 55.02 -37.93
C ARG F 73 -12.35 53.54 -37.72
N ASN F 74 -13.45 53.27 -37.02
CA ASN F 74 -13.93 51.90 -36.85
C ASN F 74 -15.29 51.71 -37.50
N ILE F 75 -16.01 50.65 -37.12
CA ILE F 75 -17.25 50.32 -37.81
C ILE F 75 -18.32 51.37 -37.51
N GLU F 76 -18.33 51.91 -36.28
CA GLU F 76 -19.29 52.95 -35.92
C GLU F 76 -19.12 54.17 -36.82
N ALA F 77 -17.87 54.55 -37.12
CA ALA F 77 -17.65 55.70 -37.99
C ALA F 77 -18.00 55.38 -39.45
N LEU F 78 -17.81 54.13 -39.87
CA LEU F 78 -18.29 53.71 -41.19
C LEU F 78 -19.79 53.98 -41.33
N ARG F 79 -20.58 53.47 -40.39
CA ARG F 79 -22.02 53.68 -40.42
C ARG F 79 -22.36 55.17 -40.47
N GLU F 80 -21.54 55.99 -39.79
CA GLU F 80 -21.75 57.43 -39.80
C GLU F 80 -21.50 58.03 -41.17
N ALA F 81 -20.35 57.71 -41.77
CA ALA F 81 -19.99 58.32 -43.05
C ALA F 81 -20.87 57.79 -44.18
N VAL F 82 -21.19 56.50 -44.18
CA VAL F 82 -21.95 55.92 -45.28
C VAL F 82 -23.42 56.31 -45.19
N GLY F 83 -23.99 56.29 -44.00
CA GLY F 83 -25.38 56.67 -43.84
C GLY F 83 -26.35 55.80 -44.60
N ARG F 84 -26.01 54.52 -44.76
CA ARG F 84 -26.84 53.54 -45.43
C ARG F 84 -26.67 52.22 -44.69
N ASP F 85 -27.70 51.39 -44.69
CA ASP F 85 -27.58 50.08 -44.05
C ASP F 85 -26.67 49.17 -44.87
N PHE F 86 -25.81 48.44 -44.16
CA PHE F 86 -24.90 47.49 -44.81
C PHE F 86 -24.50 46.44 -43.78
N SER F 87 -24.00 45.32 -44.27
CA SER F 87 -23.60 44.21 -43.41
C SER F 87 -22.10 44.27 -43.11
N VAL F 88 -21.74 43.75 -41.95
CA VAL F 88 -20.34 43.65 -41.52
C VAL F 88 -20.11 42.21 -41.08
N SER F 89 -19.37 41.45 -41.87
CA SER F 89 -19.17 40.03 -41.63
C SER F 89 -17.79 39.75 -41.08
N ILE F 90 -17.68 38.61 -40.40
CA ILE F 90 -16.41 38.13 -39.85
C ILE F 90 -16.44 36.61 -39.90
N ASP F 91 -15.25 36.01 -39.95
CA ASP F 91 -15.10 34.57 -39.88
C ASP F 91 -14.61 34.24 -38.47
N PHE F 92 -15.55 33.91 -37.60
CA PHE F 92 -15.30 33.72 -36.18
C PHE F 92 -15.83 32.34 -35.78
N GLU F 93 -15.24 31.29 -36.37
CA GLU F 93 -15.78 29.94 -36.23
C GLU F 93 -15.11 29.15 -35.11
N GLY F 94 -13.97 29.58 -34.63
CA GLY F 94 -13.30 28.92 -33.52
C GLY F 94 -12.08 28.14 -33.97
N GLY F 95 -11.11 28.03 -33.08
CA GLY F 95 -9.91 27.26 -33.34
C GLY F 95 -8.91 27.88 -34.29
N ARG F 96 -9.10 29.15 -34.67
CA ARG F 96 -8.28 29.81 -35.66
C ARG F 96 -7.91 31.19 -35.16
N VAL F 97 -6.60 31.50 -35.12
CA VAL F 97 -6.13 32.81 -34.68
C VAL F 97 -6.12 33.76 -35.87
N GLN F 98 -6.54 35.00 -35.61
CA GLN F 98 -6.57 36.04 -36.63
C GLN F 98 -6.27 37.37 -35.96
N ARG F 99 -6.12 38.41 -36.78
CA ARG F 99 -5.79 39.74 -36.24
C ARG F 99 -6.84 40.20 -35.23
N ALA F 100 -8.11 39.82 -35.42
CA ALA F 100 -9.14 40.21 -34.46
C ALA F 100 -9.11 39.39 -33.17
N THR F 101 -8.33 38.30 -33.11
CA THR F 101 -8.35 37.46 -31.91
C THR F 101 -7.89 38.23 -30.67
N ASN F 102 -6.86 39.07 -30.83
CA ASN F 102 -6.35 39.86 -29.70
C ASN F 102 -7.38 40.82 -29.15
N ILE F 103 -8.44 41.11 -29.90
CA ILE F 103 -9.51 42.00 -29.46
C ILE F 103 -10.71 41.21 -28.95
N LEU F 104 -11.21 40.27 -29.76
CA LEU F 104 -12.51 39.65 -29.54
C LEU F 104 -12.44 38.26 -28.92
N GLY F 105 -11.24 37.71 -28.72
CA GLY F 105 -11.11 36.34 -28.28
C GLY F 105 -11.42 35.36 -29.40
N ASP F 106 -11.77 34.14 -29.01
CA ASP F 106 -12.09 33.12 -30.01
C ASP F 106 -12.81 31.95 -29.36
N PHE F 107 -13.69 31.32 -30.13
CA PHE F 107 -14.24 30.03 -29.75
C PHE F 107 -13.16 28.96 -29.75
N PRO F 108 -13.30 27.92 -28.93
CA PRO F 108 -12.50 26.71 -29.15
C PRO F 108 -12.85 26.12 -30.51
N SER F 109 -12.01 25.20 -30.98
CA SER F 109 -12.35 24.48 -32.18
C SER F 109 -13.65 23.69 -31.95
N PRO F 110 -14.47 23.51 -32.99
CA PRO F 110 -15.70 22.72 -32.82
C PRO F 110 -15.45 21.36 -32.22
N ARG F 111 -14.36 20.70 -32.62
CA ARG F 111 -14.02 19.41 -32.04
C ARG F 111 -13.87 19.53 -30.53
N VAL F 112 -13.23 20.59 -30.05
CA VAL F 112 -13.04 20.75 -28.61
C VAL F 112 -14.38 21.07 -27.92
N ALA F 114 -17.58 20.25 -28.79
CA ALA F 114 -18.40 19.06 -28.68
C ALA F 114 -17.81 18.05 -27.70
N GLN F 115 -16.47 17.96 -27.64
CA GLN F 115 -15.86 16.93 -26.79
C GLN F 115 -15.91 17.30 -25.31
N THR F 116 -15.77 18.57 -24.98
CA THR F 116 -15.62 18.97 -23.58
C THR F 116 -16.77 19.80 -23.05
N THR F 118 -21.16 20.98 -23.11
CA THR F 118 -22.54 20.63 -23.44
C THR F 118 -23.09 21.59 -24.50
N PRO F 119 -24.18 21.23 -25.17
CA PRO F 119 -24.80 22.21 -26.07
C PRO F 119 -25.19 23.50 -25.37
N GLU F 120 -25.66 23.42 -24.13
CA GLU F 120 -26.07 24.62 -23.42
C GLU F 120 -24.89 25.55 -23.17
N GLN F 121 -23.73 24.99 -22.82
CA GLN F 121 -22.54 25.82 -22.65
C GLN F 121 -22.15 26.50 -23.96
N VAL F 122 -22.31 25.81 -25.09
CA VAL F 122 -21.90 26.38 -26.37
C VAL F 122 -22.86 27.48 -26.79
N GLU F 123 -24.15 27.32 -26.49
CA GLU F 123 -25.09 28.40 -26.76
C GLU F 123 -24.81 29.59 -25.86
N ASP F 124 -24.53 29.35 -24.58
CA ASP F 124 -24.18 30.45 -23.67
C ASP F 124 -22.87 31.10 -24.09
N LEU F 125 -21.91 30.30 -24.57
CA LEU F 125 -20.63 30.84 -25.00
C LEU F 125 -20.80 31.76 -26.20
N ALA F 126 -21.60 31.33 -27.18
CA ALA F 126 -21.83 32.15 -28.36
C ALA F 126 -22.54 33.44 -28.00
N GLU F 127 -23.45 33.39 -27.03
CA GLU F 127 -24.10 34.61 -26.56
C GLU F 127 -23.07 35.59 -26.02
N ILE F 128 -22.15 35.11 -25.18
CA ILE F 128 -21.17 36.00 -24.55
C ILE F 128 -20.16 36.52 -25.57
N LEU F 129 -19.52 35.61 -26.31
CA LEU F 129 -18.57 36.07 -27.31
C LEU F 129 -19.25 36.90 -28.38
N GLY F 130 -20.49 36.54 -28.73
CA GLY F 130 -21.23 37.34 -29.69
C GLY F 130 -21.46 38.75 -29.21
N THR F 131 -21.49 38.95 -27.89
CA THR F 131 -21.68 40.29 -27.34
C THR F 131 -20.51 41.18 -27.71
N GLY F 132 -19.28 40.65 -27.64
CA GLY F 132 -18.13 41.42 -28.06
C GLY F 132 -18.17 41.77 -29.54
N LEU F 133 -18.60 40.82 -30.37
CA LEU F 133 -18.70 41.08 -31.81
C LEU F 133 -19.72 42.18 -32.09
N ALA F 134 -20.90 42.09 -31.48
CA ALA F 134 -21.92 43.10 -31.73
C ALA F 134 -21.48 44.47 -31.27
N ALA F 135 -20.74 44.55 -30.16
CA ALA F 135 -20.25 45.83 -29.66
C ALA F 135 -19.18 46.43 -30.58
N HIS F 136 -18.63 45.66 -31.51
CA HIS F 136 -17.67 46.18 -32.47
C HIS F 136 -18.26 46.32 -33.87
N GLY F 137 -19.58 46.27 -33.99
CA GLY F 137 -20.25 46.52 -35.25
C GLY F 137 -20.35 45.34 -36.18
N VAL F 138 -19.97 44.14 -35.74
CA VAL F 138 -20.20 42.96 -36.56
C VAL F 138 -21.69 42.66 -36.60
N THR F 139 -22.20 42.29 -37.79
CA THR F 139 -23.58 41.87 -37.94
C THR F 139 -23.74 40.45 -38.45
N VAL F 140 -22.73 39.86 -39.07
CA VAL F 140 -22.82 38.52 -39.66
C VAL F 140 -21.57 37.74 -39.26
N ASN F 141 -21.75 36.50 -38.81
CA ASN F 141 -20.65 35.59 -38.53
C ASN F 141 -20.74 34.42 -39.50
N PHE F 142 -19.67 34.22 -40.27
CA PHE F 142 -19.57 33.06 -41.15
C PHE F 142 -19.20 31.84 -40.30
N ALA F 143 -20.19 31.40 -39.52
CA ALA F 143 -20.08 30.27 -38.60
C ALA F 143 -21.49 29.97 -38.07
N PRO F 144 -21.73 28.74 -37.59
CA PRO F 144 -20.82 27.61 -37.39
C PRO F 144 -20.56 26.79 -38.65
N VAL F 145 -19.46 26.04 -38.63
CA VAL F 145 -19.30 24.92 -39.55
C VAL F 145 -20.29 23.84 -39.14
N VAL F 146 -20.97 23.24 -40.12
CA VAL F 146 -21.89 22.16 -39.83
C VAL F 146 -21.39 20.85 -40.40
N ASP F 147 -20.19 20.84 -40.96
CA ASP F 147 -19.58 19.60 -41.44
C ASP F 147 -19.51 18.59 -40.31
N VAL F 148 -19.94 17.36 -40.58
CA VAL F 148 -20.17 16.38 -39.53
C VAL F 148 -18.87 15.99 -38.85
N ASP F 149 -17.78 15.92 -39.60
CA ASP F 149 -16.50 15.52 -39.02
C ASP F 149 -15.80 16.67 -38.28
N ALA F 150 -16.23 17.91 -38.48
CA ALA F 150 -15.63 19.02 -37.74
C ALA F 150 -16.02 19.00 -36.27
N TRP F 151 -17.17 18.42 -35.94
CA TRP F 151 -17.64 18.31 -34.56
C TRP F 151 -17.36 16.95 -33.95
N GLY F 152 -16.62 16.09 -34.64
CA GLY F 152 -16.33 14.77 -34.14
C GLY F 152 -14.86 14.44 -34.10
N LEU F 153 -14.54 13.17 -33.90
CA LEU F 153 -13.16 12.71 -33.80
C LEU F 153 -12.63 12.23 -35.15
N PHE F 161 -17.26 7.91 -42.73
CA PHE F 161 -18.52 8.31 -42.09
C PHE F 161 -18.64 7.69 -40.71
N SER F 162 -17.76 8.11 -39.78
CA SER F 162 -17.70 7.55 -38.44
C SER F 162 -18.56 8.31 -37.43
N ASN F 163 -18.59 9.64 -37.51
CA ASN F 163 -19.20 10.47 -36.48
C ASN F 163 -20.70 10.57 -36.66
N ASP F 164 -21.36 11.30 -35.75
CA ASP F 164 -22.80 11.40 -35.74
C ASP F 164 -23.22 12.73 -36.32
N PRO F 165 -24.03 12.75 -37.38
CA PRO F 165 -24.55 14.02 -37.90
C PRO F 165 -25.48 14.74 -36.92
N ALA F 166 -26.19 13.99 -36.06
CA ALA F 166 -27.08 14.64 -35.11
C ALA F 166 -26.30 15.43 -34.08
N VAL F 167 -25.06 15.03 -33.81
CA VAL F 167 -24.22 15.78 -32.88
C VAL F 167 -23.80 17.12 -33.47
N ALA F 168 -23.30 17.10 -34.71
CA ALA F 168 -23.02 18.35 -35.43
C ALA F 168 -24.26 19.22 -35.52
N ALA F 169 -25.41 18.61 -35.85
CA ALA F 169 -26.66 19.37 -35.91
C ALA F 169 -27.02 19.97 -34.56
N THR F 170 -26.83 19.20 -33.48
CA THR F 170 -27.17 19.69 -32.15
C THR F 170 -26.30 20.87 -31.75
N TYR F 171 -24.99 20.77 -31.97
CA TYR F 171 -24.07 21.79 -31.52
C TYR F 171 -24.09 23.03 -32.40
N ALA F 172 -24.20 22.83 -33.72
CA ALA F 172 -24.28 23.97 -34.62
C ALA F 172 -25.55 24.78 -34.39
N THR F 173 -26.67 24.09 -34.13
CA THR F 173 -27.91 24.81 -33.85
C THR F 173 -27.77 25.64 -32.58
N ALA F 174 -27.17 25.06 -31.53
CA ALA F 174 -26.99 25.78 -30.27
C ALA F 174 -26.03 26.96 -30.44
N PHE F 175 -24.89 26.72 -31.09
CA PHE F 175 -23.99 27.80 -31.49
C PHE F 175 -24.77 28.93 -32.16
N ALA F 176 -25.60 28.58 -33.15
CA ALA F 176 -26.33 29.57 -33.92
C ALA F 176 -27.32 30.35 -33.04
N LYS F 177 -27.99 29.66 -32.12
CA LYS F 177 -28.99 30.30 -31.28
C LYS F 177 -28.37 31.35 -30.36
N GLY F 178 -27.19 31.04 -29.80
CA GLY F 178 -26.53 32.01 -28.94
C GLY F 178 -26.15 33.29 -29.66
N LEU F 179 -25.64 33.17 -30.89
CA LEU F 179 -25.32 34.34 -31.68
C LEU F 179 -26.57 35.17 -31.96
N SER F 180 -27.67 34.52 -32.35
CA SER F 180 -28.89 35.26 -32.68
C SER F 180 -29.41 36.07 -31.50
N LYS F 181 -29.16 35.60 -30.26
CA LYS F 181 -29.65 36.30 -29.08
C LYS F 181 -29.05 37.70 -28.95
N VAL F 182 -27.85 37.91 -29.50
CA VAL F 182 -27.17 39.19 -29.35
C VAL F 182 -27.10 39.95 -30.66
N GLY F 183 -27.87 39.53 -31.67
CA GLY F 183 -27.96 40.28 -32.90
C GLY F 183 -26.90 39.95 -33.94
N ILE F 184 -26.41 38.73 -33.95
CA ILE F 184 -25.44 38.29 -34.95
C ILE F 184 -26.06 37.17 -35.77
N THR F 185 -26.06 37.34 -37.09
CA THR F 185 -26.63 36.33 -37.98
C THR F 185 -25.64 35.19 -38.14
N PRO F 186 -25.98 33.99 -37.69
CA PRO F 186 -25.12 32.84 -37.98
C PRO F 186 -25.29 32.42 -39.43
N VAL F 187 -24.20 31.90 -40.01
CA VAL F 187 -24.20 31.43 -41.40
C VAL F 187 -23.63 30.01 -41.40
N PHE F 188 -24.46 29.03 -41.72
CA PHE F 188 -24.02 27.65 -41.80
C PHE F 188 -23.24 27.42 -43.08
N LYS F 189 -22.19 26.59 -42.99
CA LYS F 189 -21.23 26.38 -44.08
C LYS F 189 -20.56 25.03 -43.88
N HIS F 190 -20.01 24.47 -44.96
CA HIS F 190 -20.13 24.93 -46.34
C HIS F 190 -21.02 23.97 -47.11
N PHE F 191 -22.16 24.47 -47.59
CA PHE F 191 -23.14 23.66 -48.30
C PHE F 191 -22.61 23.28 -49.68
N PRO F 192 -22.82 22.02 -50.13
CA PRO F 192 -23.50 20.91 -49.45
C PRO F 192 -22.62 20.05 -48.54
N GLY F 193 -21.38 20.44 -48.31
CA GLY F 193 -20.53 19.69 -47.41
C GLY F 193 -19.50 18.85 -48.16
N HIS F 194 -18.34 18.66 -47.51
CA HIS F 194 -17.26 17.83 -48.06
C HIS F 194 -16.97 16.71 -47.06
N GLY F 195 -17.50 15.52 -47.32
CA GLY F 195 -17.34 14.40 -46.41
C GLY F 195 -16.43 13.30 -46.95
N THR F 208 -15.06 15.56 -53.40
CA THR F 208 -16.04 15.10 -52.42
C THR F 208 -16.72 13.80 -52.86
N PRO F 209 -17.37 13.11 -51.93
CA PRO F 209 -18.22 11.97 -52.32
C PRO F 209 -19.42 12.43 -53.14
N ALA F 210 -20.11 11.46 -53.71
CA ALA F 210 -21.26 11.76 -54.57
C ALA F 210 -22.40 12.36 -53.75
N LEU F 211 -23.32 13.03 -54.44
CA LEU F 211 -24.42 13.71 -53.78
C LEU F 211 -25.25 12.74 -52.94
N ASP F 212 -25.45 11.51 -53.45
CA ASP F 212 -26.25 10.54 -52.70
C ASP F 212 -25.63 10.21 -51.36
N GLU F 213 -24.30 10.29 -51.26
CA GLU F 213 -23.66 10.05 -49.98
C GLU F 213 -23.73 11.27 -49.06
N LEU F 214 -23.76 12.48 -49.62
CA LEU F 214 -24.01 13.65 -48.78
C LEU F 214 -25.42 13.63 -48.21
N LYS F 215 -26.38 13.10 -48.97
CA LYS F 215 -27.78 13.12 -48.53
C LYS F 215 -28.02 12.21 -47.33
N THR F 216 -27.11 11.27 -47.06
CA THR F 216 -27.23 10.41 -45.89
C THR F 216 -26.20 10.77 -44.82
N TYR F 217 -25.62 11.95 -44.89
CA TYR F 217 -24.58 12.32 -43.94
C TYR F 217 -24.43 13.83 -43.78
N ASP F 218 -23.65 14.47 -44.65
CA ASP F 218 -23.32 15.88 -44.46
C ASP F 218 -24.53 16.80 -44.60
N LEU F 219 -25.52 16.41 -45.41
CA LEU F 219 -26.69 17.27 -45.57
C LEU F 219 -27.66 17.19 -44.39
N ILE F 220 -27.50 16.20 -43.50
CA ILE F 220 -28.45 16.04 -42.39
C ILE F 220 -28.47 17.26 -41.47
N PRO F 221 -27.33 17.79 -41.00
CA PRO F 221 -27.40 18.93 -40.06
C PRO F 221 -28.17 20.12 -40.58
N TYR F 222 -28.19 20.35 -41.89
CA TYR F 222 -28.92 21.49 -42.44
C TYR F 222 -30.41 21.39 -42.19
N GLY F 223 -30.93 20.16 -42.00
CA GLY F 223 -32.31 19.98 -41.60
C GLY F 223 -32.65 20.73 -40.32
N GLN F 224 -31.99 20.37 -39.22
CA GLN F 224 -32.29 21.03 -37.95
C GLN F 224 -31.84 22.48 -37.96
N ALA F 225 -30.72 22.78 -38.64
CA ALA F 225 -30.15 24.12 -38.61
C ALA F 225 -31.11 25.15 -39.19
N LEU F 226 -31.71 24.83 -40.33
CA LEU F 226 -32.55 25.80 -41.04
C LEU F 226 -34.01 25.76 -40.61
N SER F 227 -34.41 24.82 -39.75
CA SER F 227 -35.77 24.79 -39.26
C SER F 227 -35.91 25.34 -37.83
N GLU F 228 -34.82 25.37 -37.06
CA GLU F 228 -34.89 25.83 -35.68
C GLU F 228 -34.14 27.14 -35.45
N THR F 229 -33.47 27.68 -36.46
CA THR F 229 -32.74 28.93 -36.33
C THR F 229 -33.05 29.84 -37.51
N ASP F 230 -32.56 31.07 -37.43
CA ASP F 230 -32.73 32.08 -38.46
C ASP F 230 -31.44 32.31 -39.25
N GLY F 231 -30.57 31.29 -39.29
CA GLY F 231 -29.28 31.44 -39.93
C GLY F 231 -29.39 31.44 -41.45
N ALA F 232 -28.37 32.04 -42.07
CA ALA F 232 -28.20 31.98 -43.51
C ALA F 232 -27.34 30.75 -43.86
N VAL F 233 -27.05 30.57 -45.15
CA VAL F 233 -26.25 29.44 -45.62
C VAL F 233 -25.16 29.95 -46.54
N VAL F 235 -22.41 28.66 -49.49
CA VAL F 235 -22.11 27.57 -50.42
C VAL F 235 -20.61 27.49 -50.64
N GLY F 236 -20.06 26.26 -50.58
CA GLY F 236 -18.64 26.06 -50.78
C GLY F 236 -18.26 25.85 -52.25
N HIS F 237 -16.95 25.75 -52.48
CA HIS F 237 -16.38 25.58 -53.81
C HIS F 237 -16.19 24.11 -54.20
N ILE F 239 -16.44 20.33 -55.55
CA ILE F 239 -17.09 19.75 -56.73
C ILE F 239 -17.72 18.44 -56.28
N VAL F 240 -19.05 18.35 -56.38
CA VAL F 240 -19.83 17.22 -55.90
C VAL F 240 -20.28 16.41 -57.11
N PRO F 241 -19.78 15.19 -57.30
CA PRO F 241 -20.30 14.34 -58.39
C PRO F 241 -21.78 14.05 -58.18
N GLY F 242 -22.55 14.19 -59.26
CA GLY F 242 -23.98 13.97 -59.19
C GLY F 242 -24.82 15.18 -58.88
N LEU F 243 -24.19 16.33 -58.60
CA LEU F 243 -24.92 17.59 -58.40
C LEU F 243 -24.51 18.55 -59.51
N GLY F 244 -25.39 18.72 -60.49
CA GLY F 244 -25.10 19.63 -61.57
C GLY F 244 -24.06 19.09 -62.55
N THR F 245 -23.26 20.02 -63.09
CA THR F 245 -22.36 19.75 -64.19
C THR F 245 -21.02 19.24 -63.68
N ASP F 246 -20.51 18.17 -64.30
CA ASP F 246 -19.26 17.57 -63.88
C ASP F 246 -18.14 18.60 -63.89
N GLY F 247 -17.37 18.65 -62.80
CA GLY F 247 -16.20 19.49 -62.71
C GLY F 247 -16.44 20.93 -62.33
N VAL F 248 -17.67 21.34 -62.07
CA VAL F 248 -18.00 22.73 -61.75
C VAL F 248 -18.06 22.90 -60.24
N PRO F 249 -17.36 23.87 -59.67
CA PRO F 249 -17.48 24.12 -58.23
C PRO F 249 -18.90 24.48 -57.85
N SER F 250 -19.31 24.04 -56.64
CA SER F 250 -20.71 24.15 -56.23
C SER F 250 -21.17 25.60 -56.20
N SER F 251 -20.29 26.51 -55.80
CA SER F 251 -20.67 27.91 -55.66
C SER F 251 -20.98 28.60 -56.98
N ILE F 252 -20.67 27.99 -58.12
CA ILE F 252 -21.08 28.55 -59.39
C ILE F 252 -21.91 27.56 -60.21
N ASP F 253 -22.45 26.52 -59.57
CA ASP F 253 -23.33 25.57 -60.26
C ASP F 253 -24.78 25.86 -59.90
N PRO F 254 -25.65 26.15 -60.87
CA PRO F 254 -27.06 26.42 -60.53
C PRO F 254 -27.71 25.31 -59.70
N ALA F 255 -27.34 24.05 -59.92
CA ALA F 255 -28.00 22.95 -59.21
C ALA F 255 -27.81 23.05 -57.71
N THR F 256 -26.66 23.57 -57.26
CA THR F 256 -26.43 23.75 -55.83
C THR F 256 -27.48 24.66 -55.21
N TYR F 257 -27.70 25.82 -55.82
CA TYR F 257 -28.64 26.78 -55.25
C TYR F 257 -30.08 26.30 -55.38
N GLN F 258 -30.40 25.56 -56.45
CA GLN F 258 -31.75 25.02 -56.61
C GLN F 258 -32.02 23.89 -55.62
N LEU F 259 -30.97 23.18 -55.20
CA LEU F 259 -31.10 22.20 -54.13
C LEU F 259 -31.37 22.89 -52.80
N LEU F 260 -30.71 24.01 -52.54
CA LEU F 260 -30.94 24.75 -51.30
C LEU F 260 -32.33 25.37 -51.28
N ARG F 261 -32.75 25.99 -52.39
CA ARG F 261 -34.07 26.63 -52.46
C ARG F 261 -35.19 25.60 -52.28
N SER F 262 -35.09 24.45 -52.93
CA SER F 262 -36.17 23.46 -52.87
C SER F 262 -36.12 22.63 -51.60
N GLY F 263 -34.95 22.50 -50.98
CA GLY F 263 -34.78 21.60 -49.85
C GLY F 263 -34.99 20.15 -50.22
N ASP F 264 -34.71 19.78 -51.47
CA ASP F 264 -35.03 18.45 -51.99
C ASP F 264 -33.91 17.45 -51.66
N TYR F 265 -33.67 17.31 -50.36
CA TYR F 265 -32.77 16.33 -49.79
C TYR F 265 -33.39 15.85 -48.49
N PRO F 266 -33.03 14.66 -48.01
CA PRO F 266 -33.69 14.10 -46.81
C PRO F 266 -33.59 15.04 -45.61
N GLY F 267 -34.76 15.39 -45.06
CA GLY F 267 -34.84 16.29 -43.93
C GLY F 267 -34.78 17.76 -44.26
N GLY F 268 -34.53 18.13 -45.53
CA GLY F 268 -34.37 19.52 -45.87
C GLY F 268 -35.69 20.27 -45.94
N VAL F 269 -35.65 21.54 -45.54
CA VAL F 269 -36.78 22.45 -45.67
C VAL F 269 -36.41 23.52 -46.69
N PRO F 270 -37.37 24.06 -47.45
CA PRO F 270 -37.03 25.09 -48.44
C PRO F 270 -36.43 26.31 -47.74
N PHE F 271 -35.46 26.93 -48.41
CA PHE F 271 -34.74 28.07 -47.84
C PHE F 271 -34.85 29.26 -48.78
N ASP F 272 -35.52 30.31 -48.31
CA ASP F 272 -35.69 31.53 -49.09
C ASP F 272 -34.81 32.67 -48.54
N GLY F 273 -33.93 32.37 -47.61
CA GLY F 273 -33.03 33.36 -47.05
C GLY F 273 -31.86 33.66 -47.97
N VAL F 274 -30.95 34.48 -47.44
CA VAL F 274 -29.77 34.89 -48.19
C VAL F 274 -28.78 33.73 -48.25
N ILE F 275 -28.25 33.46 -49.45
CA ILE F 275 -27.21 32.46 -49.66
C ILE F 275 -25.92 33.18 -49.99
N TYR F 276 -24.90 32.97 -49.17
CA TYR F 276 -23.56 33.52 -49.40
C TYR F 276 -22.73 32.54 -50.20
N THR F 277 -21.74 33.07 -50.91
CA THR F 277 -20.68 32.24 -51.46
C THR F 277 -19.51 32.24 -50.49
N ASP F 278 -18.71 31.18 -50.58
CA ASP F 278 -17.38 31.25 -50.01
C ASP F 278 -16.55 32.24 -50.83
N ASP F 279 -15.42 32.67 -50.25
CA ASP F 279 -14.51 33.62 -50.87
C ASP F 279 -14.18 33.21 -52.30
N LEU F 280 -14.76 33.92 -53.28
CA LEU F 280 -14.53 33.57 -54.67
C LEU F 280 -13.09 33.78 -55.12
N SER F 281 -12.28 34.50 -54.35
CA SER F 281 -10.86 34.66 -54.70
C SER F 281 -10.05 33.41 -54.45
N GLY F 282 -10.54 32.50 -53.60
CA GLY F 282 -9.79 31.30 -53.27
C GLY F 282 -10.36 30.02 -53.85
N HIS F 290 -11.67 31.13 -64.15
CA HIS F 290 -12.46 32.31 -63.81
C HIS F 290 -11.62 33.42 -63.17
N SER F 291 -11.77 34.64 -63.69
CA SER F 291 -11.27 35.83 -63.03
C SER F 291 -12.22 36.24 -61.91
N PRO F 292 -11.78 37.10 -60.98
CA PRO F 292 -12.68 37.50 -59.88
C PRO F 292 -14.03 38.01 -60.34
N ALA F 293 -14.06 38.93 -61.31
CA ALA F 293 -15.32 39.46 -61.79
C ALA F 293 -16.19 38.38 -62.42
N GLU F 294 -15.59 37.47 -63.19
CA GLU F 294 -16.37 36.41 -63.82
C GLU F 294 -16.94 35.45 -62.76
N ALA F 295 -16.17 35.19 -61.70
CA ALA F 295 -16.65 34.32 -60.63
C ALA F 295 -17.79 34.96 -59.85
N VAL F 296 -17.72 36.28 -59.63
CA VAL F 296 -18.82 36.99 -58.98
C VAL F 296 -20.10 36.84 -59.80
N LEU F 297 -20.03 37.15 -61.10
CA LEU F 297 -21.21 37.02 -61.97
C LEU F 297 -21.72 35.58 -62.01
N ALA F 298 -20.81 34.62 -62.18
CA ALA F 298 -21.23 33.23 -62.33
C ALA F 298 -21.91 32.71 -61.06
N SER F 299 -21.48 33.16 -59.88
CA SER F 299 -22.14 32.72 -58.67
C SER F 299 -23.47 33.41 -58.46
N LEU F 300 -23.61 34.66 -58.93
CA LEU F 300 -24.88 35.36 -58.77
C LEU F 300 -25.95 34.76 -59.68
N LYS F 301 -25.61 34.52 -60.95
CA LYS F 301 -26.61 33.95 -61.84
C LYS F 301 -26.89 32.49 -61.51
N ALA F 302 -25.94 31.78 -60.90
CA ALA F 302 -26.22 30.44 -60.40
C ALA F 302 -27.23 30.43 -59.26
N GLY F 303 -27.37 31.54 -58.53
CA GLY F 303 -28.41 31.64 -57.53
C GLY F 303 -28.02 32.24 -56.19
N ALA F 304 -26.76 32.66 -56.04
CA ALA F 304 -26.32 33.29 -54.80
C ALA F 304 -26.90 34.69 -54.67
N ASP F 305 -27.06 35.14 -53.42
CA ASP F 305 -27.55 36.48 -53.13
C ASP F 305 -26.45 37.43 -52.65
N GLN F 306 -25.36 36.90 -52.09
CA GLN F 306 -24.24 37.71 -51.61
C GLN F 306 -22.96 37.06 -52.12
N ALA F 307 -22.34 37.66 -53.11
CA ALA F 307 -21.08 37.15 -53.64
C ALA F 307 -19.93 37.71 -52.82
N LEU F 308 -19.19 36.83 -52.16
CA LEU F 308 -18.10 37.19 -51.27
C LEU F 308 -16.76 36.96 -51.95
N TRP F 309 -15.91 37.98 -51.93
CA TRP F 309 -14.56 37.86 -52.47
C TRP F 309 -13.67 38.93 -51.86
N ILE F 310 -12.37 38.73 -51.98
CA ILE F 310 -11.38 39.72 -51.55
C ILE F 310 -11.05 40.61 -52.73
N ASP F 311 -11.26 41.92 -52.57
CA ASP F 311 -11.44 42.80 -53.70
C ASP F 311 -10.16 43.00 -54.50
N TYR F 312 -9.05 43.29 -53.81
CA TYR F 312 -7.76 43.64 -54.40
C TYR F 312 -7.83 44.94 -55.22
N GLY F 313 -9.00 45.57 -55.27
CA GLY F 313 -9.18 46.83 -55.97
C GLY F 313 -10.04 46.76 -57.22
N SER F 314 -10.43 45.57 -57.68
CA SER F 314 -11.18 45.39 -58.91
C SER F 314 -12.70 45.42 -58.72
N LEU F 315 -13.19 46.02 -57.63
CA LEU F 315 -14.63 46.00 -57.34
C LEU F 315 -15.43 46.67 -58.45
N GLY F 316 -15.02 47.88 -58.86
CA GLY F 316 -15.73 48.57 -59.92
C GLY F 316 -15.81 47.77 -61.20
N SER F 317 -14.77 46.97 -61.49
CA SER F 317 -14.78 46.16 -62.70
C SER F 317 -15.82 45.05 -62.61
N ALA F 318 -16.01 44.50 -61.40
CA ALA F 318 -17.05 43.49 -61.20
C ALA F 318 -18.44 44.11 -61.30
N ILE F 319 -18.64 45.29 -60.70
CA ILE F 319 -19.92 45.97 -60.85
C ILE F 319 -20.21 46.26 -62.31
N ASP F 320 -19.19 46.65 -63.08
CA ASP F 320 -19.41 46.89 -64.52
C ASP F 320 -19.89 45.62 -65.21
N ARG F 321 -19.17 44.51 -65.01
CA ARG F 321 -19.51 43.26 -65.67
C ARG F 321 -20.92 42.80 -65.34
N VAL F 322 -21.25 42.75 -64.04
CA VAL F 322 -22.57 42.28 -63.62
C VAL F 322 -23.67 43.21 -64.13
N ASP F 323 -23.48 44.53 -63.94
CA ASP F 323 -24.44 45.50 -64.43
C ASP F 323 -24.71 45.33 -65.93
N ALA F 324 -23.65 45.09 -66.72
CA ALA F 324 -23.85 44.89 -68.15
C ALA F 324 -24.51 43.55 -68.44
N ALA F 325 -24.31 42.56 -67.55
CA ALA F 325 -24.97 41.28 -67.73
C ALA F 325 -26.48 41.40 -67.51
N VAL F 326 -26.89 42.23 -66.55
CA VAL F 326 -28.32 42.51 -66.38
C VAL F 326 -28.88 43.20 -67.62
N SER F 327 -28.17 44.22 -68.11
CA SER F 327 -28.65 44.96 -69.28
C SER F 327 -28.72 44.08 -70.51
N SER F 328 -27.82 43.11 -70.66
CA SER F 328 -27.80 42.29 -71.87
C SER F 328 -28.73 41.08 -71.78
N GLY F 329 -29.22 40.74 -70.59
CA GLY F 329 -30.03 39.56 -70.40
C GLY F 329 -29.26 38.35 -69.92
N GLU F 330 -27.93 38.40 -69.94
CA GLU F 330 -27.13 37.28 -69.45
C GLU F 330 -27.48 36.93 -68.00
N TYR F 331 -27.75 37.96 -67.19
CA TYR F 331 -28.18 37.83 -65.80
C TYR F 331 -29.60 38.37 -65.71
N PRO F 332 -30.62 37.50 -65.69
CA PRO F 332 -32.01 37.98 -65.78
C PRO F 332 -32.38 38.95 -64.67
N GLN F 333 -32.98 40.08 -65.06
CA GLN F 333 -33.29 41.14 -64.11
C GLN F 333 -34.23 40.66 -63.02
N GLU F 334 -35.18 39.79 -63.37
CA GLU F 334 -36.12 39.29 -62.37
C GLU F 334 -35.40 38.51 -61.27
N GLN F 335 -34.49 37.62 -61.67
CA GLN F 335 -33.69 36.87 -60.71
C GLN F 335 -32.82 37.81 -59.86
N LEU F 337 -33.27 41.05 -59.14
CA LEU F 337 -34.07 41.86 -58.22
C LEU F 337 -34.60 41.03 -57.06
N ALA F 338 -34.85 39.73 -57.26
CA ALA F 338 -35.29 38.89 -56.15
C ALA F 338 -34.17 38.69 -55.13
N SER F 339 -32.94 38.54 -55.61
CA SER F 339 -31.80 38.54 -54.68
C SER F 339 -31.67 39.89 -53.98
N ALA F 340 -31.80 41.00 -54.72
CA ALA F 340 -31.69 42.33 -54.11
C ALA F 340 -32.72 42.54 -53.02
N LEU F 341 -33.91 41.93 -53.18
CA LEU F 341 -34.94 42.01 -52.15
C LEU F 341 -34.52 41.28 -50.88
N ARG F 342 -34.02 40.05 -51.01
CA ARG F 342 -33.53 39.32 -49.85
C ARG F 342 -32.46 40.10 -49.08
N VAL F 343 -31.63 40.89 -49.78
CA VAL F 343 -30.59 41.63 -49.09
C VAL F 343 -31.19 42.76 -48.26
N GLN F 344 -32.14 43.51 -48.82
CA GLN F 344 -32.79 44.57 -48.04
C GLN F 344 -33.57 44.00 -46.86
N LEU F 345 -34.05 42.76 -46.97
CA LEU F 345 -34.74 42.13 -45.86
C LEU F 345 -33.85 41.91 -44.63
N LEU F 346 -32.52 41.89 -44.82
CA LEU F 346 -31.63 41.77 -43.69
C LEU F 346 -31.65 43.00 -42.79
N TYR F 347 -32.13 44.13 -43.29
CA TYR F 347 -32.00 45.41 -42.60
C TYR F 347 -33.31 45.90 -41.99
N ILE F 348 -34.32 45.05 -41.88
CA ILE F 348 -35.59 45.46 -41.29
C ILE F 348 -35.90 44.65 -40.02
N SER G 9 18.19 -41.15 -21.45
CA SER G 9 17.09 -41.26 -20.49
C SER G 9 16.46 -39.90 -20.21
N THR G 10 15.33 -39.63 -20.86
CA THR G 10 14.60 -38.37 -20.69
C THR G 10 13.19 -38.68 -20.23
N PRO G 11 12.73 -38.15 -19.08
CA PRO G 11 11.37 -38.40 -18.65
C PRO G 11 10.37 -37.70 -19.55
N PRO G 12 9.14 -38.19 -19.65
CA PRO G 12 8.17 -37.58 -20.55
C PRO G 12 7.66 -36.25 -20.01
N ALA G 13 7.38 -35.33 -20.93
CA ALA G 13 6.85 -34.02 -20.56
C ALA G 13 5.43 -34.15 -20.01
N PRO G 14 4.95 -33.13 -19.30
CA PRO G 14 3.56 -33.16 -18.82
C PRO G 14 2.58 -33.31 -19.98
N THR G 15 1.61 -34.19 -19.79
CA THR G 15 0.64 -34.55 -20.82
C THR G 15 -0.74 -33.98 -20.48
N ALA G 16 -1.64 -34.04 -21.46
CA ALA G 16 -3.02 -33.62 -21.23
C ALA G 16 -3.67 -34.42 -20.12
N GLU G 17 -3.41 -35.73 -20.09
CA GLU G 17 -3.98 -36.59 -19.06
C GLU G 17 -3.53 -36.17 -17.67
N ASP G 18 -2.26 -35.79 -17.53
CA ASP G 18 -1.78 -35.37 -16.22
C ASP G 18 -2.39 -34.03 -15.79
N LEU G 19 -2.58 -33.11 -16.75
CA LEU G 19 -3.28 -31.87 -16.43
C LEU G 19 -4.75 -32.14 -16.09
N ALA G 20 -5.35 -33.12 -16.76
CA ALA G 20 -6.73 -33.46 -16.47
C ALA G 20 -6.87 -34.11 -15.09
N ARG G 21 -5.89 -34.93 -14.70
CA ARG G 21 -5.98 -35.63 -13.42
C ARG G 21 -5.96 -34.66 -12.25
N ALA G 22 -5.14 -33.60 -12.35
CA ALA G 22 -5.09 -32.60 -11.30
C ALA G 22 -6.39 -31.81 -11.19
N GLN G 23 -7.20 -31.77 -12.23
CA GLN G 23 -8.50 -31.09 -12.19
C GLN G 23 -9.63 -31.96 -11.66
N ILE G 24 -9.37 -33.24 -11.39
CA ILE G 24 -10.40 -34.09 -10.78
C ILE G 24 -10.69 -33.58 -9.37
N PRO G 25 -11.95 -33.30 -9.02
CA PRO G 25 -12.23 -32.63 -7.74
C PRO G 25 -11.69 -33.41 -6.54
N GLU G 26 -11.49 -32.68 -5.44
CA GLU G 26 -10.92 -33.28 -4.24
C GLU G 26 -11.96 -34.12 -3.48
N GLN G 27 -13.14 -33.55 -3.25
CA GLN G 27 -14.18 -34.24 -2.50
C GLN G 27 -14.84 -35.33 -3.35
N GLN G 28 -15.14 -36.45 -2.71
CA GLN G 28 -15.67 -37.61 -3.44
C GLN G 28 -17.06 -37.34 -3.99
N ARG G 29 -17.89 -36.59 -3.25
CA ARG G 29 -19.21 -36.22 -3.75
C ARG G 29 -19.09 -35.37 -5.02
N ASP G 30 -18.10 -34.48 -5.07
CA ASP G 30 -17.90 -33.66 -6.26
C ASP G 30 -17.31 -34.48 -7.41
N GLN G 31 -16.56 -35.53 -7.11
CA GLN G 31 -16.08 -36.41 -8.16
C GLN G 31 -17.24 -37.15 -8.82
N VAL G 32 -18.10 -37.78 -8.03
CA VAL G 32 -19.22 -38.52 -8.61
C VAL G 32 -20.20 -37.57 -9.29
N ALA G 33 -20.36 -36.36 -8.76
CA ALA G 33 -21.29 -35.42 -9.40
C ALA G 33 -20.78 -34.99 -10.76
N SER G 34 -19.45 -34.99 -10.96
CA SER G 34 -18.89 -34.63 -12.26
C SER G 34 -19.24 -35.65 -13.33
N LEU G 35 -19.64 -36.87 -12.95
CA LEU G 35 -20.04 -37.90 -13.90
C LEU G 35 -21.50 -37.80 -14.29
N VAL G 38 -27.49 -32.93 -16.17
CA VAL G 38 -28.93 -32.81 -15.96
C VAL G 38 -29.51 -31.77 -16.92
N GLY G 39 -30.73 -32.03 -17.39
CA GLY G 39 -31.49 -30.97 -18.03
C GLY G 39 -31.79 -29.84 -17.07
N VAL G 40 -31.82 -28.62 -17.59
CA VAL G 40 -32.01 -27.43 -16.77
C VAL G 40 -33.16 -26.62 -17.36
N ALA G 41 -34.02 -26.11 -16.47
CA ALA G 41 -35.22 -25.40 -16.89
C ALA G 41 -34.98 -23.91 -17.09
N ASN G 42 -34.05 -23.34 -16.34
CA ASN G 42 -33.74 -21.91 -16.45
C ASN G 42 -32.40 -21.68 -15.77
N TYR G 43 -32.01 -20.40 -15.68
CA TYR G 43 -30.70 -20.04 -15.13
C TYR G 43 -30.55 -20.45 -13.68
N ASP G 44 -31.54 -20.11 -12.85
CA ASP G 44 -31.44 -20.42 -11.42
C ASP G 44 -31.28 -21.92 -11.20
N GLN G 45 -32.06 -22.74 -11.90
CA GLN G 45 -31.92 -24.18 -11.75
C GLN G 45 -30.56 -24.68 -12.23
N ALA G 46 -30.06 -24.11 -13.33
CA ALA G 46 -28.72 -24.49 -13.80
C ALA G 46 -27.65 -24.10 -12.80
N LEU G 47 -27.73 -22.90 -12.24
CA LEU G 47 -26.74 -22.45 -11.26
C LEU G 47 -26.77 -23.35 -10.01
N ASP G 48 -27.97 -23.59 -9.47
CA ASP G 48 -28.12 -24.47 -8.33
C ASP G 48 -27.52 -25.85 -8.61
N ALA G 49 -27.75 -26.38 -9.81
CA ALA G 49 -27.22 -27.70 -10.15
C ALA G 49 -25.70 -27.68 -10.18
N LEU G 50 -25.12 -26.67 -10.82
CA LEU G 50 -23.67 -26.59 -10.90
C LEU G 50 -23.05 -26.33 -9.53
N ASN G 51 -23.73 -25.59 -8.66
CA ASN G 51 -23.26 -25.41 -7.29
C ASN G 51 -23.26 -26.72 -6.50
N GLN G 52 -24.04 -27.72 -6.93
CA GLN G 52 -24.00 -29.05 -6.32
C GLN G 52 -22.89 -29.92 -6.89
N GLY G 53 -22.16 -29.42 -7.89
CA GLY G 53 -21.04 -30.16 -8.44
C GLY G 53 -21.33 -30.94 -9.70
N VAL G 54 -22.49 -30.76 -10.32
CA VAL G 54 -22.84 -31.56 -11.50
C VAL G 54 -21.87 -31.24 -12.64
N GLY G 55 -21.60 -32.24 -13.47
CA GLY G 55 -20.57 -32.09 -14.49
C GLY G 55 -21.01 -31.24 -15.66
N GLY G 56 -22.30 -31.22 -15.97
CA GLY G 56 -22.76 -30.46 -17.12
C GLY G 56 -24.27 -30.28 -17.06
N ILE G 57 -24.76 -29.43 -17.96
CA ILE G 57 -26.17 -29.09 -18.05
C ILE G 57 -26.64 -29.34 -19.48
N PHE G 58 -27.94 -29.62 -19.62
CA PHE G 58 -28.53 -30.05 -20.89
C PHE G 58 -29.65 -29.07 -21.27
N ILE G 59 -29.41 -28.32 -22.35
CA ILE G 59 -30.35 -27.31 -22.84
C ILE G 59 -31.28 -27.96 -23.87
N GLY G 60 -32.58 -27.81 -23.67
CA GLY G 60 -33.55 -28.30 -24.63
C GLY G 60 -34.83 -27.49 -24.67
N SER G 61 -35.90 -28.10 -25.20
CA SER G 61 -37.19 -27.41 -25.26
C SER G 61 -37.77 -27.19 -23.86
N TRP G 62 -37.28 -27.90 -22.86
CA TRP G 62 -37.64 -27.69 -21.47
C TRP G 62 -36.96 -26.47 -20.86
N THR G 63 -36.13 -25.76 -21.62
CA THR G 63 -35.29 -24.70 -21.08
C THR G 63 -35.79 -23.32 -21.48
N ASP G 64 -35.78 -22.41 -20.52
CA ASP G 64 -35.97 -20.98 -20.78
C ASP G 64 -34.96 -20.51 -21.83
N GLU G 65 -35.48 -19.97 -22.94
CA GLU G 65 -34.60 -19.48 -24.00
C GLU G 65 -33.74 -18.30 -23.56
N ASN G 66 -34.16 -17.56 -22.53
CA ASN G 66 -33.32 -16.48 -22.04
C ASN G 66 -31.97 -16.98 -21.57
N LEU G 67 -31.90 -18.25 -21.16
CA LEU G 67 -30.62 -18.82 -20.76
C LEU G 67 -29.60 -18.81 -21.90
N LEU G 68 -30.07 -18.81 -23.15
CA LEU G 68 -29.14 -18.69 -24.27
C LEU G 68 -28.86 -17.24 -24.65
N THR G 69 -29.76 -16.31 -24.34
CA THR G 69 -29.71 -14.96 -24.89
C THR G 69 -29.56 -13.84 -23.87
N GLU G 70 -30.08 -14.01 -22.66
CA GLU G 70 -30.23 -12.87 -21.75
C GLU G 70 -28.88 -12.45 -21.17
N PRO G 71 -28.43 -11.21 -21.40
CA PRO G 71 -27.17 -10.76 -20.80
C PRO G 71 -27.24 -10.84 -19.29
N GLY G 72 -26.14 -11.28 -18.69
CA GLY G 72 -26.11 -11.51 -17.26
C GLY G 72 -26.91 -12.70 -16.77
N ARG G 73 -27.65 -13.38 -17.67
CA ARG G 73 -28.40 -14.57 -17.28
C ARG G 73 -28.24 -15.69 -18.31
N ASN G 74 -27.15 -15.69 -19.07
CA ASN G 74 -26.90 -16.66 -20.10
C ASN G 74 -25.73 -17.56 -19.69
N ILE G 75 -25.22 -18.32 -20.67
CA ILE G 75 -24.18 -19.31 -20.39
C ILE G 75 -22.88 -18.61 -20.00
N GLU G 76 -22.54 -17.52 -20.70
CA GLU G 76 -21.37 -16.74 -20.33
C GLU G 76 -21.45 -16.29 -18.87
N ALA G 77 -22.64 -15.90 -18.40
CA ALA G 77 -22.78 -15.51 -17.00
C ALA G 77 -22.67 -16.72 -16.08
N LEU G 78 -23.20 -17.88 -16.50
CA LEU G 78 -23.01 -19.10 -15.72
C LEU G 78 -21.53 -19.41 -15.51
N ARG G 79 -20.76 -19.41 -16.60
CA ARG G 79 -19.31 -19.61 -16.52
C ARG G 79 -18.64 -18.68 -15.52
N GLU G 80 -19.18 -17.46 -15.34
CA GLU G 80 -18.57 -16.52 -14.41
C GLU G 80 -19.01 -16.75 -12.97
N ALA G 81 -20.26 -17.18 -12.78
CA ALA G 81 -20.76 -17.48 -11.44
C ALA G 81 -20.20 -18.78 -10.88
N VAL G 82 -19.67 -19.65 -11.73
CA VAL G 82 -19.12 -20.95 -11.32
C VAL G 82 -17.64 -20.96 -11.67
N GLY G 83 -16.80 -21.35 -10.72
CA GLY G 83 -15.37 -21.29 -10.95
C GLY G 83 -14.87 -22.30 -11.96
N ARG G 84 -15.39 -23.51 -11.92
CA ARG G 84 -14.84 -24.64 -12.64
C ARG G 84 -15.42 -24.75 -14.06
N ASP G 85 -14.75 -25.57 -14.87
CA ASP G 85 -15.27 -25.90 -16.19
C ASP G 85 -16.44 -26.87 -16.06
N PHE G 86 -17.42 -26.72 -16.95
CA PHE G 86 -18.57 -27.62 -17.01
C PHE G 86 -19.04 -27.69 -18.45
N SER G 87 -19.73 -28.78 -18.78
CA SER G 87 -20.20 -28.98 -20.14
C SER G 87 -21.60 -28.40 -20.31
N VAL G 88 -21.88 -27.92 -21.52
CA VAL G 88 -23.20 -27.43 -21.89
C VAL G 88 -23.60 -28.18 -23.16
N SER G 89 -24.61 -29.04 -23.06
CA SER G 89 -25.02 -29.86 -24.18
C SER G 89 -26.32 -29.36 -24.79
N ILE G 90 -26.57 -29.79 -26.02
CA ILE G 90 -27.75 -29.44 -26.78
C ILE G 90 -28.03 -30.60 -27.72
N ASP G 91 -29.28 -30.77 -28.12
CA ASP G 91 -29.62 -31.74 -29.14
C ASP G 91 -30.05 -30.95 -30.37
N PHE G 92 -29.15 -30.86 -31.35
CA PHE G 92 -29.23 -29.93 -32.49
C PHE G 92 -28.77 -30.73 -33.72
N GLU G 93 -29.73 -31.37 -34.39
CA GLU G 93 -29.38 -32.43 -35.33
C GLU G 93 -30.18 -32.44 -36.62
N GLY G 94 -31.28 -31.70 -36.71
CA GLY G 94 -32.10 -31.69 -37.90
C GLY G 94 -33.08 -32.83 -37.93
N GLY G 95 -34.31 -32.58 -38.40
CA GLY G 95 -35.32 -33.61 -38.54
C GLY G 95 -36.08 -33.96 -37.28
N ARG G 96 -35.87 -33.23 -36.18
N ARG G 96 -35.89 -33.23 -36.19
CA ARG G 96 -36.57 -33.50 -34.92
CA ARG G 96 -36.57 -33.51 -34.93
C ARG G 96 -37.35 -32.26 -34.52
C ARG G 96 -37.32 -32.27 -34.47
N VAL G 97 -38.54 -32.47 -33.97
CA VAL G 97 -39.37 -31.35 -33.54
C VAL G 97 -38.91 -30.79 -32.20
N GLN G 98 -38.22 -31.59 -31.38
CA GLN G 98 -37.81 -31.17 -30.04
C GLN G 98 -36.59 -30.26 -30.18
N ARG G 99 -36.83 -28.96 -30.27
CA ARG G 99 -35.78 -27.97 -30.48
C ARG G 99 -35.69 -27.05 -29.28
N ALA G 100 -34.45 -26.73 -28.88
CA ALA G 100 -34.26 -25.85 -27.73
C ALA G 100 -34.72 -24.42 -28.05
N THR G 101 -34.43 -23.95 -29.26
CA THR G 101 -34.78 -22.60 -29.67
C THR G 101 -34.88 -22.60 -31.20
N ASN G 102 -35.22 -21.44 -31.75
CA ASN G 102 -35.27 -21.27 -33.19
C ASN G 102 -34.26 -20.27 -33.72
N ILE G 103 -33.59 -19.50 -32.85
CA ILE G 103 -32.70 -18.45 -33.29
C ILE G 103 -31.39 -19.00 -33.86
N LEU G 104 -31.06 -20.27 -33.60
CA LEU G 104 -29.82 -20.85 -34.07
C LEU G 104 -29.96 -21.55 -35.42
N GLY G 105 -31.15 -21.59 -36.00
CA GLY G 105 -31.38 -22.33 -37.22
C GLY G 105 -31.56 -23.82 -36.94
N ASP G 106 -31.38 -24.63 -37.99
CA ASP G 106 -31.38 -26.07 -37.83
C ASP G 106 -30.81 -26.70 -39.10
N PHE G 107 -30.15 -27.85 -38.92
CA PHE G 107 -29.77 -28.67 -40.04
C PHE G 107 -31.03 -29.18 -40.75
N PRO G 108 -30.95 -29.50 -42.04
CA PRO G 108 -31.99 -30.32 -42.66
C PRO G 108 -31.96 -31.72 -42.03
N SER G 109 -32.96 -32.52 -42.37
CA SER G 109 -32.93 -33.90 -41.91
C SER G 109 -31.70 -34.58 -42.48
N PRO G 110 -31.14 -35.56 -41.77
CA PRO G 110 -30.01 -36.32 -42.35
C PRO G 110 -30.34 -36.97 -43.68
N ARG G 111 -31.59 -37.43 -43.86
CA ARG G 111 -32.03 -37.92 -45.16
C ARG G 111 -31.81 -36.86 -46.24
N VAL G 112 -32.20 -35.62 -45.97
CA VAL G 112 -32.10 -34.56 -46.97
C VAL G 112 -30.64 -34.18 -47.19
N ALA G 114 -27.94 -36.04 -46.95
CA ALA G 114 -27.29 -37.05 -47.77
C ALA G 114 -27.85 -37.09 -49.19
N GLN G 115 -29.15 -36.79 -49.36
CA GLN G 115 -29.76 -36.85 -50.69
C GLN G 115 -29.29 -35.71 -51.57
N THR G 116 -29.12 -34.51 -51.00
CA THR G 116 -28.99 -33.29 -51.77
C THR G 116 -27.64 -32.60 -51.64
N THR G 118 -23.17 -32.72 -50.74
CA THR G 118 -21.96 -33.52 -50.66
C THR G 118 -21.49 -33.60 -49.22
N PRO G 119 -20.67 -34.59 -48.88
CA PRO G 119 -20.03 -34.58 -47.55
C PRO G 119 -19.27 -33.31 -47.25
N GLU G 120 -18.67 -32.68 -48.27
CA GLU G 120 -17.97 -31.41 -48.08
C GLU G 120 -18.94 -30.32 -47.63
N GLN G 121 -20.13 -30.29 -48.23
CA GLN G 121 -21.12 -29.28 -47.84
C GLN G 121 -21.65 -29.51 -46.43
N VAL G 122 -21.88 -30.78 -46.06
CA VAL G 122 -22.37 -31.09 -44.72
C VAL G 122 -21.34 -30.71 -43.67
N GLU G 123 -20.08 -31.03 -43.92
CA GLU G 123 -19.01 -30.63 -43.02
C GLU G 123 -18.95 -29.10 -42.87
N ASP G 124 -18.98 -28.38 -44.00
CA ASP G 124 -18.99 -26.93 -43.94
C ASP G 124 -20.23 -26.40 -43.24
N LEU G 125 -21.37 -27.05 -43.46
CA LEU G 125 -22.61 -26.62 -42.81
C LEU G 125 -22.54 -26.80 -41.30
N ALA G 126 -21.96 -27.91 -40.84
CA ALA G 126 -21.83 -28.13 -39.41
C ALA G 126 -20.87 -27.12 -38.77
N GLU G 127 -19.80 -26.74 -39.48
CA GLU G 127 -18.89 -25.74 -38.95
C GLU G 127 -19.57 -24.38 -38.83
N ILE G 128 -20.43 -24.02 -39.80
CA ILE G 128 -21.06 -22.70 -39.81
C ILE G 128 -22.12 -22.60 -38.72
N LEU G 129 -23.07 -23.53 -38.72
CA LEU G 129 -24.10 -23.53 -37.68
C LEU G 129 -23.50 -23.78 -36.31
N GLY G 130 -22.43 -24.56 -36.24
CA GLY G 130 -21.78 -24.79 -34.97
C GLY G 130 -21.14 -23.52 -34.44
N THR G 131 -20.81 -22.58 -35.33
CA THR G 131 -20.30 -21.29 -34.88
C THR G 131 -21.36 -20.56 -34.07
N GLY G 132 -22.63 -20.64 -34.49
CA GLY G 132 -23.69 -20.06 -33.69
C GLY G 132 -23.86 -20.76 -32.36
N LEU G 133 -23.79 -22.08 -32.36
CA LEU G 133 -23.87 -22.84 -31.10
C LEU G 133 -22.73 -22.46 -30.17
N ALA G 134 -21.49 -22.46 -30.69
CA ALA G 134 -20.33 -22.14 -29.87
C ALA G 134 -20.43 -20.74 -29.28
N ALA G 135 -20.87 -19.78 -30.10
CA ALA G 135 -20.99 -18.41 -29.62
C ALA G 135 -22.02 -18.27 -28.50
N HIS G 136 -22.93 -19.24 -28.35
CA HIS G 136 -23.90 -19.20 -27.27
C HIS G 136 -23.53 -20.12 -26.11
N GLY G 137 -22.30 -20.64 -26.11
CA GLY G 137 -21.80 -21.37 -24.96
C GLY G 137 -21.99 -22.88 -25.01
N VAL G 138 -22.55 -23.41 -26.09
CA VAL G 138 -22.65 -24.85 -26.23
C VAL G 138 -21.25 -25.45 -26.36
N THR G 139 -21.00 -26.54 -25.65
CA THR G 139 -19.75 -27.28 -25.81
C THR G 139 -19.93 -28.70 -26.30
N VAL G 140 -21.14 -29.25 -26.26
CA VAL G 140 -21.41 -30.64 -26.65
C VAL G 140 -22.72 -30.67 -27.43
N ASN G 141 -22.73 -31.38 -28.55
CA ASN G 141 -23.93 -31.57 -29.35
C ASN G 141 -24.22 -33.06 -29.42
N PHE G 142 -25.45 -33.45 -29.06
CA PHE G 142 -25.88 -34.85 -29.11
C PHE G 142 -26.34 -35.17 -30.53
N ALA G 143 -25.36 -35.22 -31.44
CA ALA G 143 -25.54 -35.34 -32.87
C ALA G 143 -24.19 -35.72 -33.48
N PRO G 144 -24.16 -36.50 -34.58
CA PRO G 144 -25.28 -37.00 -35.37
C PRO G 144 -25.69 -38.43 -35.05
N VAL G 145 -26.94 -38.76 -35.36
CA VAL G 145 -27.37 -40.14 -35.44
C VAL G 145 -26.57 -40.83 -36.53
N VAL G 146 -26.06 -42.03 -36.24
CA VAL G 146 -25.34 -42.78 -37.26
C VAL G 146 -26.17 -43.94 -37.77
N ASP G 147 -27.45 -44.02 -37.38
CA ASP G 147 -28.33 -45.05 -37.90
C ASP G 147 -28.32 -45.06 -39.42
N VAL G 148 -28.20 -46.26 -40.00
CA VAL G 148 -28.01 -46.37 -41.44
C VAL G 148 -29.21 -45.79 -42.18
N ASP G 149 -30.42 -46.04 -41.69
CA ASP G 149 -31.62 -45.64 -42.41
C ASP G 149 -31.94 -44.16 -42.25
N ALA G 150 -31.38 -43.48 -41.25
CA ALA G 150 -31.61 -42.05 -41.09
C ALA G 150 -30.96 -41.26 -42.22
N TRP G 151 -29.85 -41.75 -42.76
CA TRP G 151 -29.12 -41.06 -43.82
C TRP G 151 -29.48 -41.57 -45.21
N GLY G 152 -30.45 -42.46 -45.32
CA GLY G 152 -30.80 -43.08 -46.59
C GLY G 152 -32.25 -42.86 -46.96
N LEU G 153 -32.62 -43.49 -48.08
CA LEU G 153 -33.98 -43.38 -48.58
C LEU G 153 -34.96 -44.11 -47.66
N PRO G 154 -36.24 -43.81 -47.85
CA PRO G 154 -37.29 -44.37 -47.01
C PRO G 154 -37.30 -45.89 -47.10
N VAL G 155 -37.18 -46.56 -45.96
CA VAL G 155 -37.15 -48.01 -45.91
C VAL G 155 -37.54 -48.53 -44.52
N PHE G 161 -31.60 -53.49 -44.46
CA PHE G 161 -30.76 -54.17 -45.43
C PHE G 161 -30.72 -53.41 -46.76
N SER G 162 -31.54 -52.36 -46.86
CA SER G 162 -31.70 -51.62 -48.11
C SER G 162 -30.67 -50.51 -48.29
N ASN G 163 -30.42 -49.73 -47.23
CA ASN G 163 -29.51 -48.60 -47.30
C ASN G 163 -28.07 -49.06 -47.14
N ASP G 164 -27.14 -48.15 -47.43
CA ASP G 164 -25.73 -48.48 -47.43
C ASP G 164 -25.06 -47.93 -46.18
N PRO G 165 -24.52 -48.78 -45.31
CA PRO G 165 -23.84 -48.26 -44.10
C PRO G 165 -22.73 -47.28 -44.41
N ALA G 166 -22.09 -47.39 -45.57
CA ALA G 166 -20.97 -46.50 -45.90
C ALA G 166 -21.42 -45.07 -46.14
N VAL G 167 -22.65 -44.89 -46.61
CA VAL G 167 -23.19 -43.54 -46.77
C VAL G 167 -23.37 -42.88 -45.42
N ALA G 168 -24.00 -43.58 -44.47
CA ALA G 168 -24.19 -43.02 -43.14
C ALA G 168 -22.86 -42.79 -42.44
N ALA G 169 -21.87 -43.66 -42.68
CA ALA G 169 -20.55 -43.46 -42.09
C ALA G 169 -19.85 -42.24 -42.68
N THR G 170 -19.94 -42.07 -44.00
CA THR G 170 -19.33 -40.91 -44.64
C THR G 170 -19.93 -39.61 -44.15
N TYR G 171 -21.26 -39.52 -44.13
CA TYR G 171 -21.89 -38.23 -43.84
C TYR G 171 -21.89 -37.90 -42.34
N ALA G 172 -22.02 -38.90 -41.48
CA ALA G 172 -21.90 -38.65 -40.05
C ALA G 172 -20.48 -38.23 -39.68
N THR G 173 -19.47 -38.79 -40.36
CA THR G 173 -18.09 -38.43 -40.05
C THR G 173 -17.81 -37.00 -40.48
N ALA G 174 -18.33 -36.60 -41.65
CA ALA G 174 -18.20 -35.22 -42.10
C ALA G 174 -18.91 -34.26 -41.16
N PHE G 175 -20.17 -34.59 -40.80
CA PHE G 175 -20.93 -33.79 -39.85
C PHE G 175 -20.14 -33.56 -38.56
N ALA G 176 -19.47 -34.61 -38.07
CA ALA G 176 -18.74 -34.51 -36.81
C ALA G 176 -17.51 -33.63 -36.95
N LYS G 177 -16.76 -33.81 -38.04
CA LYS G 177 -15.56 -33.00 -38.27
C LYS G 177 -15.91 -31.52 -38.33
N GLY G 178 -17.05 -31.18 -38.92
CA GLY G 178 -17.45 -29.78 -38.97
C GLY G 178 -17.66 -29.20 -37.58
N LEU G 179 -18.40 -29.93 -36.74
CA LEU G 179 -18.64 -29.46 -35.38
C LEU G 179 -17.33 -29.30 -34.61
N SER G 180 -16.39 -30.22 -34.79
CA SER G 180 -15.14 -30.17 -34.04
C SER G 180 -14.28 -28.96 -34.41
N LYS G 181 -14.39 -28.46 -35.65
CA LYS G 181 -13.62 -27.29 -36.07
C LYS G 181 -13.93 -26.05 -35.26
N VAL G 182 -15.07 -26.00 -34.58
CA VAL G 182 -15.47 -24.80 -33.86
C VAL G 182 -15.56 -25.07 -32.36
N GLY G 183 -14.94 -26.15 -31.89
CA GLY G 183 -14.90 -26.42 -30.47
C GLY G 183 -16.13 -27.07 -29.89
N ILE G 184 -16.86 -27.86 -30.67
CA ILE G 184 -18.07 -28.51 -30.23
C ILE G 184 -17.87 -30.01 -30.33
N THR G 185 -18.10 -30.72 -29.24
CA THR G 185 -17.93 -32.17 -29.25
C THR G 185 -19.14 -32.83 -29.89
N PRO G 186 -18.97 -33.47 -31.06
CA PRO G 186 -20.06 -34.30 -31.59
C PRO G 186 -20.17 -35.59 -30.81
N VAL G 187 -21.37 -36.16 -30.78
CA VAL G 187 -21.66 -37.38 -30.02
C VAL G 187 -22.41 -38.33 -30.94
N PHE G 188 -21.76 -39.43 -31.33
CA PHE G 188 -22.41 -40.42 -32.17
C PHE G 188 -23.38 -41.27 -31.36
N LYS G 189 -24.57 -41.50 -31.94
CA LYS G 189 -25.69 -42.10 -31.23
C LYS G 189 -26.56 -42.85 -32.23
N HIS G 190 -27.36 -43.81 -31.73
CA HIS G 190 -27.29 -44.34 -30.37
C HIS G 190 -26.69 -45.74 -30.41
N PHE G 191 -25.58 -45.94 -29.71
CA PHE G 191 -24.92 -47.23 -29.70
C PHE G 191 -25.76 -48.24 -28.93
N PRO G 192 -25.90 -49.49 -29.43
CA PRO G 192 -25.32 -50.05 -30.65
C PRO G 192 -26.22 -50.04 -31.91
N GLY G 193 -27.33 -49.32 -31.90
CA GLY G 193 -28.14 -49.15 -33.09
C GLY G 193 -29.60 -49.48 -32.84
N HIS G 194 -30.42 -49.12 -33.84
CA HIS G 194 -31.87 -49.25 -33.76
C HIS G 194 -32.42 -50.38 -34.63
N GLY G 195 -32.03 -50.44 -35.90
CA GLY G 195 -32.56 -51.43 -36.81
C GLY G 195 -32.26 -51.14 -38.27
N THR G 208 -36.13 -54.68 -32.54
CA THR G 208 -34.70 -54.66 -32.20
C THR G 208 -33.96 -55.90 -32.72
N PRO G 209 -33.06 -55.69 -33.67
CA PRO G 209 -32.26 -56.82 -34.18
C PRO G 209 -31.29 -57.35 -33.13
N ALA G 210 -30.89 -58.60 -33.33
CA ALA G 210 -29.89 -59.21 -32.48
C ALA G 210 -28.51 -58.60 -32.78
N LEU G 211 -27.60 -58.80 -31.82
CA LEU G 211 -26.26 -58.22 -31.94
C LEU G 211 -25.60 -58.61 -33.25
N ASP G 212 -25.72 -59.89 -33.63
CA ASP G 212 -25.11 -60.39 -34.86
C ASP G 212 -25.64 -59.64 -36.08
N GLU G 213 -26.91 -59.24 -36.05
CA GLU G 213 -27.46 -58.45 -37.16
C GLU G 213 -26.96 -57.03 -37.12
N LEU G 214 -26.73 -56.48 -35.93
CA LEU G 214 -26.16 -55.14 -35.82
C LEU G 214 -24.72 -55.11 -36.33
N LYS G 215 -23.95 -56.18 -36.05
CA LYS G 215 -22.54 -56.22 -36.42
C LYS G 215 -22.31 -56.20 -37.93
N THR G 216 -23.33 -56.48 -38.73
CA THR G 216 -23.19 -56.42 -40.18
C THR G 216 -23.98 -55.28 -40.81
N TYR G 217 -24.49 -54.35 -39.99
CA TYR G 217 -25.28 -53.26 -40.52
C TYR G 217 -25.14 -51.98 -39.69
N ASP G 218 -25.92 -51.85 -38.62
N ASP G 218 -25.90 -51.88 -38.60
CA ASP G 218 -25.95 -50.59 -37.86
CA ASP G 218 -25.96 -50.65 -37.83
C ASP G 218 -24.64 -50.28 -37.15
C ASP G 218 -24.64 -50.29 -37.18
N LEU G 219 -23.82 -51.29 -36.84
CA LEU G 219 -22.56 -51.04 -36.15
C LEU G 219 -21.44 -50.57 -37.07
N ILE G 220 -21.62 -50.71 -38.39
CA ILE G 220 -20.53 -50.40 -39.31
C ILE G 220 -20.13 -48.92 -39.28
N PRO G 221 -21.05 -47.94 -39.26
CA PRO G 221 -20.60 -46.53 -39.27
C PRO G 221 -19.66 -46.18 -38.12
N TYR G 222 -19.75 -46.86 -36.97
CA TYR G 222 -18.88 -46.53 -35.85
C TYR G 222 -17.42 -46.79 -36.13
N GLY G 223 -17.11 -47.63 -37.13
CA GLY G 223 -15.72 -47.89 -37.46
C GLY G 223 -15.01 -46.66 -37.99
N GLN G 224 -15.63 -45.97 -38.94
CA GLN G 224 -15.06 -44.72 -39.43
C GLN G 224 -15.25 -43.57 -38.45
N ALA G 225 -16.40 -43.53 -37.76
CA ALA G 225 -16.70 -42.42 -36.87
C ALA G 225 -15.64 -42.28 -35.78
N LEU G 226 -15.30 -43.37 -35.11
CA LEU G 226 -14.39 -43.33 -33.96
C LEU G 226 -12.91 -43.46 -34.31
N SER G 227 -12.58 -43.69 -35.59
CA SER G 227 -11.19 -43.71 -36.00
C SER G 227 -10.74 -42.42 -36.67
N GLU G 228 -11.68 -41.61 -37.19
CA GLU G 228 -11.33 -40.37 -37.87
C GLU G 228 -11.78 -39.11 -37.15
N THR G 229 -12.53 -39.23 -36.05
CA THR G 229 -12.99 -38.05 -35.32
C THR G 229 -12.70 -38.22 -33.84
N ASP G 230 -12.81 -37.12 -33.10
CA ASP G 230 -12.70 -37.15 -31.66
C ASP G 230 -14.08 -37.15 -30.99
N GLY G 231 -15.09 -37.71 -31.66
CA GLY G 231 -16.42 -37.67 -31.12
C GLY G 231 -16.57 -38.52 -29.86
N ALA G 232 -17.57 -38.16 -29.05
CA ALA G 232 -18.05 -39.02 -28.00
C ALA G 232 -19.07 -40.00 -28.59
N VAL G 233 -19.59 -40.89 -27.74
CA VAL G 233 -20.64 -41.82 -28.12
C VAL G 233 -21.73 -41.77 -27.06
N VAL G 235 -24.98 -44.09 -25.62
CA VAL G 235 -25.58 -45.43 -25.61
C VAL G 235 -27.08 -45.29 -25.38
N GLY G 236 -27.88 -46.00 -26.19
CA GLY G 236 -29.32 -45.93 -26.08
C GLY G 236 -29.88 -46.95 -25.11
N HIS G 237 -31.23 -46.97 -25.03
CA HIS G 237 -31.96 -47.80 -24.08
C HIS G 237 -32.46 -49.11 -24.66
N ILE G 239 -33.04 -52.88 -25.92
CA ILE G 239 -32.66 -54.21 -25.44
C ILE G 239 -32.24 -55.03 -26.65
N VAL G 240 -30.95 -55.35 -26.76
CA VAL G 240 -30.38 -56.02 -27.92
C VAL G 240 -30.20 -57.50 -27.57
N PRO G 241 -31.00 -58.40 -28.14
CA PRO G 241 -30.76 -59.84 -27.94
C PRO G 241 -29.33 -60.22 -28.34
N GLY G 242 -28.69 -61.05 -27.51
CA GLY G 242 -27.32 -61.47 -27.76
C GLY G 242 -26.24 -60.51 -27.31
N LEU G 243 -26.61 -59.38 -26.68
CA LEU G 243 -25.66 -58.43 -26.12
C LEU G 243 -25.93 -58.33 -24.63
N GLY G 244 -25.02 -58.87 -23.82
CA GLY G 244 -25.25 -58.87 -22.39
C GLY G 244 -26.39 -59.80 -21.98
N THR G 245 -27.10 -59.39 -20.93
CA THR G 245 -28.12 -60.21 -20.30
C THR G 245 -29.49 -59.93 -20.91
N ASP G 246 -30.22 -61.00 -21.21
CA ASP G 246 -31.53 -60.89 -21.84
C ASP G 246 -32.45 -59.95 -21.08
N GLY G 247 -33.10 -59.05 -21.81
CA GLY G 247 -34.10 -58.18 -21.24
C GLY G 247 -33.61 -56.88 -20.63
N VAL G 248 -32.31 -56.63 -20.60
CA VAL G 248 -31.75 -55.47 -19.91
C VAL G 248 -31.46 -54.37 -20.92
N PRO G 249 -31.85 -53.13 -20.67
CA PRO G 249 -31.52 -52.04 -21.61
C PRO G 249 -30.01 -51.83 -21.74
N SER G 250 -29.58 -51.52 -22.97
CA SER G 250 -28.16 -51.38 -23.25
C SER G 250 -27.48 -50.37 -22.34
N SER G 251 -28.20 -49.30 -21.98
CA SER G 251 -27.58 -48.21 -21.22
C SER G 251 -27.19 -48.63 -19.80
N ILE G 252 -27.75 -49.71 -19.28
CA ILE G 252 -27.37 -50.22 -17.96
C ILE G 252 -26.79 -51.64 -18.05
N ASP G 253 -26.41 -52.10 -19.24
CA ASP G 253 -25.76 -53.40 -19.37
C ASP G 253 -24.27 -53.21 -19.55
N PRO G 254 -23.42 -53.70 -18.64
CA PRO G 254 -21.98 -53.49 -18.78
C PRO G 254 -21.38 -54.07 -20.07
N ALA G 255 -21.99 -55.09 -20.68
CA ALA G 255 -21.44 -55.62 -21.92
C ALA G 255 -21.51 -54.60 -23.06
N THR G 256 -22.51 -53.72 -23.03
CA THR G 256 -22.60 -52.68 -24.04
C THR G 256 -21.38 -51.75 -23.97
N TYR G 257 -21.04 -51.31 -22.76
CA TYR G 257 -19.88 -50.44 -22.62
C TYR G 257 -18.58 -51.18 -22.86
N GLN G 258 -18.51 -52.47 -22.50
CA GLN G 258 -17.30 -53.24 -22.78
C GLN G 258 -17.12 -53.46 -24.28
N LEU G 259 -18.21 -53.70 -25.01
CA LEU G 259 -18.12 -53.79 -26.47
C LEU G 259 -17.61 -52.49 -27.07
N LEU G 260 -18.07 -51.35 -26.54
CA LEU G 260 -17.61 -50.05 -27.02
C LEU G 260 -16.14 -49.86 -26.70
N ARG G 261 -15.73 -50.19 -25.47
CA ARG G 261 -14.34 -50.02 -25.05
C ARG G 261 -13.39 -50.85 -25.90
N SER G 262 -13.76 -52.13 -26.14
CA SER G 262 -12.87 -53.03 -26.87
C SER G 262 -12.95 -52.82 -28.37
N GLY G 263 -14.09 -52.34 -28.88
CA GLY G 263 -14.30 -52.30 -30.32
C GLY G 263 -14.43 -53.67 -30.97
N ASP G 264 -14.90 -54.67 -30.24
CA ASP G 264 -14.90 -56.05 -30.70
C ASP G 264 -16.13 -56.32 -31.59
N TYR G 265 -16.22 -55.54 -32.65
CA TYR G 265 -17.22 -55.72 -33.70
C TYR G 265 -16.54 -55.39 -35.02
N PRO G 266 -17.04 -55.92 -36.14
CA PRO G 266 -16.34 -55.75 -37.42
C PRO G 266 -16.09 -54.28 -37.74
N GLY G 267 -14.83 -53.95 -38.02
CA GLY G 267 -14.45 -52.59 -38.34
C GLY G 267 -14.24 -51.69 -37.13
N GLY G 268 -14.52 -52.17 -35.92
CA GLY G 268 -14.46 -51.32 -34.76
C GLY G 268 -13.03 -51.03 -34.32
N VAL G 269 -12.90 -49.95 -33.57
CA VAL G 269 -11.62 -49.54 -32.98
C VAL G 269 -11.85 -49.36 -31.49
N PRO G 270 -10.85 -49.57 -30.64
CA PRO G 270 -11.06 -49.37 -29.21
C PRO G 270 -11.37 -47.90 -28.93
N PHE G 271 -12.39 -47.66 -28.09
CA PHE G 271 -12.84 -46.30 -27.80
C PHE G 271 -12.63 -46.00 -26.32
N ASP G 272 -11.81 -44.98 -26.03
CA ASP G 272 -11.52 -44.57 -24.66
C ASP G 272 -12.09 -43.19 -24.35
N GLY G 273 -12.88 -42.62 -25.25
CA GLY G 273 -13.48 -41.32 -25.01
C GLY G 273 -14.64 -41.41 -24.05
N VAL G 274 -15.39 -40.31 -23.97
CA VAL G 274 -16.51 -40.20 -23.05
C VAL G 274 -17.72 -40.93 -23.62
N ILE G 275 -18.38 -41.75 -22.79
CA ILE G 275 -19.62 -42.42 -23.16
C ILE G 275 -20.77 -41.77 -22.39
N TYR G 276 -21.74 -41.24 -23.14
CA TYR G 276 -22.98 -40.71 -22.57
C TYR G 276 -24.07 -41.77 -22.57
N THR G 277 -25.00 -41.65 -21.63
CA THR G 277 -26.26 -42.36 -21.71
C THR G 277 -27.28 -41.48 -22.41
N ASP G 278 -28.29 -42.14 -23.00
CA ASP G 278 -29.52 -41.45 -23.36
C ASP G 278 -30.25 -41.02 -22.08
N ASP G 279 -31.21 -40.11 -22.25
CA ASP G 279 -31.98 -39.57 -21.11
C ASP G 279 -32.53 -40.67 -20.20
N LEU G 280 -31.98 -40.78 -18.99
CA LEU G 280 -32.42 -41.82 -18.06
C LEU G 280 -33.84 -41.61 -17.57
N SER G 281 -34.37 -40.38 -17.71
CA SER G 281 -35.76 -40.13 -17.34
C SER G 281 -36.76 -40.75 -18.30
N GLY G 282 -36.34 -41.03 -19.54
CA GLY G 282 -37.25 -41.51 -20.56
C GLY G 282 -37.09 -42.97 -20.93
N SER G 284 -38.28 -46.69 -21.13
CA SER G 284 -39.62 -47.25 -21.20
C SER G 284 -39.86 -48.25 -20.07
N ALA G 285 -41.13 -48.60 -19.88
CA ALA G 285 -41.56 -49.50 -18.82
C ALA G 285 -41.52 -50.97 -19.22
N ILE G 286 -40.96 -51.27 -20.40
CA ILE G 286 -40.80 -52.66 -20.83
C ILE G 286 -39.76 -53.39 -19.99
N SER G 287 -38.84 -52.67 -19.36
CA SER G 287 -37.79 -53.25 -18.53
C SER G 287 -38.03 -52.92 -17.05
N ALA G 288 -37.22 -53.55 -16.20
CA ALA G 288 -37.35 -53.37 -14.76
C ALA G 288 -37.24 -51.89 -14.40
N THR G 289 -38.14 -51.44 -13.52
CA THR G 289 -38.24 -50.02 -13.19
C THR G 289 -37.06 -49.59 -12.31
N HIS G 290 -36.51 -48.42 -12.63
CA HIS G 290 -35.48 -47.78 -11.83
C HIS G 290 -35.96 -46.40 -11.39
N SER G 291 -35.67 -46.03 -10.15
CA SER G 291 -35.75 -44.63 -9.76
C SER G 291 -34.59 -43.88 -10.40
N PRO G 292 -34.73 -42.55 -10.55
CA PRO G 292 -33.63 -41.79 -11.18
C PRO G 292 -32.26 -42.06 -10.58
N ALA G 293 -32.15 -42.03 -9.25
CA ALA G 293 -30.86 -42.25 -8.62
C ALA G 293 -30.31 -43.65 -8.91
N GLU G 294 -31.20 -44.66 -8.92
CA GLU G 294 -30.79 -46.03 -9.23
C GLU G 294 -30.38 -46.17 -10.69
N ALA G 295 -31.06 -45.45 -11.58
CA ALA G 295 -30.70 -45.47 -12.99
C ALA G 295 -29.33 -44.86 -13.23
N VAL G 296 -29.04 -43.75 -12.57
CA VAL G 296 -27.72 -43.13 -12.70
C VAL G 296 -26.63 -44.10 -12.24
N LEU G 297 -26.83 -44.74 -11.08
CA LEU G 297 -25.82 -45.66 -10.56
C LEU G 297 -25.64 -46.87 -11.48
N ALA G 298 -26.75 -47.44 -11.96
CA ALA G 298 -26.64 -48.60 -12.84
C ALA G 298 -25.88 -48.25 -14.11
N SER G 299 -26.13 -47.08 -14.69
CA SER G 299 -25.46 -46.72 -15.93
C SER G 299 -23.98 -46.42 -15.69
N LEU G 300 -23.65 -45.77 -14.57
CA LEU G 300 -22.24 -45.51 -14.25
C LEU G 300 -21.49 -46.80 -13.94
N LYS G 301 -22.10 -47.70 -13.15
CA LYS G 301 -21.47 -48.99 -12.87
C LYS G 301 -21.23 -49.77 -14.15
N ALA G 302 -22.20 -49.75 -15.08
CA ALA G 302 -22.06 -50.53 -16.30
C ALA G 302 -20.96 -49.97 -17.21
N GLY G 303 -20.55 -48.72 -17.03
CA GLY G 303 -19.41 -48.25 -17.78
C GLY G 303 -19.56 -46.89 -18.42
N ALA G 304 -20.67 -46.20 -18.14
CA ALA G 304 -20.85 -44.86 -18.65
C ALA G 304 -19.97 -43.87 -17.90
N ASP G 305 -19.56 -42.81 -18.59
CA ASP G 305 -18.83 -41.71 -17.97
C ASP G 305 -19.72 -40.49 -17.71
N GLN G 306 -20.86 -40.40 -18.38
CA GLN G 306 -21.78 -39.27 -18.21
C GLN G 306 -23.19 -39.83 -18.14
N ALA G 307 -23.77 -39.84 -16.94
CA ALA G 307 -25.16 -40.24 -16.79
C ALA G 307 -26.06 -39.05 -17.05
N LEU G 308 -26.91 -39.14 -18.08
CA LEU G 308 -27.71 -38.01 -18.54
C LEU G 308 -29.17 -38.22 -18.20
N TRP G 309 -29.80 -37.21 -17.61
CA TRP G 309 -31.25 -37.25 -17.45
C TRP G 309 -31.78 -35.82 -17.38
N ILE G 310 -33.04 -35.66 -17.81
CA ILE G 310 -33.62 -34.36 -18.09
C ILE G 310 -34.43 -33.83 -16.92
N ASP G 311 -35.29 -34.67 -16.36
CA ASP G 311 -36.36 -34.18 -15.48
C ASP G 311 -35.79 -33.61 -14.18
N TYR G 312 -36.43 -32.55 -13.70
CA TYR G 312 -35.99 -31.84 -12.51
C TYR G 312 -36.11 -32.71 -11.27
N GLY G 313 -35.23 -32.46 -10.30
CA GLY G 313 -35.22 -33.17 -9.06
C GLY G 313 -34.30 -34.38 -9.09
N SER G 314 -33.99 -34.87 -7.89
CA SER G 314 -33.23 -36.10 -7.64
C SER G 314 -31.74 -35.99 -7.94
N LEU G 315 -31.22 -34.80 -8.30
CA LEU G 315 -29.78 -34.66 -8.44
C LEU G 315 -29.06 -34.96 -7.13
N GLY G 316 -29.48 -34.31 -6.04
CA GLY G 316 -28.89 -34.62 -4.74
C GLY G 316 -29.04 -36.09 -4.37
N SER G 317 -30.15 -36.71 -4.77
CA SER G 317 -30.41 -38.10 -4.46
C SER G 317 -29.51 -39.03 -5.26
N ALA G 318 -29.23 -38.70 -6.53
CA ALA G 318 -28.28 -39.49 -7.29
C ALA G 318 -26.88 -39.37 -6.70
N ILE G 319 -26.50 -38.17 -6.26
CA ILE G 319 -25.19 -37.96 -5.68
C ILE G 319 -25.05 -38.76 -4.39
N ASP G 320 -26.08 -38.74 -3.54
CA ASP G 320 -26.05 -39.56 -2.33
C ASP G 320 -25.81 -41.03 -2.67
N ARG G 321 -26.58 -41.57 -3.61
CA ARG G 321 -26.54 -43.00 -3.89
C ARG G 321 -25.22 -43.39 -4.54
N VAL G 322 -24.74 -42.60 -5.50
CA VAL G 322 -23.52 -42.98 -6.21
C VAL G 322 -22.31 -42.83 -5.29
N ASP G 323 -22.28 -41.79 -4.46
CA ASP G 323 -21.18 -41.60 -3.53
C ASP G 323 -21.13 -42.72 -2.50
N ALA G 324 -22.28 -43.20 -2.03
CA ALA G 324 -22.30 -44.32 -1.10
C ALA G 324 -21.80 -45.60 -1.77
N ALA G 325 -22.15 -45.79 -3.04
CA ALA G 325 -21.68 -46.97 -3.75
C ALA G 325 -20.16 -46.96 -3.93
N VAL G 326 -19.56 -45.78 -4.12
CA VAL G 326 -18.11 -45.72 -4.21
C VAL G 326 -17.49 -46.06 -2.86
N SER G 327 -18.04 -45.49 -1.77
CA SER G 327 -17.53 -45.76 -0.42
C SER G 327 -17.66 -47.22 -0.02
N SER G 328 -18.68 -47.93 -0.49
CA SER G 328 -18.84 -49.33 -0.12
C SER G 328 -18.19 -50.27 -1.13
N GLY G 329 -17.68 -49.77 -2.25
CA GLY G 329 -17.03 -50.59 -3.25
C GLY G 329 -17.94 -51.19 -4.29
N GLU G 330 -19.26 -51.02 -4.15
CA GLU G 330 -20.18 -51.50 -5.18
C GLU G 330 -19.87 -50.87 -6.53
N TYR G 331 -19.52 -49.59 -6.52
CA TYR G 331 -19.05 -48.88 -7.70
C TYR G 331 -17.56 -48.64 -7.51
N PRO G 332 -16.69 -49.45 -8.13
CA PRO G 332 -15.25 -49.39 -7.81
C PRO G 332 -14.66 -48.00 -7.99
N GLN G 333 -13.86 -47.57 -7.02
CA GLN G 333 -13.26 -46.25 -7.09
C GLN G 333 -12.32 -46.12 -8.29
N GLU G 334 -11.64 -47.20 -8.66
CA GLU G 334 -10.73 -47.14 -9.81
C GLU G 334 -11.49 -46.85 -11.10
N GLN G 335 -12.63 -47.53 -11.28
CA GLN G 335 -13.46 -47.30 -12.46
C GLN G 335 -14.08 -45.91 -12.44
N LEU G 337 -12.86 -43.26 -10.93
CA LEU G 337 -11.83 -42.26 -11.15
C LEU G 337 -11.41 -42.21 -12.61
N ALA G 338 -11.36 -43.38 -13.28
CA ALA G 338 -11.05 -43.40 -14.70
C ALA G 338 -12.12 -42.69 -15.51
N SER G 339 -13.39 -42.74 -15.07
CA SER G 339 -14.44 -41.96 -15.72
C SER G 339 -14.27 -40.46 -15.46
N ALA G 340 -13.97 -40.07 -14.21
CA ALA G 340 -13.77 -38.66 -13.90
C ALA G 340 -12.59 -38.08 -14.68
N LEU G 341 -11.61 -38.92 -15.02
CA LEU G 341 -10.46 -38.47 -15.81
C LEU G 341 -10.86 -38.17 -17.25
N ARG G 342 -11.61 -39.09 -17.87
CA ARG G 342 -12.11 -38.84 -19.23
C ARG G 342 -12.89 -37.53 -19.29
N VAL G 343 -13.65 -37.23 -18.23
CA VAL G 343 -14.47 -36.02 -18.22
C VAL G 343 -13.60 -34.76 -18.16
N GLN G 344 -12.59 -34.75 -17.30
CA GLN G 344 -11.73 -33.57 -17.23
C GLN G 344 -10.96 -33.35 -18.52
N LEU G 345 -10.79 -34.40 -19.34
CA LEU G 345 -10.16 -34.28 -20.65
C LEU G 345 -11.03 -33.54 -21.65
N LEU G 346 -12.32 -33.37 -21.36
CA LEU G 346 -13.18 -32.58 -22.24
C LEU G 346 -12.83 -31.10 -22.15
N TYR G 347 -12.29 -30.66 -21.02
CA TYR G 347 -11.93 -29.28 -20.80
C TYR G 347 -10.45 -29.01 -21.03
N ILE G 348 -9.68 -30.01 -21.44
CA ILE G 348 -8.25 -29.84 -21.67
C ILE G 348 -7.89 -30.45 -23.03
N PRO H 14 -32.53 -16.67 -79.38
CA PRO H 14 -32.88 -15.30 -79.74
C PRO H 14 -32.61 -14.34 -78.58
N THR H 15 -33.45 -13.31 -78.44
CA THR H 15 -33.28 -12.27 -77.43
C THR H 15 -34.30 -12.44 -76.32
N ALA H 16 -33.82 -12.59 -75.08
CA ALA H 16 -34.60 -12.98 -73.91
C ALA H 16 -35.97 -12.34 -73.80
N GLU H 17 -36.08 -11.05 -74.10
CA GLU H 17 -37.36 -10.38 -73.99
C GLU H 17 -38.35 -10.90 -75.03
N ASP H 18 -37.88 -11.07 -76.28
CA ASP H 18 -38.77 -11.61 -77.31
C ASP H 18 -39.15 -13.06 -77.02
N LEU H 19 -38.27 -13.81 -76.36
CA LEU H 19 -38.61 -15.17 -75.97
C LEU H 19 -39.71 -15.18 -74.91
N ALA H 20 -39.61 -14.31 -73.90
CA ALA H 20 -40.65 -14.22 -72.88
C ALA H 20 -41.97 -13.73 -73.47
N ARG H 21 -41.92 -12.73 -74.36
CA ARG H 21 -43.14 -12.19 -74.94
C ARG H 21 -43.91 -13.25 -75.72
N ALA H 22 -43.21 -14.21 -76.33
CA ALA H 22 -43.88 -15.31 -76.99
C ALA H 22 -44.51 -16.29 -76.01
N GLN H 23 -44.08 -16.28 -74.76
CA GLN H 23 -44.64 -17.16 -73.74
C GLN H 23 -45.72 -16.49 -72.91
N ILE H 24 -46.01 -15.21 -73.15
CA ILE H 24 -47.17 -14.61 -72.48
C ILE H 24 -48.43 -15.35 -72.89
N PRO H 25 -49.28 -15.76 -71.94
CA PRO H 25 -50.46 -16.57 -72.30
C PRO H 25 -51.34 -15.89 -73.33
N GLU H 26 -52.03 -16.72 -74.13
CA GLU H 26 -52.81 -16.22 -75.25
C GLU H 26 -54.13 -15.63 -74.80
N GLN H 27 -54.82 -16.28 -73.87
CA GLN H 27 -56.07 -15.77 -73.31
C GLN H 27 -55.81 -14.73 -72.24
N GLN H 28 -56.73 -13.76 -72.12
CA GLN H 28 -56.53 -12.66 -71.19
C GLN H 28 -56.74 -13.09 -69.74
N ARG H 29 -57.71 -13.98 -69.47
CA ARG H 29 -57.89 -14.49 -68.12
C ARG H 29 -56.63 -15.20 -67.63
N ASP H 30 -55.92 -15.89 -68.52
CA ASP H 30 -54.67 -16.51 -68.14
C ASP H 30 -53.53 -15.50 -68.02
N GLN H 31 -53.62 -14.39 -68.76
CA GLN H 31 -52.64 -13.32 -68.60
C GLN H 31 -52.71 -12.71 -67.21
N VAL H 32 -53.90 -12.28 -66.77
CA VAL H 32 -53.99 -11.70 -65.43
C VAL H 32 -53.71 -12.76 -64.38
N ALA H 33 -54.11 -14.01 -64.62
CA ALA H 33 -53.85 -15.08 -63.64
C ALA H 33 -52.36 -15.27 -63.40
N SER H 34 -51.53 -15.04 -64.42
CA SER H 34 -50.09 -15.19 -64.26
C SER H 34 -49.49 -14.12 -63.35
N LEU H 35 -50.22 -13.04 -63.10
CA LEU H 35 -49.76 -12.01 -62.19
C LEU H 35 -50.06 -12.34 -60.73
N VAL H 38 -50.62 -17.66 -55.08
CA VAL H 38 -51.46 -18.04 -53.95
C VAL H 38 -50.74 -19.04 -53.07
N GLY H 39 -50.88 -18.87 -51.76
CA GLY H 39 -50.41 -19.89 -50.82
C GLY H 39 -51.33 -21.09 -50.86
N VAL H 40 -50.74 -22.28 -50.94
CA VAL H 40 -51.51 -23.52 -51.01
C VAL H 40 -51.19 -24.38 -49.78
N ALA H 41 -52.13 -25.26 -49.45
CA ALA H 41 -51.99 -26.07 -48.26
C ALA H 41 -51.51 -27.49 -48.54
N ASN H 42 -51.71 -28.00 -49.75
CA ASN H 42 -51.35 -29.36 -50.08
C ASN H 42 -51.21 -29.46 -51.59
N TYR H 43 -51.01 -30.68 -52.08
CA TYR H 43 -50.79 -30.88 -53.52
C TYR H 43 -52.06 -30.58 -54.32
N ASP H 44 -53.23 -30.88 -53.77
CA ASP H 44 -54.46 -30.68 -54.52
C ASP H 44 -54.73 -29.19 -54.75
N GLN H 45 -54.62 -28.37 -53.71
CA GLN H 45 -54.85 -26.95 -53.87
C GLN H 45 -53.84 -26.33 -54.84
N ALA H 46 -52.60 -26.82 -54.83
CA ALA H 46 -51.60 -26.31 -55.76
C ALA H 46 -51.97 -26.62 -57.21
N LEU H 47 -52.38 -27.86 -57.48
CA LEU H 47 -52.75 -28.26 -58.83
C LEU H 47 -54.02 -27.55 -59.28
N ASP H 48 -55.00 -27.41 -58.39
CA ASP H 48 -56.23 -26.70 -58.73
C ASP H 48 -55.95 -25.24 -59.07
N ALA H 49 -55.05 -24.60 -58.30
CA ALA H 49 -54.68 -23.22 -58.58
C ALA H 49 -53.87 -23.10 -59.86
N LEU H 50 -52.87 -23.96 -60.03
CA LEU H 50 -52.06 -23.94 -61.23
C LEU H 50 -52.86 -24.26 -62.49
N ASN H 51 -53.99 -24.97 -62.37
CA ASN H 51 -54.84 -25.23 -63.52
C ASN H 51 -55.68 -24.03 -63.93
N GLN H 52 -55.77 -22.99 -63.09
CA GLN H 52 -56.46 -21.76 -63.45
C GLN H 52 -55.51 -20.70 -63.95
N GLY H 53 -54.24 -21.05 -64.17
CA GLY H 53 -53.28 -20.14 -64.76
C GLY H 53 -52.46 -19.32 -63.79
N VAL H 54 -52.46 -19.67 -62.50
CA VAL H 54 -51.76 -18.85 -61.51
C VAL H 54 -50.26 -18.86 -61.80
N GLY H 55 -49.63 -17.69 -61.61
CA GLY H 55 -48.21 -17.57 -61.91
C GLY H 55 -47.32 -18.45 -61.05
N GLY H 56 -47.70 -18.66 -59.79
CA GLY H 56 -46.92 -19.54 -58.93
C GLY H 56 -47.65 -19.81 -57.63
N ILE H 57 -47.07 -20.71 -56.85
CA ILE H 57 -47.66 -21.13 -55.59
C ILE H 57 -46.70 -20.79 -54.46
N PHE H 58 -47.27 -20.56 -53.27
CA PHE H 58 -46.52 -20.20 -52.08
C PHE H 58 -46.68 -21.31 -51.04
N ILE H 59 -45.54 -21.84 -50.58
CA ILE H 59 -45.49 -22.81 -49.50
C ILE H 59 -45.39 -22.03 -48.17
N GLY H 60 -46.46 -22.06 -47.38
CA GLY H 60 -46.51 -21.31 -46.14
C GLY H 60 -46.05 -22.12 -44.94
N SER H 61 -46.03 -21.44 -43.78
CA SER H 61 -45.63 -22.12 -42.54
C SER H 61 -46.49 -23.35 -42.26
N TRP H 62 -47.76 -23.30 -42.62
CA TRP H 62 -48.71 -24.37 -42.31
C TRP H 62 -48.86 -25.37 -43.44
N THR H 63 -48.23 -25.12 -44.59
CA THR H 63 -48.39 -26.01 -45.74
C THR H 63 -47.92 -27.42 -45.41
N ASP H 64 -48.72 -28.42 -45.84
CA ASP H 64 -48.39 -29.82 -45.66
C ASP H 64 -46.99 -30.12 -46.19
N GLU H 65 -46.18 -30.80 -45.38
CA GLU H 65 -44.79 -31.06 -45.75
C GLU H 65 -44.67 -32.11 -46.84
N ASN H 66 -45.72 -32.90 -47.07
CA ASN H 66 -45.69 -33.88 -48.14
C ASN H 66 -45.61 -33.23 -49.51
N LEU H 67 -46.04 -31.97 -49.65
CA LEU H 67 -45.91 -31.26 -50.91
C LEU H 67 -44.46 -31.15 -51.34
N LEU H 68 -43.52 -31.20 -50.39
CA LEU H 68 -42.10 -31.18 -50.71
C LEU H 68 -41.54 -32.58 -50.93
N THR H 69 -41.98 -33.57 -50.15
CA THR H 69 -41.30 -34.85 -50.08
C THR H 69 -42.01 -36.01 -50.75
N GLU H 70 -43.34 -36.05 -50.74
CA GLU H 70 -44.07 -37.25 -51.19
C GLU H 70 -43.91 -37.46 -52.69
N PRO H 71 -43.28 -38.54 -53.14
CA PRO H 71 -43.13 -38.77 -54.57
C PRO H 71 -44.48 -38.98 -55.25
N GLY H 72 -44.62 -38.42 -56.45
CA GLY H 72 -45.88 -38.38 -57.15
C GLY H 72 -46.82 -37.28 -56.73
N ARG H 73 -46.60 -36.67 -55.56
CA ARG H 73 -47.44 -35.59 -55.08
C ARG H 73 -46.58 -34.49 -54.47
N ASN H 74 -45.43 -34.23 -55.08
CA ASN H 74 -44.51 -33.16 -54.68
C ASN H 74 -44.36 -32.15 -55.83
N ILE H 75 -43.36 -31.27 -55.73
CA ILE H 75 -43.24 -30.20 -56.72
C ILE H 75 -42.86 -30.78 -58.08
N GLU H 76 -41.97 -31.78 -58.10
CA GLU H 76 -41.58 -32.40 -59.36
C GLU H 76 -42.79 -32.97 -60.09
N ALA H 77 -43.79 -33.47 -59.35
CA ALA H 77 -44.98 -34.01 -59.98
C ALA H 77 -45.94 -32.91 -60.40
N LEU H 78 -45.89 -31.73 -59.77
CA LEU H 78 -46.66 -30.58 -60.23
C LEU H 78 -46.16 -30.09 -61.58
N ARG H 79 -44.83 -29.94 -61.73
CA ARG H 79 -44.27 -29.55 -63.02
C ARG H 79 -44.63 -30.53 -64.12
N GLU H 80 -44.95 -31.78 -63.75
CA GLU H 80 -45.28 -32.82 -64.72
C GLU H 80 -46.68 -32.65 -65.27
N ALA H 81 -47.66 -32.41 -64.39
CA ALA H 81 -49.05 -32.32 -64.82
C ALA H 81 -49.41 -30.94 -65.35
N VAL H 82 -48.71 -29.89 -64.91
CA VAL H 82 -49.07 -28.55 -65.34
C VAL H 82 -48.47 -28.22 -66.70
N GLY H 83 -47.25 -28.69 -66.96
CA GLY H 83 -46.66 -28.59 -68.28
C GLY H 83 -46.14 -27.22 -68.67
N ARG H 84 -46.56 -26.16 -68.01
CA ARG H 84 -46.02 -24.83 -68.23
C ARG H 84 -45.15 -24.44 -67.05
N ASP H 85 -44.29 -23.44 -67.25
CA ASP H 85 -43.41 -22.98 -66.19
C ASP H 85 -44.19 -22.14 -65.18
N PHE H 86 -43.78 -22.24 -63.91
CA PHE H 86 -44.39 -21.49 -62.83
C PHE H 86 -43.37 -21.32 -61.71
N SER H 87 -43.69 -20.43 -60.77
CA SER H 87 -42.81 -20.16 -59.63
C SER H 87 -43.25 -20.93 -58.40
N VAL H 88 -42.28 -21.30 -57.57
CA VAL H 88 -42.53 -21.93 -56.27
C VAL H 88 -41.79 -21.12 -55.22
N SER H 89 -42.54 -20.43 -54.36
CA SER H 89 -41.96 -19.58 -53.34
C SER H 89 -42.09 -20.23 -51.97
N ILE H 90 -41.34 -19.67 -51.01
CA ILE H 90 -41.30 -20.11 -49.63
C ILE H 90 -40.74 -18.96 -48.82
N ASP H 91 -41.12 -18.88 -47.55
CA ASP H 91 -40.60 -17.87 -46.63
C ASP H 91 -39.58 -18.56 -45.73
N PHE H 92 -38.31 -18.46 -46.12
CA PHE H 92 -37.21 -19.22 -45.52
C PHE H 92 -36.13 -18.21 -45.11
N GLU H 93 -36.46 -17.35 -44.14
CA GLU H 93 -35.66 -16.17 -43.86
C GLU H 93 -34.79 -16.30 -42.62
N GLY H 94 -35.02 -17.31 -41.79
CA GLY H 94 -34.17 -17.57 -40.64
C GLY H 94 -34.87 -17.32 -39.32
N GLY H 95 -34.63 -18.21 -38.36
CA GLY H 95 -35.10 -18.00 -37.00
C GLY H 95 -36.59 -18.19 -36.80
N ARG H 96 -37.25 -18.99 -37.65
CA ARG H 96 -38.69 -19.19 -37.53
C ARG H 96 -39.01 -20.62 -37.96
N VAL H 97 -39.66 -21.37 -37.06
CA VAL H 97 -40.03 -22.75 -37.37
C VAL H 97 -41.30 -22.77 -38.21
N GLN H 98 -41.31 -23.64 -39.22
CA GLN H 98 -42.48 -23.89 -40.06
C GLN H 98 -42.55 -25.39 -40.33
N ARG H 99 -43.59 -25.82 -41.05
CA ARG H 99 -43.73 -27.23 -41.37
C ARG H 99 -42.50 -27.76 -42.11
N ALA H 100 -41.97 -26.97 -43.05
CA ALA H 100 -40.84 -27.40 -43.86
C ALA H 100 -39.53 -27.48 -43.09
N THR H 101 -39.45 -26.92 -41.88
CA THR H 101 -38.18 -26.91 -41.14
C THR H 101 -37.66 -28.33 -40.93
N ASN H 102 -38.56 -29.28 -40.67
CA ASN H 102 -38.15 -30.66 -40.43
C ASN H 102 -37.50 -31.30 -41.66
N ILE H 103 -37.64 -30.68 -42.82
CA ILE H 103 -37.08 -31.20 -44.07
C ILE H 103 -35.85 -30.39 -44.46
N LEU H 104 -36.06 -29.08 -44.62
CA LEU H 104 -35.10 -28.18 -45.22
C LEU H 104 -34.13 -27.55 -44.23
N GLY H 105 -34.37 -27.69 -42.93
CA GLY H 105 -33.58 -26.96 -41.96
C GLY H 105 -34.05 -25.51 -41.86
N ASP H 106 -33.16 -24.66 -41.33
CA ASP H 106 -33.48 -23.24 -41.21
C ASP H 106 -32.20 -22.44 -41.04
N PHE H 107 -32.21 -21.24 -41.61
CA PHE H 107 -31.20 -20.25 -41.26
C PHE H 107 -31.36 -19.84 -39.80
N PRO H 108 -30.29 -19.41 -39.15
CA PRO H 108 -30.44 -18.68 -37.89
C PRO H 108 -31.15 -17.35 -38.13
N SER H 109 -31.58 -16.73 -37.03
CA SER H 109 -32.15 -15.41 -37.16
C SER H 109 -31.10 -14.45 -37.72
N PRO H 110 -31.50 -13.48 -38.53
CA PRO H 110 -30.53 -12.52 -39.06
C PRO H 110 -29.70 -11.86 -37.97
N ARG H 111 -30.25 -11.71 -36.77
CA ARG H 111 -29.50 -11.13 -35.67
C ARG H 111 -28.36 -12.06 -35.23
N VAL H 112 -28.65 -13.36 -35.14
CA VAL H 112 -27.61 -14.33 -34.78
C VAL H 112 -26.57 -14.44 -35.89
N ALA H 114 -25.55 -12.14 -38.05
CA ALA H 114 -24.67 -10.98 -38.05
C ALA H 114 -23.81 -10.93 -36.80
N GLN H 115 -24.35 -11.38 -35.65
CA GLN H 115 -23.59 -11.34 -34.41
C GLN H 115 -22.49 -12.39 -34.34
N THR H 116 -22.65 -13.52 -35.04
CA THR H 116 -21.76 -14.67 -34.84
C THR H 116 -21.04 -15.14 -36.10
N THR H 118 -19.32 -14.41 -40.22
CA THR H 118 -18.83 -13.44 -41.18
C THR H 118 -19.76 -13.37 -42.37
N PRO H 119 -19.64 -12.34 -43.20
CA PRO H 119 -20.38 -12.35 -44.47
C PRO H 119 -20.06 -13.53 -45.37
N GLU H 120 -18.81 -14.02 -45.36
CA GLU H 120 -18.49 -15.19 -46.16
C GLU H 120 -19.24 -16.42 -45.67
N GLN H 121 -19.33 -16.60 -44.35
CA GLN H 121 -20.07 -17.75 -43.81
C GLN H 121 -21.55 -17.67 -44.16
N VAL H 122 -22.13 -16.47 -44.13
CA VAL H 122 -23.54 -16.33 -44.44
C VAL H 122 -23.80 -16.69 -45.90
N GLU H 123 -22.96 -16.18 -46.81
CA GLU H 123 -23.11 -16.52 -48.23
C GLU H 123 -22.90 -18.00 -48.47
N ASP H 124 -21.90 -18.59 -47.81
CA ASP H 124 -21.69 -20.03 -47.91
C ASP H 124 -22.85 -20.81 -47.29
N LEU H 125 -23.42 -20.30 -46.20
CA LEU H 125 -24.58 -20.95 -45.59
C LEU H 125 -25.78 -20.93 -46.53
N ALA H 126 -25.99 -19.81 -47.23
CA ALA H 126 -27.13 -19.70 -48.14
C ALA H 126 -26.97 -20.59 -49.36
N GLU H 127 -25.74 -20.82 -49.82
CA GLU H 127 -25.54 -21.75 -50.92
C GLU H 127 -25.87 -23.18 -50.50
N ILE H 128 -25.46 -23.58 -49.30
CA ILE H 128 -25.66 -24.96 -48.87
C ILE H 128 -27.14 -25.23 -48.60
N LEU H 129 -27.76 -24.44 -47.72
CA LEU H 129 -29.20 -24.62 -47.49
C LEU H 129 -30.01 -24.35 -48.75
N GLY H 130 -29.56 -23.42 -49.59
CA GLY H 130 -30.23 -23.23 -50.86
C GLY H 130 -30.24 -24.47 -51.72
N THR H 131 -29.22 -25.32 -51.58
CA THR H 131 -29.19 -26.55 -52.36
C THR H 131 -30.35 -27.47 -51.99
N GLY H 132 -30.67 -27.56 -50.70
CA GLY H 132 -31.83 -28.35 -50.28
C GLY H 132 -33.14 -27.78 -50.79
N LEU H 133 -33.28 -26.45 -50.76
CA LEU H 133 -34.47 -25.81 -51.33
C LEU H 133 -34.61 -26.14 -52.81
N ALA H 134 -33.52 -26.00 -53.57
CA ALA H 134 -33.60 -26.19 -55.02
C ALA H 134 -33.93 -27.63 -55.37
N ALA H 135 -33.41 -28.60 -54.59
CA ALA H 135 -33.71 -30.00 -54.87
C ALA H 135 -35.18 -30.34 -54.60
N HIS H 136 -35.91 -29.48 -53.90
CA HIS H 136 -37.32 -29.74 -53.63
C HIS H 136 -38.24 -28.84 -54.44
N GLY H 137 -37.70 -28.14 -55.43
CA GLY H 137 -38.52 -27.43 -56.39
C GLY H 137 -38.76 -25.99 -56.07
N VAL H 138 -38.20 -25.48 -54.97
CA VAL H 138 -38.30 -24.05 -54.70
C VAL H 138 -37.56 -23.28 -55.77
N THR H 139 -38.15 -22.18 -56.23
CA THR H 139 -37.48 -21.27 -57.15
C THR H 139 -37.34 -19.85 -56.61
N VAL H 140 -38.12 -19.48 -55.59
CA VAL H 140 -38.09 -18.14 -55.02
C VAL H 140 -38.11 -18.26 -53.50
N ASN H 141 -37.31 -17.44 -52.83
CA ASN H 141 -37.29 -17.37 -51.38
C ASN H 141 -37.61 -15.93 -50.97
N PHE H 142 -38.70 -15.77 -50.21
CA PHE H 142 -39.06 -14.46 -49.69
C PHE H 142 -38.14 -14.18 -48.51
N ALA H 143 -36.88 -13.83 -48.87
CA ALA H 143 -35.74 -13.58 -47.99
C ALA H 143 -34.59 -13.06 -48.85
N PRO H 144 -33.67 -12.26 -48.29
CA PRO H 144 -33.55 -11.85 -46.89
C PRO H 144 -34.32 -10.58 -46.53
N VAL H 145 -34.71 -10.50 -45.26
CA VAL H 145 -35.09 -9.23 -44.68
C VAL H 145 -33.91 -8.28 -44.79
N VAL H 146 -34.17 -7.04 -45.19
CA VAL H 146 -33.12 -6.02 -45.21
C VAL H 146 -33.40 -4.91 -44.21
N ASP H 147 -34.45 -5.02 -43.42
CA ASP H 147 -34.70 -4.06 -42.35
C ASP H 147 -33.49 -3.97 -41.45
N VAL H 148 -33.00 -2.73 -41.24
CA VAL H 148 -31.68 -2.51 -40.64
C VAL H 148 -31.60 -3.13 -39.25
N ASP H 149 -32.68 -3.04 -38.48
CA ASP H 149 -32.64 -3.53 -37.10
C ASP H 149 -32.76 -5.04 -36.98
N ALA H 150 -33.23 -5.72 -38.04
CA ALA H 150 -33.27 -7.18 -38.00
C ALA H 150 -31.87 -7.78 -37.87
N TRP H 151 -30.86 -7.08 -38.37
CA TRP H 151 -29.48 -7.53 -38.34
C TRP H 151 -28.66 -6.91 -37.22
N GLY H 152 -29.26 -6.04 -36.40
CA GLY H 152 -28.56 -5.36 -35.34
C GLY H 152 -29.02 -5.81 -33.96
N LEU H 153 -28.33 -5.28 -32.95
CA LEU H 153 -28.62 -5.61 -31.56
C LEU H 153 -29.56 -4.59 -30.94
N PHE H 161 -32.65 4.75 -33.89
CA PHE H 161 -31.90 4.39 -35.09
C PHE H 161 -30.41 4.20 -34.77
N SER H 162 -30.10 3.17 -33.96
CA SER H 162 -28.74 3.00 -33.44
C SER H 162 -27.91 2.02 -34.26
N ASN H 163 -28.53 1.10 -34.99
CA ASN H 163 -27.78 0.08 -35.72
C ASN H 163 -27.22 0.66 -37.02
N ASP H 164 -26.50 -0.18 -37.78
CA ASP H 164 -25.76 0.25 -38.95
C ASP H 164 -26.41 -0.24 -40.23
N PRO H 165 -26.94 0.64 -41.08
CA PRO H 165 -27.46 0.20 -42.38
C PRO H 165 -26.46 -0.57 -43.24
N ALA H 166 -25.18 -0.20 -43.19
CA ALA H 166 -24.17 -0.89 -43.98
C ALA H 166 -24.03 -2.35 -43.56
N VAL H 167 -24.24 -2.67 -42.29
CA VAL H 167 -24.14 -4.06 -41.87
C VAL H 167 -25.26 -4.88 -42.49
N ALA H 168 -26.50 -4.39 -42.40
CA ALA H 168 -27.63 -5.08 -43.01
C ALA H 168 -27.43 -5.23 -44.52
N ALA H 169 -26.97 -4.16 -45.17
CA ALA H 169 -26.66 -4.24 -46.60
C ALA H 169 -25.60 -5.29 -46.90
N THR H 170 -24.53 -5.34 -46.10
CA THR H 170 -23.46 -6.29 -46.34
C THR H 170 -23.96 -7.72 -46.18
N TYR H 171 -24.73 -7.99 -45.13
CA TYR H 171 -25.15 -9.37 -44.86
C TYR H 171 -26.29 -9.80 -45.77
N ALA H 172 -27.24 -8.91 -46.07
CA ALA H 172 -28.32 -9.29 -46.95
C ALA H 172 -27.83 -9.53 -48.38
N THR H 173 -26.80 -8.81 -48.79
CA THR H 173 -26.23 -9.02 -50.12
C THR H 173 -25.51 -10.36 -50.19
N ALA H 174 -24.76 -10.71 -49.14
CA ALA H 174 -24.09 -12.00 -49.09
C ALA H 174 -25.10 -13.14 -49.05
N PHE H 175 -26.15 -12.99 -48.24
CA PHE H 175 -27.22 -13.97 -48.18
C PHE H 175 -27.86 -14.16 -49.55
N ALA H 176 -28.12 -13.05 -50.25
CA ALA H 176 -28.76 -13.12 -51.56
C ALA H 176 -27.84 -13.77 -52.60
N LYS H 177 -26.55 -13.47 -52.56
CA LYS H 177 -25.62 -14.03 -53.52
C LYS H 177 -25.52 -15.54 -53.38
N GLY H 178 -25.58 -16.05 -52.15
CA GLY H 178 -25.47 -17.49 -51.95
C GLY H 178 -26.65 -18.27 -52.52
N LEU H 179 -27.86 -17.75 -52.33
CA LEU H 179 -29.05 -18.41 -52.90
C LEU H 179 -29.01 -18.41 -54.42
N SER H 180 -28.58 -17.29 -55.02
CA SER H 180 -28.54 -17.17 -56.48
C SER H 180 -27.59 -18.18 -57.11
N LYS H 181 -26.52 -18.55 -56.39
CA LYS H 181 -25.57 -19.51 -56.93
C LYS H 181 -26.21 -20.87 -57.20
N VAL H 182 -27.24 -21.23 -56.45
CA VAL H 182 -27.86 -22.55 -56.58
C VAL H 182 -29.25 -22.47 -57.21
N GLY H 183 -29.63 -21.32 -57.75
CA GLY H 183 -30.82 -21.23 -58.56
C GLY H 183 -32.07 -20.73 -57.89
N ILE H 184 -31.95 -20.05 -56.75
CA ILE H 184 -33.10 -19.55 -56.00
C ILE H 184 -33.04 -18.03 -56.04
N THR H 185 -34.12 -17.43 -56.51
CA THR H 185 -34.20 -15.98 -56.55
C THR H 185 -34.41 -15.45 -55.14
N PRO H 186 -33.53 -14.62 -54.62
CA PRO H 186 -33.81 -13.92 -53.36
C PRO H 186 -34.72 -12.73 -53.60
N VAL H 187 -35.52 -12.40 -52.59
CA VAL H 187 -36.46 -11.28 -52.64
C VAL H 187 -36.23 -10.42 -51.40
N PHE H 188 -35.81 -9.18 -51.61
CA PHE H 188 -35.57 -8.28 -50.49
C PHE H 188 -36.87 -7.67 -49.98
N LYS H 189 -37.02 -7.59 -48.67
CA LYS H 189 -38.27 -7.20 -48.04
C LYS H 189 -37.98 -6.52 -46.71
N HIS H 190 -38.92 -5.70 -46.22
CA HIS H 190 -40.14 -5.28 -46.92
C HIS H 190 -40.02 -3.82 -47.34
N PHE H 191 -40.10 -3.57 -48.64
CA PHE H 191 -39.94 -2.20 -49.15
C PHE H 191 -41.15 -1.34 -48.77
N PRO H 192 -40.96 -0.11 -48.28
CA PRO H 192 -39.65 0.53 -48.13
C PRO H 192 -39.04 0.45 -46.72
N GLY H 193 -39.63 -0.33 -45.81
CA GLY H 193 -39.05 -0.54 -44.50
C GLY H 193 -39.86 0.15 -43.40
N HIS H 194 -39.25 0.20 -42.21
CA HIS H 194 -39.84 0.87 -41.06
C HIS H 194 -38.93 1.98 -40.52
N THR H 208 -44.91 4.01 -38.96
CA THR H 208 -43.68 4.17 -39.75
C THR H 208 -43.26 5.65 -39.75
N PRO H 209 -41.96 5.91 -39.66
CA PRO H 209 -41.47 7.28 -39.83
C PRO H 209 -41.65 7.75 -41.26
N ALA H 210 -41.50 9.05 -41.45
CA ALA H 210 -41.69 9.64 -42.77
C ALA H 210 -40.66 9.12 -43.77
N LEU H 211 -40.98 9.30 -45.06
CA LEU H 211 -40.08 8.83 -46.11
C LEU H 211 -38.68 9.42 -45.96
N ASP H 212 -38.60 10.69 -45.54
CA ASP H 212 -37.29 11.35 -45.35
C ASP H 212 -36.45 10.64 -44.30
N GLU H 213 -37.09 10.06 -43.28
CA GLU H 213 -36.36 9.25 -42.30
C GLU H 213 -36.00 7.89 -42.87
N LEU H 214 -36.85 7.32 -43.73
CA LEU H 214 -36.51 6.05 -44.37
C LEU H 214 -35.34 6.22 -45.33
N LYS H 215 -35.20 7.39 -45.96
CA LYS H 215 -34.17 7.60 -46.96
C LYS H 215 -32.76 7.68 -46.36
N THR H 216 -32.62 7.92 -45.06
CA THR H 216 -31.32 7.97 -44.40
C THR H 216 -31.08 6.76 -43.51
N TYR H 217 -31.87 5.71 -43.69
CA TYR H 217 -31.74 4.55 -42.81
C TYR H 217 -32.22 3.29 -43.51
N ASP H 218 -33.54 3.05 -43.45
CA ASP H 218 -34.11 1.79 -43.92
C ASP H 218 -33.89 1.57 -45.40
N LEU H 219 -33.89 2.63 -46.21
CA LEU H 219 -33.78 2.45 -47.66
C LEU H 219 -32.35 2.20 -48.14
N ILE H 220 -31.35 2.47 -47.30
CA ILE H 220 -29.95 2.34 -47.74
C ILE H 220 -29.60 0.94 -48.21
N PRO H 221 -29.98 -0.14 -47.51
CA PRO H 221 -29.56 -1.49 -47.97
C PRO H 221 -30.07 -1.88 -49.34
N TYR H 222 -31.22 -1.35 -49.79
CA TYR H 222 -31.70 -1.64 -51.13
C TYR H 222 -30.73 -1.14 -52.20
N GLY H 223 -29.89 -0.17 -51.87
CA GLY H 223 -28.93 0.34 -52.83
C GLY H 223 -27.92 -0.72 -53.21
N GLN H 224 -27.21 -1.24 -52.22
CA GLN H 224 -26.24 -2.31 -52.48
C GLN H 224 -26.93 -3.59 -52.93
N ALA H 225 -28.09 -3.90 -52.36
CA ALA H 225 -28.75 -5.16 -52.69
C ALA H 225 -29.17 -5.21 -54.15
N LEU H 226 -29.72 -4.11 -54.68
CA LEU H 226 -30.24 -4.12 -56.03
C LEU H 226 -29.19 -3.85 -57.09
N SER H 227 -27.99 -3.43 -56.71
CA SER H 227 -26.94 -3.18 -57.69
C SER H 227 -25.85 -4.26 -57.69
N GLU H 228 -25.85 -5.15 -56.70
CA GLU H 228 -24.87 -6.22 -56.67
C GLU H 228 -25.48 -7.61 -56.76
N THR H 229 -26.81 -7.73 -56.76
CA THR H 229 -27.46 -9.03 -56.83
C THR H 229 -28.57 -8.99 -57.88
N ASP H 230 -29.08 -10.18 -58.20
CA ASP H 230 -30.20 -10.35 -59.12
C ASP H 230 -31.53 -10.50 -58.38
N GLY H 231 -31.61 -10.00 -57.15
CA GLY H 231 -32.78 -10.23 -56.33
C GLY H 231 -33.96 -9.38 -56.75
N ALA H 232 -35.16 -9.89 -56.46
CA ALA H 232 -36.38 -9.12 -56.61
C ALA H 232 -36.67 -8.37 -55.32
N VAL H 233 -37.79 -7.66 -55.28
CA VAL H 233 -38.17 -6.85 -54.13
C VAL H 233 -39.61 -7.17 -53.76
N VAL H 235 -42.88 -5.52 -51.59
CA VAL H 235 -43.41 -4.32 -50.96
C VAL H 235 -44.34 -4.73 -49.81
N GLY H 236 -44.15 -4.10 -48.65
CA GLY H 236 -44.96 -4.38 -47.48
C GLY H 236 -46.16 -3.47 -47.35
N HIS H 237 -46.93 -3.70 -46.29
CA HIS H 237 -48.20 -3.03 -46.08
C HIS H 237 -48.09 -1.77 -45.22
N ILE H 239 -47.83 1.88 -43.69
CA ILE H 239 -48.24 3.20 -44.15
C ILE H 239 -47.09 4.17 -43.86
N VAL H 240 -46.61 4.84 -44.89
CA VAL H 240 -45.44 5.71 -44.81
C VAL H 240 -45.92 7.14 -45.06
N PRO H 241 -45.93 8.01 -44.05
CA PRO H 241 -46.23 9.42 -44.30
C PRO H 241 -45.18 10.01 -45.23
N GLY H 242 -45.65 10.79 -46.20
CA GLY H 242 -44.78 11.41 -47.19
C GLY H 242 -44.53 10.59 -48.43
N LEU H 243 -45.12 9.40 -48.54
CA LEU H 243 -45.01 8.55 -49.72
C LEU H 243 -46.41 8.24 -50.21
N GLY H 244 -46.82 8.88 -51.31
CA GLY H 244 -48.13 8.60 -51.87
C GLY H 244 -49.24 9.23 -51.05
N THR H 245 -50.37 8.53 -51.00
CA THR H 245 -51.57 9.06 -50.38
C THR H 245 -51.62 8.72 -48.90
N ASP H 246 -52.10 9.69 -48.10
CA ASP H 246 -52.21 9.52 -46.66
C ASP H 246 -53.08 8.31 -46.32
N GLY H 247 -52.60 7.51 -45.37
CA GLY H 247 -53.36 6.39 -44.86
C GLY H 247 -53.38 5.15 -45.72
N VAL H 248 -52.79 5.18 -46.91
CA VAL H 248 -52.83 4.05 -47.83
C VAL H 248 -51.62 3.16 -47.60
N PRO H 249 -51.82 1.87 -47.34
CA PRO H 249 -50.68 0.95 -47.23
C PRO H 249 -49.83 0.97 -48.50
N SER H 250 -48.51 0.82 -48.31
CA SER H 250 -47.57 0.98 -49.42
C SER H 250 -47.85 0.01 -50.57
N SER H 251 -48.30 -1.21 -50.25
CA SER H 251 -48.44 -2.25 -51.27
C SER H 251 -49.54 -1.95 -52.28
N ILE H 252 -50.41 -0.98 -52.02
CA ILE H 252 -51.45 -0.62 -52.98
C ILE H 252 -51.38 0.87 -53.29
N ASP H 253 -50.24 1.50 -52.97
CA ASP H 253 -50.05 2.90 -53.30
C ASP H 253 -49.11 3.00 -54.50
N PRO H 254 -49.59 3.56 -55.62
CA PRO H 254 -48.72 3.71 -56.81
C PRO H 254 -47.36 4.34 -56.53
N ALA H 255 -47.31 5.34 -55.65
CA ALA H 255 -46.05 6.05 -55.42
C ALA H 255 -44.97 5.14 -54.87
N THR H 256 -45.36 4.05 -54.18
CA THR H 256 -44.36 3.09 -53.72
C THR H 256 -43.69 2.39 -54.88
N TYR H 257 -44.50 1.84 -55.80
CA TYR H 257 -43.95 1.14 -56.95
C TYR H 257 -43.18 2.11 -57.85
N GLN H 258 -43.64 3.36 -57.95
CA GLN H 258 -42.91 4.37 -58.73
C GLN H 258 -41.57 4.71 -58.09
N LEU H 259 -41.50 4.71 -56.76
CA LEU H 259 -40.23 4.95 -56.07
C LEU H 259 -39.24 3.83 -56.38
N LEU H 260 -39.74 2.59 -56.46
CA LEU H 260 -38.89 1.45 -56.78
C LEU H 260 -38.41 1.52 -58.23
N ARG H 261 -39.29 1.91 -59.17
CA ARG H 261 -38.93 1.90 -60.58
C ARG H 261 -37.91 2.98 -60.90
N SER H 262 -38.05 4.16 -60.29
CA SER H 262 -37.18 5.29 -60.57
C SER H 262 -35.89 5.27 -59.77
N GLY H 263 -35.83 4.51 -58.67
CA GLY H 263 -34.66 4.56 -57.81
C GLY H 263 -34.42 5.92 -57.18
N ASP H 264 -35.46 6.76 -57.06
CA ASP H 264 -35.31 8.15 -56.65
C ASP H 264 -35.17 8.29 -55.14
N TYR H 265 -34.13 7.68 -54.60
CA TYR H 265 -33.81 7.77 -53.19
C TYR H 265 -32.31 7.59 -53.03
N PRO H 266 -31.72 8.09 -51.91
CA PRO H 266 -30.25 8.07 -51.78
C PRO H 266 -29.61 6.71 -52.01
N GLY H 267 -28.80 6.62 -53.06
CA GLY H 267 -28.14 5.39 -53.43
C GLY H 267 -28.98 4.42 -54.23
N GLY H 268 -30.24 4.74 -54.49
CA GLY H 268 -31.11 3.79 -55.17
C GLY H 268 -30.81 3.70 -56.65
N VAL H 269 -31.02 2.50 -57.19
CA VAL H 269 -30.86 2.26 -58.62
C VAL H 269 -32.21 1.85 -59.18
N PRO H 270 -32.55 2.28 -60.40
CA PRO H 270 -33.85 1.90 -60.98
C PRO H 270 -34.02 0.39 -61.02
N PHE H 271 -35.24 -0.06 -60.75
CA PHE H 271 -35.53 -1.49 -60.66
C PHE H 271 -36.63 -1.85 -61.66
N ASP H 272 -36.27 -2.66 -62.65
CA ASP H 272 -37.20 -3.10 -63.69
C ASP H 272 -37.62 -4.55 -63.49
N GLY H 273 -37.21 -5.19 -62.40
CA GLY H 273 -37.55 -6.56 -62.15
C GLY H 273 -38.94 -6.71 -61.56
N VAL H 274 -39.23 -7.96 -61.17
CA VAL H 274 -40.55 -8.30 -60.63
C VAL H 274 -40.68 -7.75 -59.21
N ILE H 275 -41.82 -7.15 -58.91
CA ILE H 275 -42.12 -6.64 -57.57
C ILE H 275 -43.25 -7.49 -57.00
N TYR H 276 -42.98 -8.13 -55.87
CA TYR H 276 -43.99 -8.89 -55.14
C TYR H 276 -44.69 -8.00 -54.12
N THR H 277 -45.93 -8.37 -53.77
CA THR H 277 -46.60 -7.84 -52.59
C THR H 277 -46.38 -8.79 -51.42
N ASP H 278 -46.44 -8.23 -50.21
CA ASP H 278 -46.59 -9.04 -49.02
C ASP H 278 -47.96 -9.74 -49.07
N ASP H 279 -48.16 -10.73 -48.22
CA ASP H 279 -49.41 -11.48 -48.19
C ASP H 279 -50.59 -10.52 -48.05
N LEU H 280 -51.36 -10.36 -49.13
CA LEU H 280 -52.47 -9.41 -49.13
C LEU H 280 -53.60 -9.80 -48.18
N SER H 281 -53.69 -11.07 -47.79
CA SER H 281 -54.74 -11.50 -46.86
C SER H 281 -54.53 -10.95 -45.46
N GLY H 282 -53.37 -10.36 -45.16
CA GLY H 282 -53.07 -9.90 -43.83
C GLY H 282 -53.06 -8.39 -43.67
N HIS H 290 -61.10 -3.86 -47.19
CA HIS H 290 -60.65 -4.46 -48.45
C HIS H 290 -60.92 -5.98 -48.48
N SER H 291 -61.57 -6.44 -49.55
CA SER H 291 -61.70 -7.85 -49.82
C SER H 291 -60.45 -8.35 -50.54
N PRO H 292 -60.17 -9.66 -50.49
CA PRO H 292 -58.92 -10.15 -51.10
C PRO H 292 -58.83 -9.86 -52.59
N ALA H 293 -59.91 -10.06 -53.34
CA ALA H 293 -59.87 -9.81 -54.77
C ALA H 293 -59.69 -8.34 -55.07
N GLU H 294 -60.29 -7.47 -54.24
CA GLU H 294 -60.08 -6.05 -54.44
C GLU H 294 -58.65 -5.66 -54.07
N ALA H 295 -58.09 -6.32 -53.04
CA ALA H 295 -56.70 -6.07 -52.66
C ALA H 295 -55.74 -6.53 -53.75
N VAL H 296 -56.04 -7.67 -54.39
CA VAL H 296 -55.21 -8.14 -55.49
C VAL H 296 -55.19 -7.12 -56.62
N LEU H 297 -56.37 -6.65 -57.05
CA LEU H 297 -56.43 -5.68 -58.13
C LEU H 297 -55.82 -4.34 -57.73
N ALA H 298 -56.07 -3.90 -56.49
CA ALA H 298 -55.51 -2.62 -56.05
C ALA H 298 -53.99 -2.63 -56.11
N SER H 299 -53.37 -3.76 -55.74
CA SER H 299 -51.93 -3.83 -55.77
C SER H 299 -51.39 -3.94 -57.19
N LEU H 300 -52.09 -4.69 -58.06
CA LEU H 300 -51.63 -4.80 -59.45
C LEU H 300 -51.71 -3.46 -60.16
N LYS H 301 -52.83 -2.74 -59.99
CA LYS H 301 -52.96 -1.40 -60.58
C LYS H 301 -51.88 -0.46 -60.07
N ALA H 302 -51.49 -0.60 -58.80
CA ALA H 302 -50.49 0.30 -58.23
C ALA H 302 -49.10 0.07 -58.80
N GLY H 303 -48.82 -1.12 -59.35
CA GLY H 303 -47.54 -1.39 -59.97
C GLY H 303 -46.89 -2.73 -59.69
N ALA H 304 -47.51 -3.56 -58.85
CA ALA H 304 -46.97 -4.88 -58.56
C ALA H 304 -47.03 -5.77 -59.79
N ASP H 305 -46.07 -6.70 -59.89
CA ASP H 305 -46.12 -7.73 -60.91
C ASP H 305 -46.58 -9.07 -60.37
N GLN H 306 -46.50 -9.30 -59.07
CA GLN H 306 -46.89 -10.57 -58.47
C GLN H 306 -47.69 -10.28 -57.21
N ALA H 307 -49.01 -10.49 -57.27
CA ALA H 307 -49.88 -10.28 -56.12
C ALA H 307 -49.96 -11.57 -55.31
N LEU H 308 -49.48 -11.51 -54.07
CA LEU H 308 -49.37 -12.67 -53.21
C LEU H 308 -50.45 -12.63 -52.14
N TRP H 309 -51.16 -13.75 -51.97
CA TRP H 309 -52.13 -13.86 -50.88
C TRP H 309 -52.46 -15.32 -50.70
N ILE H 310 -52.95 -15.67 -49.51
CA ILE H 310 -53.38 -17.03 -49.24
C ILE H 310 -54.85 -17.15 -49.66
N ASP H 311 -55.14 -18.16 -50.48
CA ASP H 311 -56.30 -18.10 -51.35
C ASP H 311 -57.62 -18.24 -50.59
N TYR H 312 -57.76 -19.32 -49.82
CA TYR H 312 -58.99 -19.76 -49.15
C TYR H 312 -60.13 -20.10 -50.11
N GLY H 313 -59.89 -20.08 -51.43
CA GLY H 313 -60.91 -20.41 -52.42
C GLY H 313 -61.34 -19.26 -53.31
N SER H 314 -60.92 -18.03 -53.02
CA SER H 314 -61.33 -16.85 -53.78
C SER H 314 -60.59 -16.67 -55.11
N LEU H 315 -59.84 -17.66 -55.57
CA LEU H 315 -58.93 -17.43 -56.71
C LEU H 315 -59.71 -17.08 -57.97
N GLY H 316 -60.66 -17.93 -58.35
CA GLY H 316 -61.44 -17.68 -59.55
C GLY H 316 -62.14 -16.33 -59.53
N SER H 317 -62.64 -15.92 -58.36
CA SER H 317 -63.27 -14.60 -58.23
C SER H 317 -62.26 -13.48 -58.47
N ALA H 318 -61.03 -13.64 -57.95
CA ALA H 318 -60.00 -12.63 -58.19
C ALA H 318 -59.69 -12.51 -59.68
N ILE H 319 -59.61 -13.64 -60.38
CA ILE H 319 -59.37 -13.59 -61.82
C ILE H 319 -60.50 -12.89 -62.54
N ASP H 320 -61.75 -13.22 -62.19
CA ASP H 320 -62.92 -12.54 -62.75
C ASP H 320 -62.81 -11.03 -62.60
N ARG H 321 -62.53 -10.56 -61.39
CA ARG H 321 -62.47 -9.13 -61.13
C ARG H 321 -61.34 -8.47 -61.92
N VAL H 322 -60.15 -9.08 -61.92
CA VAL H 322 -58.99 -8.47 -62.57
C VAL H 322 -59.13 -8.55 -64.08
N ASP H 323 -59.69 -9.64 -64.61
CA ASP H 323 -59.90 -9.72 -66.05
C ASP H 323 -60.91 -8.66 -66.50
N ALA H 324 -62.03 -8.54 -65.79
CA ALA H 324 -63.01 -7.52 -66.15
C ALA H 324 -62.47 -6.10 -66.00
N ALA H 325 -61.55 -5.88 -65.06
CA ALA H 325 -60.97 -4.55 -64.90
C ALA H 325 -60.08 -4.17 -66.10
N VAL H 326 -59.51 -5.17 -66.76
CA VAL H 326 -58.70 -4.92 -67.95
C VAL H 326 -59.59 -4.65 -69.16
N SER H 327 -60.74 -5.33 -69.22
CA SER H 327 -61.66 -5.11 -70.33
C SER H 327 -62.38 -3.78 -70.21
N SER H 328 -62.56 -3.26 -68.99
CA SER H 328 -63.21 -1.96 -68.80
C SER H 328 -62.24 -0.80 -68.91
N GLY H 329 -60.94 -1.05 -68.90
CA GLY H 329 -59.94 0.00 -68.85
C GLY H 329 -59.51 0.41 -67.46
N GLU H 330 -60.17 -0.11 -66.41
CA GLU H 330 -59.78 0.24 -65.05
C GLU H 330 -58.34 -0.17 -64.77
N TYR H 331 -57.95 -1.36 -65.25
CA TYR H 331 -56.58 -1.84 -65.18
C TYR H 331 -56.02 -1.79 -66.60
N PRO H 332 -55.24 -0.76 -66.95
CA PRO H 332 -54.83 -0.57 -68.35
C PRO H 332 -54.06 -1.77 -68.91
N GLN H 333 -54.43 -2.17 -70.12
CA GLN H 333 -53.88 -3.40 -70.70
C GLN H 333 -52.36 -3.35 -70.84
N GLU H 334 -51.81 -2.18 -71.18
CA GLU H 334 -50.36 -2.10 -71.38
C GLU H 334 -49.60 -2.31 -70.07
N GLN H 335 -50.12 -1.78 -68.95
CA GLN H 335 -49.46 -2.01 -67.67
C GLN H 335 -49.51 -3.49 -67.28
N LEU H 337 -49.85 -6.10 -69.30
CA LEU H 337 -48.98 -6.85 -70.21
C LEU H 337 -47.50 -6.58 -69.91
N ALA H 338 -47.16 -5.36 -69.47
CA ALA H 338 -45.79 -5.11 -69.05
C ALA H 338 -45.42 -6.01 -67.88
N SER H 339 -46.30 -6.09 -66.88
CA SER H 339 -46.06 -7.01 -65.77
C SER H 339 -46.03 -8.46 -66.25
N ALA H 340 -46.91 -8.83 -67.19
CA ALA H 340 -46.94 -10.21 -67.65
C ALA H 340 -45.64 -10.60 -68.34
N LEU H 341 -44.96 -9.64 -68.98
CA LEU H 341 -43.66 -9.90 -69.58
C LEU H 341 -42.61 -10.17 -68.49
N ARG H 342 -42.57 -9.32 -67.46
CA ARG H 342 -41.61 -9.52 -66.38
C ARG H 342 -41.75 -10.90 -65.76
N VAL H 343 -42.98 -11.40 -65.65
CA VAL H 343 -43.18 -12.74 -65.07
C VAL H 343 -42.61 -13.81 -66.00
N GLN H 344 -42.91 -13.71 -67.29
CA GLN H 344 -42.40 -14.69 -68.24
C GLN H 344 -40.87 -14.65 -68.32
N LEU H 345 -40.27 -13.47 -68.13
CA LEU H 345 -38.82 -13.38 -68.14
C LEU H 345 -38.18 -14.25 -67.05
N LEU H 346 -38.92 -14.52 -65.97
CA LEU H 346 -38.39 -15.38 -64.91
C LEU H 346 -38.04 -16.77 -65.41
N TYR H 347 -38.71 -17.24 -66.46
CA TYR H 347 -38.61 -18.62 -66.94
C TYR H 347 -37.74 -18.75 -68.18
N ILE H 348 -36.60 -18.06 -68.24
CA ILE H 348 -35.69 -18.17 -69.37
C ILE H 348 -34.25 -18.30 -68.88
#